data_1ZOK
# 
_entry.id   1ZOK 
# 
_audit_conform.dict_name       mmcif_pdbx.dic 
_audit_conform.dict_version    5.392 
_audit_conform.dict_location   http://mmcif.pdb.org/dictionaries/ascii/mmcif_pdbx.dic 
# 
loop_
_database_2.database_id 
_database_2.database_code 
_database_2.pdbx_database_accession 
_database_2.pdbx_DOI 
PDB   1ZOK         pdb_00001zok 10.2210/pdb1zok/pdb 
RCSB  RCSB032960   ?            ?                   
WWPDB D_1000032960 ?            ?                   
# 
loop_
_pdbx_audit_revision_history.ordinal 
_pdbx_audit_revision_history.data_content_type 
_pdbx_audit_revision_history.major_revision 
_pdbx_audit_revision_history.minor_revision 
_pdbx_audit_revision_history.revision_date 
1 'Structure model' 1 0 2005-06-07 
2 'Structure model' 1 1 2008-04-30 
3 'Structure model' 1 2 2011-07-13 
4 'Structure model' 1 3 2022-03-02 
5 'Structure model' 1 4 2024-05-22 
# 
_pdbx_audit_revision_details.ordinal             1 
_pdbx_audit_revision_details.revision_ordinal    1 
_pdbx_audit_revision_details.data_content_type   'Structure model' 
_pdbx_audit_revision_details.provider            repository 
_pdbx_audit_revision_details.type                'Initial release' 
_pdbx_audit_revision_details.description         ? 
_pdbx_audit_revision_details.details             ? 
# 
loop_
_pdbx_audit_revision_group.ordinal 
_pdbx_audit_revision_group.revision_ordinal 
_pdbx_audit_revision_group.data_content_type 
_pdbx_audit_revision_group.group 
1 2 'Structure model' 'Version format compliance' 
2 3 'Structure model' 'Version format compliance' 
3 4 'Structure model' 'Data collection'           
4 4 'Structure model' 'Database references'       
5 4 'Structure model' 'Derived calculations'      
6 5 'Structure model' 'Data collection'           
# 
loop_
_pdbx_audit_revision_category.ordinal 
_pdbx_audit_revision_category.revision_ordinal 
_pdbx_audit_revision_category.data_content_type 
_pdbx_audit_revision_category.category 
1 4 'Structure model' database_2            
2 4 'Structure model' pdbx_nmr_software     
3 4 'Structure model' pdbx_nmr_spectrometer 
4 4 'Structure model' pdbx_struct_assembly  
5 4 'Structure model' pdbx_struct_oper_list 
6 5 'Structure model' chem_comp_atom        
7 5 'Structure model' chem_comp_bond        
# 
loop_
_pdbx_audit_revision_item.ordinal 
_pdbx_audit_revision_item.revision_ordinal 
_pdbx_audit_revision_item.data_content_type 
_pdbx_audit_revision_item.item 
1 4 'Structure model' '_database_2.pdbx_DOI'                
2 4 'Structure model' '_database_2.pdbx_database_accession' 
3 4 'Structure model' '_pdbx_nmr_software.name'             
4 4 'Structure model' '_pdbx_nmr_spectrometer.model'        
# 
_pdbx_database_status.status_code                     REL 
_pdbx_database_status.entry_id                        1ZOK 
_pdbx_database_status.recvd_initial_deposition_date   2005-05-13 
_pdbx_database_status.deposit_site                    RCSB 
_pdbx_database_status.process_site                    RCSB 
_pdbx_database_status.status_code_sf                  ? 
_pdbx_database_status.status_code_mr                  ? 
_pdbx_database_status.SG_entry                        ? 
_pdbx_database_status.pdb_format_compatible           Y 
_pdbx_database_status.status_code_cs                  ? 
_pdbx_database_status.status_code_nmr_data            ? 
_pdbx_database_status.methods_development_category    ? 
# 
loop_
_audit_author.name 
_audit_author.pdbx_ordinal 
'Wang, L.'      1 
'Piserchio, A.' 2 
'Mierke, D.F.'  3 
# 
_citation.id                        primary 
_citation.title                     
;Structural Characterization of the Intermolecular Interactions of Synapse-associated Protein-97 with the NR2B Subunit of N-Methyl-D-aspartate Receptors.
;
_citation.journal_abbrev            J.Biol.Chem. 
_citation.journal_volume            280 
_citation.page_first                26992 
_citation.page_last                 26996 
_citation.year                      2005 
_citation.journal_id_ASTM           JBCHA3 
_citation.country                   US 
_citation.journal_id_ISSN           0021-9258 
_citation.journal_id_CSD            0071 
_citation.book_publisher            ? 
_citation.pdbx_database_id_PubMed   15929985 
_citation.pdbx_database_id_DOI      10.1074/jbc.M503555200 
# 
loop_
_citation_author.citation_id 
_citation_author.name 
_citation_author.ordinal 
_citation_author.identifier_ORCID 
primary 'Wang, L.'      1 ? 
primary 'Piserchio, A.' 2 ? 
primary 'Mierke, D.F.'  3 ? 
# 
_entity.id                         1 
_entity.type                       polymer 
_entity.src_method                 man 
_entity.pdbx_description           'Presynaptic protein SAP97' 
_entity.formula_weight             10089.323 
_entity.pdbx_number_of_molecules   1 
_entity.pdbx_ec                    ? 
_entity.pdbx_mutation              ? 
_entity.pdbx_fragment              'PDZ1 domain (residues 221-313)' 
_entity.details                    ? 
# 
_entity_name_com.entity_id   1 
_entity_name_com.name        'Synapse-associated protein 97, SAP-97, Discs, large homolog 1' 
# 
_entity_poly.entity_id                      1 
_entity_poly.type                           'polypeptide(L)' 
_entity_poly.nstd_linkage                   no 
_entity_poly.nstd_monomer                   no 
_entity_poly.pdbx_seq_one_letter_code       
;EYEEITLERGNSGLGFSIAGGTDNPHIGDDSSIFITKIITGGAAAQDGRLRVNDCILRVNEADVRDVTHSKAVEALKEAG
SIVRLYVKRRKAF
;
_entity_poly.pdbx_seq_one_letter_code_can   
;EYEEITLERGNSGLGFSIAGGTDNPHIGDDSSIFITKIITGGAAAQDGRLRVNDCILRVNEADVRDVTHSKAVEALKEAG
SIVRLYVKRRKAF
;
_entity_poly.pdbx_strand_id                 A 
_entity_poly.pdbx_target_identifier         ? 
# 
loop_
_entity_poly_seq.entity_id 
_entity_poly_seq.num 
_entity_poly_seq.mon_id 
_entity_poly_seq.hetero 
1 1  GLU n 
1 2  TYR n 
1 3  GLU n 
1 4  GLU n 
1 5  ILE n 
1 6  THR n 
1 7  LEU n 
1 8  GLU n 
1 9  ARG n 
1 10 GLY n 
1 11 ASN n 
1 12 SER n 
1 13 GLY n 
1 14 LEU n 
1 15 GLY n 
1 16 PHE n 
1 17 SER n 
1 18 ILE n 
1 19 ALA n 
1 20 GLY n 
1 21 GLY n 
1 22 THR n 
1 23 ASP n 
1 24 ASN n 
1 25 PRO n 
1 26 HIS n 
1 27 ILE n 
1 28 GLY n 
1 29 ASP n 
1 30 ASP n 
1 31 SER n 
1 32 SER n 
1 33 ILE n 
1 34 PHE n 
1 35 ILE n 
1 36 THR n 
1 37 LYS n 
1 38 ILE n 
1 39 ILE n 
1 40 THR n 
1 41 GLY n 
1 42 GLY n 
1 43 ALA n 
1 44 ALA n 
1 45 ALA n 
1 46 GLN n 
1 47 ASP n 
1 48 GLY n 
1 49 ARG n 
1 50 LEU n 
1 51 ARG n 
1 52 VAL n 
1 53 ASN n 
1 54 ASP n 
1 55 CYS n 
1 56 ILE n 
1 57 LEU n 
1 58 ARG n 
1 59 VAL n 
1 60 ASN n 
1 61 GLU n 
1 62 ALA n 
1 63 ASP n 
1 64 VAL n 
1 65 ARG n 
1 66 ASP n 
1 67 VAL n 
1 68 THR n 
1 69 HIS n 
1 70 SER n 
1 71 LYS n 
1 72 ALA n 
1 73 VAL n 
1 74 GLU n 
1 75 ALA n 
1 76 LEU n 
1 77 LYS n 
1 78 GLU n 
1 79 ALA n 
1 80 GLY n 
1 81 SER n 
1 82 ILE n 
1 83 VAL n 
1 84 ARG n 
1 85 LEU n 
1 86 TYR n 
1 87 VAL n 
1 88 LYS n 
1 89 ARG n 
1 90 ARG n 
1 91 LYS n 
1 92 ALA n 
1 93 PHE n 
# 
_entity_src_gen.entity_id                          1 
_entity_src_gen.pdbx_src_id                        1 
_entity_src_gen.pdbx_alt_source_flag               sample 
_entity_src_gen.pdbx_seq_type                      ? 
_entity_src_gen.pdbx_beg_seq_num                   ? 
_entity_src_gen.pdbx_end_seq_num                   ? 
_entity_src_gen.gene_src_common_name               'Norway rat' 
_entity_src_gen.gene_src_genus                     Rattus 
_entity_src_gen.pdbx_gene_src_gene                 ? 
_entity_src_gen.gene_src_species                   ? 
_entity_src_gen.gene_src_strain                    ? 
_entity_src_gen.gene_src_tissue                    ? 
_entity_src_gen.gene_src_tissue_fraction           ? 
_entity_src_gen.gene_src_details                   ? 
_entity_src_gen.pdbx_gene_src_fragment             ? 
_entity_src_gen.pdbx_gene_src_scientific_name      'Rattus norvegicus' 
_entity_src_gen.pdbx_gene_src_ncbi_taxonomy_id     10116 
_entity_src_gen.pdbx_gene_src_variant              ? 
_entity_src_gen.pdbx_gene_src_cell_line            ? 
_entity_src_gen.pdbx_gene_src_atcc                 ? 
_entity_src_gen.pdbx_gene_src_organ                ? 
_entity_src_gen.pdbx_gene_src_organelle            ? 
_entity_src_gen.pdbx_gene_src_cell                 ? 
_entity_src_gen.pdbx_gene_src_cellular_location    ? 
_entity_src_gen.host_org_common_name               ? 
_entity_src_gen.pdbx_host_org_scientific_name      'Escherichia coli' 
_entity_src_gen.pdbx_host_org_ncbi_taxonomy_id     562 
_entity_src_gen.host_org_genus                     Escherichia 
_entity_src_gen.pdbx_host_org_gene                 ? 
_entity_src_gen.pdbx_host_org_organ                ? 
_entity_src_gen.host_org_species                   ? 
_entity_src_gen.pdbx_host_org_tissue               ? 
_entity_src_gen.pdbx_host_org_tissue_fraction      ? 
_entity_src_gen.pdbx_host_org_strain               ? 
_entity_src_gen.pdbx_host_org_variant              ? 
_entity_src_gen.pdbx_host_org_cell_line            ? 
_entity_src_gen.pdbx_host_org_atcc                 ? 
_entity_src_gen.pdbx_host_org_culture_collection   ? 
_entity_src_gen.pdbx_host_org_cell                 ? 
_entity_src_gen.pdbx_host_org_organelle            ? 
_entity_src_gen.pdbx_host_org_cellular_location    ? 
_entity_src_gen.pdbx_host_org_vector_type          ? 
_entity_src_gen.pdbx_host_org_vector               ? 
_entity_src_gen.host_org_details                   ? 
_entity_src_gen.expression_system_id               ? 
_entity_src_gen.plasmid_name                       ? 
_entity_src_gen.plasmid_details                    ? 
_entity_src_gen.pdbx_description                   ? 
# 
loop_
_chem_comp.id 
_chem_comp.type 
_chem_comp.mon_nstd_flag 
_chem_comp.name 
_chem_comp.pdbx_synonyms 
_chem_comp.formula 
_chem_comp.formula_weight 
ALA 'L-peptide linking' y ALANINE         ? 'C3 H7 N O2'     89.093  
ARG 'L-peptide linking' y ARGININE        ? 'C6 H15 N4 O2 1' 175.209 
ASN 'L-peptide linking' y ASPARAGINE      ? 'C4 H8 N2 O3'    132.118 
ASP 'L-peptide linking' y 'ASPARTIC ACID' ? 'C4 H7 N O4'     133.103 
CYS 'L-peptide linking' y CYSTEINE        ? 'C3 H7 N O2 S'   121.158 
GLN 'L-peptide linking' y GLUTAMINE       ? 'C5 H10 N2 O3'   146.144 
GLU 'L-peptide linking' y 'GLUTAMIC ACID' ? 'C5 H9 N O4'     147.129 
GLY 'peptide linking'   y GLYCINE         ? 'C2 H5 N O2'     75.067  
HIS 'L-peptide linking' y HISTIDINE       ? 'C6 H10 N3 O2 1' 156.162 
ILE 'L-peptide linking' y ISOLEUCINE      ? 'C6 H13 N O2'    131.173 
LEU 'L-peptide linking' y LEUCINE         ? 'C6 H13 N O2'    131.173 
LYS 'L-peptide linking' y LYSINE          ? 'C6 H15 N2 O2 1' 147.195 
PHE 'L-peptide linking' y PHENYLALANINE   ? 'C9 H11 N O2'    165.189 
PRO 'L-peptide linking' y PROLINE         ? 'C5 H9 N O2'     115.130 
SER 'L-peptide linking' y SERINE          ? 'C3 H7 N O3'     105.093 
THR 'L-peptide linking' y THREONINE       ? 'C4 H9 N O3'     119.119 
TYR 'L-peptide linking' y TYROSINE        ? 'C9 H11 N O3'    181.189 
VAL 'L-peptide linking' y VALINE          ? 'C5 H11 N O2'    117.146 
# 
loop_
_pdbx_poly_seq_scheme.asym_id 
_pdbx_poly_seq_scheme.entity_id 
_pdbx_poly_seq_scheme.seq_id 
_pdbx_poly_seq_scheme.mon_id 
_pdbx_poly_seq_scheme.ndb_seq_num 
_pdbx_poly_seq_scheme.pdb_seq_num 
_pdbx_poly_seq_scheme.auth_seq_num 
_pdbx_poly_seq_scheme.pdb_mon_id 
_pdbx_poly_seq_scheme.auth_mon_id 
_pdbx_poly_seq_scheme.pdb_strand_id 
_pdbx_poly_seq_scheme.pdb_ins_code 
_pdbx_poly_seq_scheme.hetero 
A 1 1  GLU 1  221 221 GLU GLU A . n 
A 1 2  TYR 2  222 222 TYR TYR A . n 
A 1 3  GLU 3  223 223 GLU GLU A . n 
A 1 4  GLU 4  224 224 GLU GLU A . n 
A 1 5  ILE 5  225 225 ILE ILE A . n 
A 1 6  THR 6  226 226 THR THR A . n 
A 1 7  LEU 7  227 227 LEU LEU A . n 
A 1 8  GLU 8  228 228 GLU GLU A . n 
A 1 9  ARG 9  229 229 ARG ARG A . n 
A 1 10 GLY 10 230 230 GLY GLY A . n 
A 1 11 ASN 11 231 231 ASN ASN A . n 
A 1 12 SER 12 232 232 SER SER A . n 
A 1 13 GLY 13 233 233 GLY GLY A . n 
A 1 14 LEU 14 234 234 LEU LEU A . n 
A 1 15 GLY 15 235 235 GLY GLY A . n 
A 1 16 PHE 16 236 236 PHE PHE A . n 
A 1 17 SER 17 237 237 SER SER A . n 
A 1 18 ILE 18 238 238 ILE ILE A . n 
A 1 19 ALA 19 239 239 ALA ALA A . n 
A 1 20 GLY 20 240 240 GLY GLY A . n 
A 1 21 GLY 21 241 241 GLY GLY A . n 
A 1 22 THR 22 242 242 THR THR A . n 
A 1 23 ASP 23 243 243 ASP ASP A . n 
A 1 24 ASN 24 244 244 ASN ASN A . n 
A 1 25 PRO 25 245 245 PRO PRO A . n 
A 1 26 HIS 26 246 246 HIS HIS A . n 
A 1 27 ILE 27 247 247 ILE ILE A . n 
A 1 28 GLY 28 248 248 GLY GLY A . n 
A 1 29 ASP 29 249 249 ASP ASP A . n 
A 1 30 ASP 30 250 250 ASP ASP A . n 
A 1 31 SER 31 251 251 SER SER A . n 
A 1 32 SER 32 252 252 SER SER A . n 
A 1 33 ILE 33 253 253 ILE ILE A . n 
A 1 34 PHE 34 254 254 PHE PHE A . n 
A 1 35 ILE 35 255 255 ILE ILE A . n 
A 1 36 THR 36 256 256 THR THR A . n 
A 1 37 LYS 37 257 257 LYS LYS A . n 
A 1 38 ILE 38 258 258 ILE ILE A . n 
A 1 39 ILE 39 259 259 ILE ILE A . n 
A 1 40 THR 40 260 260 THR THR A . n 
A 1 41 GLY 41 261 261 GLY GLY A . n 
A 1 42 GLY 42 262 262 GLY GLY A . n 
A 1 43 ALA 43 263 263 ALA ALA A . n 
A 1 44 ALA 44 264 264 ALA ALA A . n 
A 1 45 ALA 45 265 265 ALA ALA A . n 
A 1 46 GLN 46 266 266 GLN GLN A . n 
A 1 47 ASP 47 267 267 ASP ASP A . n 
A 1 48 GLY 48 268 268 GLY GLY A . n 
A 1 49 ARG 49 269 269 ARG ARG A . n 
A 1 50 LEU 50 270 270 LEU LEU A . n 
A 1 51 ARG 51 271 271 ARG ARG A . n 
A 1 52 VAL 52 272 272 VAL VAL A . n 
A 1 53 ASN 53 273 273 ASN ASN A . n 
A 1 54 ASP 54 274 274 ASP ASP A . n 
A 1 55 CYS 55 275 275 CYS CYS A . n 
A 1 56 ILE 56 276 276 ILE ILE A . n 
A 1 57 LEU 57 277 277 LEU LEU A . n 
A 1 58 ARG 58 278 278 ARG ARG A . n 
A 1 59 VAL 59 279 279 VAL VAL A . n 
A 1 60 ASN 60 280 280 ASN ASN A . n 
A 1 61 GLU 61 281 281 GLU GLU A . n 
A 1 62 ALA 62 282 282 ALA ALA A . n 
A 1 63 ASP 63 283 283 ASP ASP A . n 
A 1 64 VAL 64 284 284 VAL VAL A . n 
A 1 65 ARG 65 285 285 ARG ARG A . n 
A 1 66 ASP 66 286 286 ASP ASP A . n 
A 1 67 VAL 67 287 287 VAL VAL A . n 
A 1 68 THR 68 288 288 THR THR A . n 
A 1 69 HIS 69 289 289 HIS HIS A . n 
A 1 70 SER 70 290 290 SER SER A . n 
A 1 71 LYS 71 291 291 LYS LYS A . n 
A 1 72 ALA 72 292 292 ALA ALA A . n 
A 1 73 VAL 73 293 293 VAL VAL A . n 
A 1 74 GLU 74 294 294 GLU GLU A . n 
A 1 75 ALA 75 295 295 ALA ALA A . n 
A 1 76 LEU 76 296 296 LEU LEU A . n 
A 1 77 LYS 77 297 297 LYS LYS A . n 
A 1 78 GLU 78 298 298 GLU GLU A . n 
A 1 79 ALA 79 299 299 ALA ALA A . n 
A 1 80 GLY 80 300 300 GLY GLY A . n 
A 1 81 SER 81 301 301 SER SER A . n 
A 1 82 ILE 82 302 302 ILE ILE A . n 
A 1 83 VAL 83 303 303 VAL VAL A . n 
A 1 84 ARG 84 304 304 ARG ARG A . n 
A 1 85 LEU 85 305 305 LEU LEU A . n 
A 1 86 TYR 86 306 306 TYR TYR A . n 
A 1 87 VAL 87 307 307 VAL VAL A . n 
A 1 88 LYS 88 308 308 LYS LYS A . n 
A 1 89 ARG 89 309 309 ARG ARG A . n 
A 1 90 ARG 90 310 310 ARG ARG A . n 
A 1 91 LYS 91 311 311 LYS LYS A . n 
A 1 92 ALA 92 312 312 ALA ALA A . n 
A 1 93 PHE 93 313 313 PHE PHE A . n 
# 
_exptl.entry_id          1ZOK 
_exptl.method            'SOLUTION NMR' 
_exptl.crystals_number   ? 
# 
_exptl_crystal.id                    1 
_exptl_crystal.density_meas          ? 
_exptl_crystal.density_percent_sol   ? 
_exptl_crystal.density_Matthews      ? 
_exptl_crystal.description           ? 
_exptl_crystal.F_000                 ? 
_exptl_crystal.preparation           ? 
# 
_diffrn.id                     1 
_diffrn.ambient_temp           ? 
_diffrn.ambient_temp_details   ? 
_diffrn.crystal_id             1 
# 
_diffrn_radiation.diffrn_id                        1 
_diffrn_radiation.wavelength_id                    1 
_diffrn_radiation.monochromator                    ? 
_diffrn_radiation.pdbx_monochromatic_or_laue_m_l   M 
_diffrn_radiation.pdbx_diffrn_protocol             'SINGLE WAVELENGTH' 
_diffrn_radiation.pdbx_scattering_type             ? 
# 
_diffrn_radiation_wavelength.id           1 
_diffrn_radiation_wavelength.wavelength   . 
_diffrn_radiation_wavelength.wt           1.0 
# 
_struct.entry_id                  1ZOK 
_struct.title                     'PDZ1 Domain Of Synapse Associated Protein 97' 
_struct.pdbx_model_details        ? 
_struct.pdbx_CASP_flag            ? 
_struct.pdbx_model_type_details   ? 
# 
_struct_keywords.entry_id        1ZOK 
_struct_keywords.pdbx_keywords   'MEMBRANE PROTEIN' 
_struct_keywords.text            'PDZ, PDZ1, SAP97, Synapse Associated Protein 97, Beta Strand, Helix, MEMBRANE PROTEIN' 
# 
_struct_asym.id                            A 
_struct_asym.pdbx_blank_PDB_chainid_flag   N 
_struct_asym.pdbx_modified                 N 
_struct_asym.entity_id                     1 
_struct_asym.details                       ? 
# 
_struct_ref.id                         1 
_struct_ref.db_name                    UNP 
_struct_ref.db_code                    DLG1_RAT 
_struct_ref.pdbx_db_accession          Q62696 
_struct_ref.entity_id                  1 
_struct_ref.pdbx_seq_one_letter_code   
;EYEEITLERGNSGLGFSIAGGTDNPHIGDDSSIFITKIITGGAAAQDGRLRVNDCILRVNEADVRDVTHSKAVEALKEAG
SIVRLYVKRRKAF
;
_struct_ref.pdbx_align_begin           221 
_struct_ref.pdbx_db_isoform            ? 
# 
_struct_ref_seq.align_id                      1 
_struct_ref_seq.ref_id                        1 
_struct_ref_seq.pdbx_PDB_id_code              1ZOK 
_struct_ref_seq.pdbx_strand_id                A 
_struct_ref_seq.seq_align_beg                 1 
_struct_ref_seq.pdbx_seq_align_beg_ins_code   ? 
_struct_ref_seq.seq_align_end                 93 
_struct_ref_seq.pdbx_seq_align_end_ins_code   ? 
_struct_ref_seq.pdbx_db_accession             Q62696 
_struct_ref_seq.db_align_beg                  221 
_struct_ref_seq.pdbx_db_align_beg_ins_code    ? 
_struct_ref_seq.db_align_end                  313 
_struct_ref_seq.pdbx_db_align_end_ins_code    ? 
_struct_ref_seq.pdbx_auth_seq_align_beg       221 
_struct_ref_seq.pdbx_auth_seq_align_end       313 
# 
_pdbx_struct_assembly.id                   1 
_pdbx_struct_assembly.details              author_defined_assembly 
_pdbx_struct_assembly.method_details       ? 
_pdbx_struct_assembly.oligomeric_details   monomeric 
_pdbx_struct_assembly.oligomeric_count     1 
# 
_pdbx_struct_assembly_gen.assembly_id       1 
_pdbx_struct_assembly_gen.oper_expression   1 
_pdbx_struct_assembly_gen.asym_id_list      A 
# 
_pdbx_struct_oper_list.id                   1 
_pdbx_struct_oper_list.type                 'identity operation' 
_pdbx_struct_oper_list.name                 1_555 
_pdbx_struct_oper_list.symmetry_operation   x,y,z 
_pdbx_struct_oper_list.matrix[1][1]         1.0000000000 
_pdbx_struct_oper_list.matrix[1][2]         0.0000000000 
_pdbx_struct_oper_list.matrix[1][3]         0.0000000000 
_pdbx_struct_oper_list.vector[1]            0.0000000000 
_pdbx_struct_oper_list.matrix[2][1]         0.0000000000 
_pdbx_struct_oper_list.matrix[2][2]         1.0000000000 
_pdbx_struct_oper_list.matrix[2][3]         0.0000000000 
_pdbx_struct_oper_list.vector[2]            0.0000000000 
_pdbx_struct_oper_list.matrix[3][1]         0.0000000000 
_pdbx_struct_oper_list.matrix[3][2]         0.0000000000 
_pdbx_struct_oper_list.matrix[3][3]         1.0000000000 
_pdbx_struct_oper_list.vector[3]            0.0000000000 
# 
_struct_biol.id   1 
# 
loop_
_struct_conf.conf_type_id 
_struct_conf.id 
_struct_conf.pdbx_PDB_helix_id 
_struct_conf.beg_label_comp_id 
_struct_conf.beg_label_asym_id 
_struct_conf.beg_label_seq_id 
_struct_conf.pdbx_beg_PDB_ins_code 
_struct_conf.end_label_comp_id 
_struct_conf.end_label_asym_id 
_struct_conf.end_label_seq_id 
_struct_conf.pdbx_end_PDB_ins_code 
_struct_conf.beg_auth_comp_id 
_struct_conf.beg_auth_asym_id 
_struct_conf.beg_auth_seq_id 
_struct_conf.end_auth_comp_id 
_struct_conf.end_auth_asym_id 
_struct_conf.end_auth_seq_id 
_struct_conf.pdbx_PDB_helix_class 
_struct_conf.details 
_struct_conf.pdbx_PDB_helix_length 
HELX_P HELX_P1 1 GLY A 42 ? GLY A 48 ? GLY A 262 GLY A 268 1 ? 7  
HELX_P HELX_P2 2 THR A 68 ? GLU A 78 ? THR A 288 GLU A 298 1 ? 11 
# 
_struct_conf_type.id          HELX_P 
_struct_conf_type.criteria    ? 
_struct_conf_type.reference   ? 
# 
loop_
_struct_sheet.id 
_struct_sheet.type 
_struct_sheet.number_strands 
_struct_sheet.details 
A ? 3 ? 
B ? 2 ? 
# 
loop_
_struct_sheet_order.sheet_id 
_struct_sheet_order.range_id_1 
_struct_sheet_order.range_id_2 
_struct_sheet_order.offset 
_struct_sheet_order.sense 
A 1 2 ? anti-parallel 
A 2 3 ? anti-parallel 
B 1 2 ? anti-parallel 
# 
loop_
_struct_sheet_range.sheet_id 
_struct_sheet_range.id 
_struct_sheet_range.beg_label_comp_id 
_struct_sheet_range.beg_label_asym_id 
_struct_sheet_range.beg_label_seq_id 
_struct_sheet_range.pdbx_beg_PDB_ins_code 
_struct_sheet_range.end_label_comp_id 
_struct_sheet_range.end_label_asym_id 
_struct_sheet_range.end_label_seq_id 
_struct_sheet_range.pdbx_end_PDB_ins_code 
_struct_sheet_range.beg_auth_comp_id 
_struct_sheet_range.beg_auth_asym_id 
_struct_sheet_range.beg_auth_seq_id 
_struct_sheet_range.end_auth_comp_id 
_struct_sheet_range.end_auth_asym_id 
_struct_sheet_range.end_auth_seq_id 
A 1 ILE A 5  ? LEU A 7  ? ILE A 225 LEU A 227 
A 2 VAL A 83 ? TYR A 86 ? VAL A 303 TYR A 306 
A 3 ARG A 58 ? VAL A 59 ? ARG A 278 VAL A 279 
B 1 PHE A 16 ? ALA A 19 ? PHE A 236 ALA A 239 
B 2 PHE A 34 ? ILE A 38 ? PHE A 254 ILE A 258 
# 
loop_
_pdbx_struct_sheet_hbond.sheet_id 
_pdbx_struct_sheet_hbond.range_id_1 
_pdbx_struct_sheet_hbond.range_id_2 
_pdbx_struct_sheet_hbond.range_1_label_atom_id 
_pdbx_struct_sheet_hbond.range_1_label_comp_id 
_pdbx_struct_sheet_hbond.range_1_label_asym_id 
_pdbx_struct_sheet_hbond.range_1_label_seq_id 
_pdbx_struct_sheet_hbond.range_1_PDB_ins_code 
_pdbx_struct_sheet_hbond.range_1_auth_atom_id 
_pdbx_struct_sheet_hbond.range_1_auth_comp_id 
_pdbx_struct_sheet_hbond.range_1_auth_asym_id 
_pdbx_struct_sheet_hbond.range_1_auth_seq_id 
_pdbx_struct_sheet_hbond.range_2_label_atom_id 
_pdbx_struct_sheet_hbond.range_2_label_comp_id 
_pdbx_struct_sheet_hbond.range_2_label_asym_id 
_pdbx_struct_sheet_hbond.range_2_label_seq_id 
_pdbx_struct_sheet_hbond.range_2_PDB_ins_code 
_pdbx_struct_sheet_hbond.range_2_auth_atom_id 
_pdbx_struct_sheet_hbond.range_2_auth_comp_id 
_pdbx_struct_sheet_hbond.range_2_auth_asym_id 
_pdbx_struct_sheet_hbond.range_2_auth_seq_id 
A 1 2 N LEU A 7  ? N LEU A 227 O VAL A 83 ? O VAL A 303 
A 2 3 O TYR A 86 ? O TYR A 306 N ARG A 58 ? N ARG A 278 
B 1 2 N SER A 17 ? N SER A 237 O LYS A 37 ? O LYS A 257 
# 
_pdbx_validate_close_contact.id               1 
_pdbx_validate_close_contact.PDB_model_num    1 
_pdbx_validate_close_contact.auth_atom_id_1   O 
_pdbx_validate_close_contact.auth_asym_id_1   A 
_pdbx_validate_close_contact.auth_comp_id_1   LEU 
_pdbx_validate_close_contact.auth_seq_id_1    227 
_pdbx_validate_close_contact.PDB_ins_code_1   ? 
_pdbx_validate_close_contact.label_alt_id_1   ? 
_pdbx_validate_close_contact.auth_atom_id_2   H 
_pdbx_validate_close_contact.auth_asym_id_2   A 
_pdbx_validate_close_contact.auth_comp_id_2   VAL 
_pdbx_validate_close_contact.auth_seq_id_2    303 
_pdbx_validate_close_contact.PDB_ins_code_2   ? 
_pdbx_validate_close_contact.label_alt_id_2   ? 
_pdbx_validate_close_contact.dist             1.53 
# 
loop_
_pdbx_validate_torsion.id 
_pdbx_validate_torsion.PDB_model_num 
_pdbx_validate_torsion.auth_comp_id 
_pdbx_validate_torsion.auth_asym_id 
_pdbx_validate_torsion.auth_seq_id 
_pdbx_validate_torsion.PDB_ins_code 
_pdbx_validate_torsion.label_alt_id 
_pdbx_validate_torsion.phi 
_pdbx_validate_torsion.psi 
1  1 ASN A 231 ? ? 179.75  -38.28  
2  1 SER A 232 ? ? -161.86 31.00   
3  1 ASP A 243 ? ? -154.12 13.52   
4  1 ARG A 269 ? ? 61.99   97.54   
5  1 ASN A 273 ? ? -151.76 17.98   
6  1 GLU A 281 ? ? 78.65   -2.14   
7  1 VAL A 284 ? ? -97.38  42.56   
8  1 ASP A 286 ? ? -119.86 61.54   
9  1 THR A 288 ? ? -103.82 -149.96 
10 1 SER A 301 ? ? -58.50  -87.10  
# 
_pdbx_nmr_ensemble.entry_id                                      1ZOK 
_pdbx_nmr_ensemble.conformers_calculated_total_number            ? 
_pdbx_nmr_ensemble.conformers_submitted_total_number             1 
_pdbx_nmr_ensemble.conformer_selection_criteria                  'structures with the least restraint violations' 
_pdbx_nmr_ensemble.average_constraints_per_residue               ? 
_pdbx_nmr_ensemble.average_constraint_violations_per_residue     ? 
_pdbx_nmr_ensemble.maximum_distance_constraint_violation         ? 
_pdbx_nmr_ensemble.average_distance_constraint_violation         ? 
_pdbx_nmr_ensemble.maximum_upper_distance_constraint_violation   ? 
_pdbx_nmr_ensemble.maximum_lower_distance_constraint_violation   ? 
_pdbx_nmr_ensemble.distance_constraint_violation_method          ? 
_pdbx_nmr_ensemble.maximum_torsion_angle_constraint_violation    ? 
_pdbx_nmr_ensemble.average_torsion_angle_constraint_violation    ? 
_pdbx_nmr_ensemble.torsion_angle_constraint_violation_method     ? 
# 
_pdbx_nmr_representative.entry_id             1ZOK 
_pdbx_nmr_representative.conformer_id         1 
_pdbx_nmr_representative.selection_criteria   'fewest violations' 
# 
_pdbx_nmr_sample_details.solution_id      1 
_pdbx_nmr_sample_details.contents         '1mM C13-N15 PDZ1 of SAP97 in 20mM phosphate buffer, 10% D2O, 90% H2O' 
_pdbx_nmr_sample_details.solvent_system   '10% D2O, 90% H2O' 
# 
_pdbx_nmr_exptl_sample_conditions.conditions_id       1 
_pdbx_nmr_exptl_sample_conditions.temperature         298 
_pdbx_nmr_exptl_sample_conditions.pressure            'Normal air pressure' 
_pdbx_nmr_exptl_sample_conditions.pH                  7.4 
_pdbx_nmr_exptl_sample_conditions.ionic_strength      'No salt' 
_pdbx_nmr_exptl_sample_conditions.pressure_units      . 
_pdbx_nmr_exptl_sample_conditions.temperature_units   K 
# 
_pdbx_nmr_exptl.experiment_id   1 
_pdbx_nmr_exptl.conditions_id   1 
_pdbx_nmr_exptl.type            3D_15N-separated_NOESY 
_pdbx_nmr_exptl.solution_id     1 
# 
_pdbx_nmr_refine.entry_id           1ZOK 
_pdbx_nmr_refine.method             'torsion angle dynamics' 
_pdbx_nmr_refine.details            ? 
_pdbx_nmr_refine.software_ordinal   1 
# 
loop_
_pdbx_nmr_software.classification 
_pdbx_nmr_software.name 
_pdbx_nmr_software.version 
_pdbx_nmr_software.authors 
_pdbx_nmr_software.ordinal 
'structure solution' CNS     1.1 
;A.T.Brunger, P.D.Adams, G.M.Clore, W.L.Delano, P.Gros, R.W.Grosse-Kunstleve, J.-S.Jiang, J.Kuszewski, M.Nilges, N.S.Pannu, R.J.Read, L.M.Rice, T.Simonson, G.L.Warren
;
1 
processing           NMRPipe 2.3 'F. Delaglio, S. Grzesiek, G. W. Vuister, G. Zhu, J. Pfeifer and A. Bax' 2 
collection           XwinNMR 3.0 'Bruker Biospin' 3 
refinement           CNS     1.1 ? 4 
# 
loop_
_chem_comp_atom.comp_id 
_chem_comp_atom.atom_id 
_chem_comp_atom.type_symbol 
_chem_comp_atom.pdbx_aromatic_flag 
_chem_comp_atom.pdbx_stereo_config 
_chem_comp_atom.pdbx_ordinal 
ALA N    N N N 1   
ALA CA   C N S 2   
ALA C    C N N 3   
ALA O    O N N 4   
ALA CB   C N N 5   
ALA OXT  O N N 6   
ALA H    H N N 7   
ALA H2   H N N 8   
ALA HA   H N N 9   
ALA HB1  H N N 10  
ALA HB2  H N N 11  
ALA HB3  H N N 12  
ALA HXT  H N N 13  
ARG N    N N N 14  
ARG CA   C N S 15  
ARG C    C N N 16  
ARG O    O N N 17  
ARG CB   C N N 18  
ARG CG   C N N 19  
ARG CD   C N N 20  
ARG NE   N N N 21  
ARG CZ   C N N 22  
ARG NH1  N N N 23  
ARG NH2  N N N 24  
ARG OXT  O N N 25  
ARG H    H N N 26  
ARG H2   H N N 27  
ARG HA   H N N 28  
ARG HB2  H N N 29  
ARG HB3  H N N 30  
ARG HG2  H N N 31  
ARG HG3  H N N 32  
ARG HD2  H N N 33  
ARG HD3  H N N 34  
ARG HE   H N N 35  
ARG HH11 H N N 36  
ARG HH12 H N N 37  
ARG HH21 H N N 38  
ARG HH22 H N N 39  
ARG HXT  H N N 40  
ASN N    N N N 41  
ASN CA   C N S 42  
ASN C    C N N 43  
ASN O    O N N 44  
ASN CB   C N N 45  
ASN CG   C N N 46  
ASN OD1  O N N 47  
ASN ND2  N N N 48  
ASN OXT  O N N 49  
ASN H    H N N 50  
ASN H2   H N N 51  
ASN HA   H N N 52  
ASN HB2  H N N 53  
ASN HB3  H N N 54  
ASN HD21 H N N 55  
ASN HD22 H N N 56  
ASN HXT  H N N 57  
ASP N    N N N 58  
ASP CA   C N S 59  
ASP C    C N N 60  
ASP O    O N N 61  
ASP CB   C N N 62  
ASP CG   C N N 63  
ASP OD1  O N N 64  
ASP OD2  O N N 65  
ASP OXT  O N N 66  
ASP H    H N N 67  
ASP H2   H N N 68  
ASP HA   H N N 69  
ASP HB2  H N N 70  
ASP HB3  H N N 71  
ASP HD2  H N N 72  
ASP HXT  H N N 73  
CYS N    N N N 74  
CYS CA   C N R 75  
CYS C    C N N 76  
CYS O    O N N 77  
CYS CB   C N N 78  
CYS SG   S N N 79  
CYS OXT  O N N 80  
CYS H    H N N 81  
CYS H2   H N N 82  
CYS HA   H N N 83  
CYS HB2  H N N 84  
CYS HB3  H N N 85  
CYS HG   H N N 86  
CYS HXT  H N N 87  
GLN N    N N N 88  
GLN CA   C N S 89  
GLN C    C N N 90  
GLN O    O N N 91  
GLN CB   C N N 92  
GLN CG   C N N 93  
GLN CD   C N N 94  
GLN OE1  O N N 95  
GLN NE2  N N N 96  
GLN OXT  O N N 97  
GLN H    H N N 98  
GLN H2   H N N 99  
GLN HA   H N N 100 
GLN HB2  H N N 101 
GLN HB3  H N N 102 
GLN HG2  H N N 103 
GLN HG3  H N N 104 
GLN HE21 H N N 105 
GLN HE22 H N N 106 
GLN HXT  H N N 107 
GLU N    N N N 108 
GLU CA   C N S 109 
GLU C    C N N 110 
GLU O    O N N 111 
GLU CB   C N N 112 
GLU CG   C N N 113 
GLU CD   C N N 114 
GLU OE1  O N N 115 
GLU OE2  O N N 116 
GLU OXT  O N N 117 
GLU H    H N N 118 
GLU H2   H N N 119 
GLU HA   H N N 120 
GLU HB2  H N N 121 
GLU HB3  H N N 122 
GLU HG2  H N N 123 
GLU HG3  H N N 124 
GLU HE2  H N N 125 
GLU HXT  H N N 126 
GLY N    N N N 127 
GLY CA   C N N 128 
GLY C    C N N 129 
GLY O    O N N 130 
GLY OXT  O N N 131 
GLY H    H N N 132 
GLY H2   H N N 133 
GLY HA2  H N N 134 
GLY HA3  H N N 135 
GLY HXT  H N N 136 
HIS N    N N N 137 
HIS CA   C N S 138 
HIS C    C N N 139 
HIS O    O N N 140 
HIS CB   C N N 141 
HIS CG   C Y N 142 
HIS ND1  N Y N 143 
HIS CD2  C Y N 144 
HIS CE1  C Y N 145 
HIS NE2  N Y N 146 
HIS OXT  O N N 147 
HIS H    H N N 148 
HIS H2   H N N 149 
HIS HA   H N N 150 
HIS HB2  H N N 151 
HIS HB3  H N N 152 
HIS HD1  H N N 153 
HIS HD2  H N N 154 
HIS HE1  H N N 155 
HIS HE2  H N N 156 
HIS HXT  H N N 157 
ILE N    N N N 158 
ILE CA   C N S 159 
ILE C    C N N 160 
ILE O    O N N 161 
ILE CB   C N S 162 
ILE CG1  C N N 163 
ILE CG2  C N N 164 
ILE CD1  C N N 165 
ILE OXT  O N N 166 
ILE H    H N N 167 
ILE H2   H N N 168 
ILE HA   H N N 169 
ILE HB   H N N 170 
ILE HG12 H N N 171 
ILE HG13 H N N 172 
ILE HG21 H N N 173 
ILE HG22 H N N 174 
ILE HG23 H N N 175 
ILE HD11 H N N 176 
ILE HD12 H N N 177 
ILE HD13 H N N 178 
ILE HXT  H N N 179 
LEU N    N N N 180 
LEU CA   C N S 181 
LEU C    C N N 182 
LEU O    O N N 183 
LEU CB   C N N 184 
LEU CG   C N N 185 
LEU CD1  C N N 186 
LEU CD2  C N N 187 
LEU OXT  O N N 188 
LEU H    H N N 189 
LEU H2   H N N 190 
LEU HA   H N N 191 
LEU HB2  H N N 192 
LEU HB3  H N N 193 
LEU HG   H N N 194 
LEU HD11 H N N 195 
LEU HD12 H N N 196 
LEU HD13 H N N 197 
LEU HD21 H N N 198 
LEU HD22 H N N 199 
LEU HD23 H N N 200 
LEU HXT  H N N 201 
LYS N    N N N 202 
LYS CA   C N S 203 
LYS C    C N N 204 
LYS O    O N N 205 
LYS CB   C N N 206 
LYS CG   C N N 207 
LYS CD   C N N 208 
LYS CE   C N N 209 
LYS NZ   N N N 210 
LYS OXT  O N N 211 
LYS H    H N N 212 
LYS H2   H N N 213 
LYS HA   H N N 214 
LYS HB2  H N N 215 
LYS HB3  H N N 216 
LYS HG2  H N N 217 
LYS HG3  H N N 218 
LYS HD2  H N N 219 
LYS HD3  H N N 220 
LYS HE2  H N N 221 
LYS HE3  H N N 222 
LYS HZ1  H N N 223 
LYS HZ2  H N N 224 
LYS HZ3  H N N 225 
LYS HXT  H N N 226 
PHE N    N N N 227 
PHE CA   C N S 228 
PHE C    C N N 229 
PHE O    O N N 230 
PHE CB   C N N 231 
PHE CG   C Y N 232 
PHE CD1  C Y N 233 
PHE CD2  C Y N 234 
PHE CE1  C Y N 235 
PHE CE2  C Y N 236 
PHE CZ   C Y N 237 
PHE OXT  O N N 238 
PHE H    H N N 239 
PHE H2   H N N 240 
PHE HA   H N N 241 
PHE HB2  H N N 242 
PHE HB3  H N N 243 
PHE HD1  H N N 244 
PHE HD2  H N N 245 
PHE HE1  H N N 246 
PHE HE2  H N N 247 
PHE HZ   H N N 248 
PHE HXT  H N N 249 
PRO N    N N N 250 
PRO CA   C N S 251 
PRO C    C N N 252 
PRO O    O N N 253 
PRO CB   C N N 254 
PRO CG   C N N 255 
PRO CD   C N N 256 
PRO OXT  O N N 257 
PRO H    H N N 258 
PRO HA   H N N 259 
PRO HB2  H N N 260 
PRO HB3  H N N 261 
PRO HG2  H N N 262 
PRO HG3  H N N 263 
PRO HD2  H N N 264 
PRO HD3  H N N 265 
PRO HXT  H N N 266 
SER N    N N N 267 
SER CA   C N S 268 
SER C    C N N 269 
SER O    O N N 270 
SER CB   C N N 271 
SER OG   O N N 272 
SER OXT  O N N 273 
SER H    H N N 274 
SER H2   H N N 275 
SER HA   H N N 276 
SER HB2  H N N 277 
SER HB3  H N N 278 
SER HG   H N N 279 
SER HXT  H N N 280 
THR N    N N N 281 
THR CA   C N S 282 
THR C    C N N 283 
THR O    O N N 284 
THR CB   C N R 285 
THR OG1  O N N 286 
THR CG2  C N N 287 
THR OXT  O N N 288 
THR H    H N N 289 
THR H2   H N N 290 
THR HA   H N N 291 
THR HB   H N N 292 
THR HG1  H N N 293 
THR HG21 H N N 294 
THR HG22 H N N 295 
THR HG23 H N N 296 
THR HXT  H N N 297 
TYR N    N N N 298 
TYR CA   C N S 299 
TYR C    C N N 300 
TYR O    O N N 301 
TYR CB   C N N 302 
TYR CG   C Y N 303 
TYR CD1  C Y N 304 
TYR CD2  C Y N 305 
TYR CE1  C Y N 306 
TYR CE2  C Y N 307 
TYR CZ   C Y N 308 
TYR OH   O N N 309 
TYR OXT  O N N 310 
TYR H    H N N 311 
TYR H2   H N N 312 
TYR HA   H N N 313 
TYR HB2  H N N 314 
TYR HB3  H N N 315 
TYR HD1  H N N 316 
TYR HD2  H N N 317 
TYR HE1  H N N 318 
TYR HE2  H N N 319 
TYR HH   H N N 320 
TYR HXT  H N N 321 
VAL N    N N N 322 
VAL CA   C N S 323 
VAL C    C N N 324 
VAL O    O N N 325 
VAL CB   C N N 326 
VAL CG1  C N N 327 
VAL CG2  C N N 328 
VAL OXT  O N N 329 
VAL H    H N N 330 
VAL H2   H N N 331 
VAL HA   H N N 332 
VAL HB   H N N 333 
VAL HG11 H N N 334 
VAL HG12 H N N 335 
VAL HG13 H N N 336 
VAL HG21 H N N 337 
VAL HG22 H N N 338 
VAL HG23 H N N 339 
VAL HXT  H N N 340 
# 
loop_
_chem_comp_bond.comp_id 
_chem_comp_bond.atom_id_1 
_chem_comp_bond.atom_id_2 
_chem_comp_bond.value_order 
_chem_comp_bond.pdbx_aromatic_flag 
_chem_comp_bond.pdbx_stereo_config 
_chem_comp_bond.pdbx_ordinal 
ALA N   CA   sing N N 1   
ALA N   H    sing N N 2   
ALA N   H2   sing N N 3   
ALA CA  C    sing N N 4   
ALA CA  CB   sing N N 5   
ALA CA  HA   sing N N 6   
ALA C   O    doub N N 7   
ALA C   OXT  sing N N 8   
ALA CB  HB1  sing N N 9   
ALA CB  HB2  sing N N 10  
ALA CB  HB3  sing N N 11  
ALA OXT HXT  sing N N 12  
ARG N   CA   sing N N 13  
ARG N   H    sing N N 14  
ARG N   H2   sing N N 15  
ARG CA  C    sing N N 16  
ARG CA  CB   sing N N 17  
ARG CA  HA   sing N N 18  
ARG C   O    doub N N 19  
ARG C   OXT  sing N N 20  
ARG CB  CG   sing N N 21  
ARG CB  HB2  sing N N 22  
ARG CB  HB3  sing N N 23  
ARG CG  CD   sing N N 24  
ARG CG  HG2  sing N N 25  
ARG CG  HG3  sing N N 26  
ARG CD  NE   sing N N 27  
ARG CD  HD2  sing N N 28  
ARG CD  HD3  sing N N 29  
ARG NE  CZ   sing N N 30  
ARG NE  HE   sing N N 31  
ARG CZ  NH1  sing N N 32  
ARG CZ  NH2  doub N N 33  
ARG NH1 HH11 sing N N 34  
ARG NH1 HH12 sing N N 35  
ARG NH2 HH21 sing N N 36  
ARG NH2 HH22 sing N N 37  
ARG OXT HXT  sing N N 38  
ASN N   CA   sing N N 39  
ASN N   H    sing N N 40  
ASN N   H2   sing N N 41  
ASN CA  C    sing N N 42  
ASN CA  CB   sing N N 43  
ASN CA  HA   sing N N 44  
ASN C   O    doub N N 45  
ASN C   OXT  sing N N 46  
ASN CB  CG   sing N N 47  
ASN CB  HB2  sing N N 48  
ASN CB  HB3  sing N N 49  
ASN CG  OD1  doub N N 50  
ASN CG  ND2  sing N N 51  
ASN ND2 HD21 sing N N 52  
ASN ND2 HD22 sing N N 53  
ASN OXT HXT  sing N N 54  
ASP N   CA   sing N N 55  
ASP N   H    sing N N 56  
ASP N   H2   sing N N 57  
ASP CA  C    sing N N 58  
ASP CA  CB   sing N N 59  
ASP CA  HA   sing N N 60  
ASP C   O    doub N N 61  
ASP C   OXT  sing N N 62  
ASP CB  CG   sing N N 63  
ASP CB  HB2  sing N N 64  
ASP CB  HB3  sing N N 65  
ASP CG  OD1  doub N N 66  
ASP CG  OD2  sing N N 67  
ASP OD2 HD2  sing N N 68  
ASP OXT HXT  sing N N 69  
CYS N   CA   sing N N 70  
CYS N   H    sing N N 71  
CYS N   H2   sing N N 72  
CYS CA  C    sing N N 73  
CYS CA  CB   sing N N 74  
CYS CA  HA   sing N N 75  
CYS C   O    doub N N 76  
CYS C   OXT  sing N N 77  
CYS CB  SG   sing N N 78  
CYS CB  HB2  sing N N 79  
CYS CB  HB3  sing N N 80  
CYS SG  HG   sing N N 81  
CYS OXT HXT  sing N N 82  
GLN N   CA   sing N N 83  
GLN N   H    sing N N 84  
GLN N   H2   sing N N 85  
GLN CA  C    sing N N 86  
GLN CA  CB   sing N N 87  
GLN CA  HA   sing N N 88  
GLN C   O    doub N N 89  
GLN C   OXT  sing N N 90  
GLN CB  CG   sing N N 91  
GLN CB  HB2  sing N N 92  
GLN CB  HB3  sing N N 93  
GLN CG  CD   sing N N 94  
GLN CG  HG2  sing N N 95  
GLN CG  HG3  sing N N 96  
GLN CD  OE1  doub N N 97  
GLN CD  NE2  sing N N 98  
GLN NE2 HE21 sing N N 99  
GLN NE2 HE22 sing N N 100 
GLN OXT HXT  sing N N 101 
GLU N   CA   sing N N 102 
GLU N   H    sing N N 103 
GLU N   H2   sing N N 104 
GLU CA  C    sing N N 105 
GLU CA  CB   sing N N 106 
GLU CA  HA   sing N N 107 
GLU C   O    doub N N 108 
GLU C   OXT  sing N N 109 
GLU CB  CG   sing N N 110 
GLU CB  HB2  sing N N 111 
GLU CB  HB3  sing N N 112 
GLU CG  CD   sing N N 113 
GLU CG  HG2  sing N N 114 
GLU CG  HG3  sing N N 115 
GLU CD  OE1  doub N N 116 
GLU CD  OE2  sing N N 117 
GLU OE2 HE2  sing N N 118 
GLU OXT HXT  sing N N 119 
GLY N   CA   sing N N 120 
GLY N   H    sing N N 121 
GLY N   H2   sing N N 122 
GLY CA  C    sing N N 123 
GLY CA  HA2  sing N N 124 
GLY CA  HA3  sing N N 125 
GLY C   O    doub N N 126 
GLY C   OXT  sing N N 127 
GLY OXT HXT  sing N N 128 
HIS N   CA   sing N N 129 
HIS N   H    sing N N 130 
HIS N   H2   sing N N 131 
HIS CA  C    sing N N 132 
HIS CA  CB   sing N N 133 
HIS CA  HA   sing N N 134 
HIS C   O    doub N N 135 
HIS C   OXT  sing N N 136 
HIS CB  CG   sing N N 137 
HIS CB  HB2  sing N N 138 
HIS CB  HB3  sing N N 139 
HIS CG  ND1  sing Y N 140 
HIS CG  CD2  doub Y N 141 
HIS ND1 CE1  doub Y N 142 
HIS ND1 HD1  sing N N 143 
HIS CD2 NE2  sing Y N 144 
HIS CD2 HD2  sing N N 145 
HIS CE1 NE2  sing Y N 146 
HIS CE1 HE1  sing N N 147 
HIS NE2 HE2  sing N N 148 
HIS OXT HXT  sing N N 149 
ILE N   CA   sing N N 150 
ILE N   H    sing N N 151 
ILE N   H2   sing N N 152 
ILE CA  C    sing N N 153 
ILE CA  CB   sing N N 154 
ILE CA  HA   sing N N 155 
ILE C   O    doub N N 156 
ILE C   OXT  sing N N 157 
ILE CB  CG1  sing N N 158 
ILE CB  CG2  sing N N 159 
ILE CB  HB   sing N N 160 
ILE CG1 CD1  sing N N 161 
ILE CG1 HG12 sing N N 162 
ILE CG1 HG13 sing N N 163 
ILE CG2 HG21 sing N N 164 
ILE CG2 HG22 sing N N 165 
ILE CG2 HG23 sing N N 166 
ILE CD1 HD11 sing N N 167 
ILE CD1 HD12 sing N N 168 
ILE CD1 HD13 sing N N 169 
ILE OXT HXT  sing N N 170 
LEU N   CA   sing N N 171 
LEU N   H    sing N N 172 
LEU N   H2   sing N N 173 
LEU CA  C    sing N N 174 
LEU CA  CB   sing N N 175 
LEU CA  HA   sing N N 176 
LEU C   O    doub N N 177 
LEU C   OXT  sing N N 178 
LEU CB  CG   sing N N 179 
LEU CB  HB2  sing N N 180 
LEU CB  HB3  sing N N 181 
LEU CG  CD1  sing N N 182 
LEU CG  CD2  sing N N 183 
LEU CG  HG   sing N N 184 
LEU CD1 HD11 sing N N 185 
LEU CD1 HD12 sing N N 186 
LEU CD1 HD13 sing N N 187 
LEU CD2 HD21 sing N N 188 
LEU CD2 HD22 sing N N 189 
LEU CD2 HD23 sing N N 190 
LEU OXT HXT  sing N N 191 
LYS N   CA   sing N N 192 
LYS N   H    sing N N 193 
LYS N   H2   sing N N 194 
LYS CA  C    sing N N 195 
LYS CA  CB   sing N N 196 
LYS CA  HA   sing N N 197 
LYS C   O    doub N N 198 
LYS C   OXT  sing N N 199 
LYS CB  CG   sing N N 200 
LYS CB  HB2  sing N N 201 
LYS CB  HB3  sing N N 202 
LYS CG  CD   sing N N 203 
LYS CG  HG2  sing N N 204 
LYS CG  HG3  sing N N 205 
LYS CD  CE   sing N N 206 
LYS CD  HD2  sing N N 207 
LYS CD  HD3  sing N N 208 
LYS CE  NZ   sing N N 209 
LYS CE  HE2  sing N N 210 
LYS CE  HE3  sing N N 211 
LYS NZ  HZ1  sing N N 212 
LYS NZ  HZ2  sing N N 213 
LYS NZ  HZ3  sing N N 214 
LYS OXT HXT  sing N N 215 
PHE N   CA   sing N N 216 
PHE N   H    sing N N 217 
PHE N   H2   sing N N 218 
PHE CA  C    sing N N 219 
PHE CA  CB   sing N N 220 
PHE CA  HA   sing N N 221 
PHE C   O    doub N N 222 
PHE C   OXT  sing N N 223 
PHE CB  CG   sing N N 224 
PHE CB  HB2  sing N N 225 
PHE CB  HB3  sing N N 226 
PHE CG  CD1  doub Y N 227 
PHE CG  CD2  sing Y N 228 
PHE CD1 CE1  sing Y N 229 
PHE CD1 HD1  sing N N 230 
PHE CD2 CE2  doub Y N 231 
PHE CD2 HD2  sing N N 232 
PHE CE1 CZ   doub Y N 233 
PHE CE1 HE1  sing N N 234 
PHE CE2 CZ   sing Y N 235 
PHE CE2 HE2  sing N N 236 
PHE CZ  HZ   sing N N 237 
PHE OXT HXT  sing N N 238 
PRO N   CA   sing N N 239 
PRO N   CD   sing N N 240 
PRO N   H    sing N N 241 
PRO CA  C    sing N N 242 
PRO CA  CB   sing N N 243 
PRO CA  HA   sing N N 244 
PRO C   O    doub N N 245 
PRO C   OXT  sing N N 246 
PRO CB  CG   sing N N 247 
PRO CB  HB2  sing N N 248 
PRO CB  HB3  sing N N 249 
PRO CG  CD   sing N N 250 
PRO CG  HG2  sing N N 251 
PRO CG  HG3  sing N N 252 
PRO CD  HD2  sing N N 253 
PRO CD  HD3  sing N N 254 
PRO OXT HXT  sing N N 255 
SER N   CA   sing N N 256 
SER N   H    sing N N 257 
SER N   H2   sing N N 258 
SER CA  C    sing N N 259 
SER CA  CB   sing N N 260 
SER CA  HA   sing N N 261 
SER C   O    doub N N 262 
SER C   OXT  sing N N 263 
SER CB  OG   sing N N 264 
SER CB  HB2  sing N N 265 
SER CB  HB3  sing N N 266 
SER OG  HG   sing N N 267 
SER OXT HXT  sing N N 268 
THR N   CA   sing N N 269 
THR N   H    sing N N 270 
THR N   H2   sing N N 271 
THR CA  C    sing N N 272 
THR CA  CB   sing N N 273 
THR CA  HA   sing N N 274 
THR C   O    doub N N 275 
THR C   OXT  sing N N 276 
THR CB  OG1  sing N N 277 
THR CB  CG2  sing N N 278 
THR CB  HB   sing N N 279 
THR OG1 HG1  sing N N 280 
THR CG2 HG21 sing N N 281 
THR CG2 HG22 sing N N 282 
THR CG2 HG23 sing N N 283 
THR OXT HXT  sing N N 284 
TYR N   CA   sing N N 285 
TYR N   H    sing N N 286 
TYR N   H2   sing N N 287 
TYR CA  C    sing N N 288 
TYR CA  CB   sing N N 289 
TYR CA  HA   sing N N 290 
TYR C   O    doub N N 291 
TYR C   OXT  sing N N 292 
TYR CB  CG   sing N N 293 
TYR CB  HB2  sing N N 294 
TYR CB  HB3  sing N N 295 
TYR CG  CD1  doub Y N 296 
TYR CG  CD2  sing Y N 297 
TYR CD1 CE1  sing Y N 298 
TYR CD1 HD1  sing N N 299 
TYR CD2 CE2  doub Y N 300 
TYR CD2 HD2  sing N N 301 
TYR CE1 CZ   doub Y N 302 
TYR CE1 HE1  sing N N 303 
TYR CE2 CZ   sing Y N 304 
TYR CE2 HE2  sing N N 305 
TYR CZ  OH   sing N N 306 
TYR OH  HH   sing N N 307 
TYR OXT HXT  sing N N 308 
VAL N   CA   sing N N 309 
VAL N   H    sing N N 310 
VAL N   H2   sing N N 311 
VAL CA  C    sing N N 312 
VAL CA  CB   sing N N 313 
VAL CA  HA   sing N N 314 
VAL C   O    doub N N 315 
VAL C   OXT  sing N N 316 
VAL CB  CG1  sing N N 317 
VAL CB  CG2  sing N N 318 
VAL CB  HB   sing N N 319 
VAL CG1 HG11 sing N N 320 
VAL CG1 HG12 sing N N 321 
VAL CG1 HG13 sing N N 322 
VAL CG2 HG21 sing N N 323 
VAL CG2 HG22 sing N N 324 
VAL CG2 HG23 sing N N 325 
VAL OXT HXT  sing N N 326 
# 
_pdbx_nmr_spectrometer.spectrometer_id   1 
_pdbx_nmr_spectrometer.model             AVANCE 
_pdbx_nmr_spectrometer.manufacturer      Bruker 
_pdbx_nmr_spectrometer.field_strength    600 
_pdbx_nmr_spectrometer.type              ? 
# 
_atom_sites.entry_id                    1ZOK 
_atom_sites.fract_transf_matrix[1][1]   1.000000 
_atom_sites.fract_transf_matrix[1][2]   0.000000 
_atom_sites.fract_transf_matrix[1][3]   0.000000 
_atom_sites.fract_transf_matrix[2][1]   0.000000 
_atom_sites.fract_transf_matrix[2][2]   1.000000 
_atom_sites.fract_transf_matrix[2][3]   0.000000 
_atom_sites.fract_transf_matrix[3][1]   0.000000 
_atom_sites.fract_transf_matrix[3][2]   0.000000 
_atom_sites.fract_transf_matrix[3][3]   1.000000 
_atom_sites.fract_transf_vector[1]      0.00000 
_atom_sites.fract_transf_vector[2]      0.00000 
_atom_sites.fract_transf_vector[3]      0.00000 
# 
loop_
_atom_type.symbol 
C 
H 
N 
O 
S 
# 
loop_
_atom_site.group_PDB 
_atom_site.id 
_atom_site.type_symbol 
_atom_site.label_atom_id 
_atom_site.label_alt_id 
_atom_site.label_comp_id 
_atom_site.label_asym_id 
_atom_site.label_entity_id 
_atom_site.label_seq_id 
_atom_site.pdbx_PDB_ins_code 
_atom_site.Cartn_x 
_atom_site.Cartn_y 
_atom_site.Cartn_z 
_atom_site.occupancy 
_atom_site.B_iso_or_equiv 
_atom_site.pdbx_formal_charge 
_atom_site.auth_seq_id 
_atom_site.auth_comp_id 
_atom_site.auth_asym_id 
_atom_site.auth_atom_id 
_atom_site.pdbx_PDB_model_num 
ATOM 1    N N    . GLU A 1 1  ? 2.677   -18.373 2.539   1.00 0.00 ? 221 GLU A N    1 
ATOM 2    C CA   . GLU A 1 1  ? 1.935   -18.096 1.281   1.00 0.00 ? 221 GLU A CA   1 
ATOM 3    C C    . GLU A 1 1  ? 2.005   -16.617 0.916   1.00 0.00 ? 221 GLU A C    1 
ATOM 4    O O    . GLU A 1 1  ? 1.685   -15.750 1.730   1.00 0.00 ? 221 GLU A O    1 
ATOM 5    C CB   . GLU A 1 1  ? 0.479   -18.525 1.469   1.00 0.00 ? 221 GLU A CB   1 
ATOM 6    C CG   . GLU A 1 1  ? 0.314   -20.010 1.744   1.00 0.00 ? 221 GLU A CG   1 
ATOM 7    C CD   . GLU A 1 1  ? -1.089  -20.505 1.454   1.00 0.00 ? 221 GLU A CD   1 
ATOM 8    O OE1  . GLU A 1 1  ? -1.378  -20.817 0.279   1.00 0.00 ? 221 GLU A OE1  1 
ATOM 9    O OE2  . GLU A 1 1  ? -1.900  -20.579 2.402   1.00 0.00 ? 221 GLU A OE2  1 
ATOM 10   H H1   . GLU A 1 1  ? 2.218   -17.838 3.304   1.00 0.00 ? 221 GLU A H1   1 
ATOM 11   H H2   . GLU A 1 1  ? 3.661   -18.065 2.401   1.00 0.00 ? 221 GLU A H2   1 
ATOM 12   H H3   . GLU A 1 1  ? 2.626   -19.396 2.718   1.00 0.00 ? 221 GLU A H3   1 
ATOM 13   H HA   . GLU A 1 1  ? 2.378   -18.676 0.485   1.00 0.00 ? 221 GLU A HA   1 
ATOM 14   H HB2  . GLU A 1 1  ? 0.058   -17.979 2.300   1.00 0.00 ? 221 GLU A HB2  1 
ATOM 15   H HB3  . GLU A 1 1  ? -0.074  -18.283 0.573   1.00 0.00 ? 221 GLU A HB3  1 
ATOM 16   H HG2  . GLU A 1 1  ? 1.007   -20.558 1.122   1.00 0.00 ? 221 GLU A HG2  1 
ATOM 17   H HG3  . GLU A 1 1  ? 0.540   -20.198 2.783   1.00 0.00 ? 221 GLU A HG3  1 
ATOM 18   N N    . TYR A 1 2  ? 2.422   -16.333 -0.315  1.00 0.00 ? 222 TYR A N    1 
ATOM 19   C CA   . TYR A 1 2  ? 2.533   -14.957 -0.786  1.00 0.00 ? 222 TYR A CA   1 
ATOM 20   C C    . TYR A 1 2  ? 1.825   -14.779 -2.125  1.00 0.00 ? 222 TYR A C    1 
ATOM 21   O O    . TYR A 1 2  ? 1.870   -15.659 -2.985  1.00 0.00 ? 222 TYR A O    1 
ATOM 22   C CB   . TYR A 1 2  ? 4.004   -14.557 -0.917  1.00 0.00 ? 222 TYR A CB   1 
ATOM 23   C CG   . TYR A 1 2  ? 4.834   -15.546 -1.708  1.00 0.00 ? 222 TYR A CG   1 
ATOM 24   C CD1  . TYR A 1 2  ? 4.678   -15.669 -3.083  1.00 0.00 ? 222 TYR A CD1  1 
ATOM 25   C CD2  . TYR A 1 2  ? 5.770   -16.355 -1.078  1.00 0.00 ? 222 TYR A CD2  1 
ATOM 26   C CE1  . TYR A 1 2  ? 5.433   -16.571 -3.808  1.00 0.00 ? 222 TYR A CE1  1 
ATOM 27   C CE2  . TYR A 1 2  ? 6.530   -17.259 -1.796  1.00 0.00 ? 222 TYR A CE2  1 
ATOM 28   C CZ   . TYR A 1 2  ? 6.357   -17.363 -3.160  1.00 0.00 ? 222 TYR A CZ   1 
ATOM 29   O OH   . TYR A 1 2  ? 7.112   -18.262 -3.879  1.00 0.00 ? 222 TYR A OH   1 
ATOM 30   H H    . TYR A 1 2  ? 2.663   -17.067 -0.919  1.00 0.00 ? 222 TYR A H    1 
ATOM 31   H HA   . TYR A 1 2  ? 2.060   -14.318 -0.057  1.00 0.00 ? 222 TYR A HA   1 
ATOM 32   H HB2  . TYR A 1 2  ? 4.068   -13.602 -1.415  1.00 0.00 ? 222 TYR A HB2  1 
ATOM 33   H HB3  . TYR A 1 2  ? 4.437   -14.474 0.069   1.00 0.00 ? 222 TYR A HB3  1 
ATOM 34   H HD1  . TYR A 1 2  ? 3.953   -15.048 -3.586  1.00 0.00 ? 222 TYR A HD1  1 
ATOM 35   H HD2  . TYR A 1 2  ? 5.902   -16.271 -0.010  1.00 0.00 ? 222 TYR A HD2  1 
ATOM 36   H HE1  . TYR A 1 2  ? 5.298   -16.652 -4.877  1.00 0.00 ? 222 TYR A HE1  1 
ATOM 37   H HE2  . TYR A 1 2  ? 7.254   -17.879 -1.289  1.00 0.00 ? 222 TYR A HE2  1 
ATOM 38   H HH   . TYR A 1 2  ? 8.038   -18.016 -3.827  1.00 0.00 ? 222 TYR A HH   1 
ATOM 39   N N    . GLU A 1 3  ? 1.173   -13.634 -2.294  1.00 0.00 ? 223 GLU A N    1 
ATOM 40   C CA   . GLU A 1 3  ? 0.456   -13.335 -3.528  1.00 0.00 ? 223 GLU A CA   1 
ATOM 41   C C    . GLU A 1 3  ? 0.622   -11.869 -3.917  1.00 0.00 ? 223 GLU A C    1 
ATOM 42   O O    . GLU A 1 3  ? 0.201   -10.972 -3.187  1.00 0.00 ? 223 GLU A O    1 
ATOM 43   C CB   . GLU A 1 3  ? -1.030  -13.667 -3.370  1.00 0.00 ? 223 GLU A CB   1 
ATOM 44   C CG   . GLU A 1 3  ? -1.843  -13.436 -4.633  1.00 0.00 ? 223 GLU A CG   1 
ATOM 45   C CD   . GLU A 1 3  ? -3.134  -14.229 -4.649  1.00 0.00 ? 223 GLU A CD   1 
ATOM 46   O OE1  . GLU A 1 3  ? -3.589  -14.645 -3.562  1.00 0.00 ? 223 GLU A OE1  1 
ATOM 47   O OE2  . GLU A 1 3  ? -3.689  -14.438 -5.747  1.00 0.00 ? 223 GLU A OE2  1 
ATOM 48   H H    . GLU A 1 3  ? 1.177   -12.973 -1.571  1.00 0.00 ? 223 GLU A H    1 
ATOM 49   H HA   . GLU A 1 3  ? 0.871   -13.953 -4.311  1.00 0.00 ? 223 GLU A HA   1 
ATOM 50   H HB2  . GLU A 1 3  ? -1.127  -14.707 -3.091  1.00 0.00 ? 223 GLU A HB2  1 
ATOM 51   H HB3  . GLU A 1 3  ? -1.442  -13.053 -2.583  1.00 0.00 ? 223 GLU A HB3  1 
ATOM 52   H HG2  . GLU A 1 3  ? -2.085  -12.385 -4.702  1.00 0.00 ? 223 GLU A HG2  1 
ATOM 53   H HG3  . GLU A 1 3  ? -1.248  -13.724 -5.487  1.00 0.00 ? 223 GLU A HG3  1 
ATOM 54   N N    . GLU A 1 4  ? 1.245   -11.634 -5.067  1.00 0.00 ? 224 GLU A N    1 
ATOM 55   C CA   . GLU A 1 4  ? 1.482   -10.313 -5.567  1.00 0.00 ? 224 GLU A CA   1 
ATOM 56   C C    . GLU A 1 4  ? 0.314   -9.831  -6.411  1.00 0.00 ? 224 GLU A C    1 
ATOM 57   O O    . GLU A 1 4  ? -0.272  -10.587 -7.186  1.00 0.00 ? 224 GLU A O    1 
ATOM 58   C CB   . GLU A 1 4  ? 2.711   -10.343 -6.406  1.00 0.00 ? 224 GLU A CB   1 
ATOM 59   C CG   . GLU A 1 4  ? 3.409   -9.001  -6.549  1.00 0.00 ? 224 GLU A CG   1 
ATOM 60   C CD   . GLU A 1 4  ? 4.491   -9.018  -7.613  1.00 0.00 ? 224 GLU A CD   1 
ATOM 61   O OE1  . GLU A 1 4  ? 4.442   -9.902  -8.495  1.00 0.00 ? 224 GLU A OE1  1 
ATOM 62   O OE2  . GLU A 1 4  ? 5.384   -8.147  -7.565  1.00 0.00 ? 224 GLU A OE2  1 
ATOM 63   H H    . GLU A 1 4  ? 1.572   -12.377 -5.615  1.00 0.00 ? 224 GLU A H    1 
ATOM 64   H HA   . GLU A 1 4  ? 1.631   -9.646  -4.731  1.00 0.00 ? 224 GLU A HA   1 
ATOM 65   H HB2  . GLU A 1 4  ? 3.401   -11.060 -5.989  1.00 0.00 ? 224 GLU A HB2  1 
ATOM 66   H HB3  . GLU A 1 4  ? 2.398   -10.675 -7.360  1.00 0.00 ? 224 GLU A HB3  1 
ATOM 67   H HG2  . GLU A 1 4  ? 2.676   -8.255  -6.815  1.00 0.00 ? 224 GLU A HG2  1 
ATOM 68   H HG3  . GLU A 1 4  ? 3.861   -8.742  -5.604  1.00 0.00 ? 224 GLU A HG3  1 
ATOM 69   N N    . ILE A 1 5  ? -0.011  -8.578  -6.238  1.00 0.00 ? 225 ILE A N    1 
ATOM 70   C CA   . ILE A 1 5  ? -1.110  -7.950  -6.962  1.00 0.00 ? 225 ILE A CA   1 
ATOM 71   C C    . ILE A 1 5  ? -0.622  -6.765  -7.793  1.00 0.00 ? 225 ILE A C    1 
ATOM 72   O O    . ILE A 1 5  ? -0.177  -5.754  -7.250  1.00 0.00 ? 225 ILE A O    1 
ATOM 73   C CB   . ILE A 1 5  ? -2.211  -7.476  -5.991  1.00 0.00 ? 225 ILE A CB   1 
ATOM 74   C CG1  . ILE A 1 5  ? -3.355  -6.821  -6.762  1.00 0.00 ? 225 ILE A CG1  1 
ATOM 75   C CG2  . ILE A 1 5  ? -1.635  -6.508  -4.968  1.00 0.00 ? 225 ILE A CG2  1 
ATOM 76   C CD1  . ILE A 1 5  ? -4.721  -7.101  -6.170  1.00 0.00 ? 225 ILE A CD1  1 
ATOM 77   H H    . ILE A 1 5  ? 0.516   -8.054  -5.618  1.00 0.00 ? 225 ILE A H    1 
ATOM 78   H HA   . ILE A 1 5  ? -1.538  -8.689  -7.624  1.00 0.00 ? 225 ILE A HA   1 
ATOM 79   H HB   . ILE A 1 5  ? -2.587  -8.337  -5.462  1.00 0.00 ? 225 ILE A HB   1 
ATOM 80   H HG12 . ILE A 1 5  ? -3.210  -5.754  -6.767  1.00 0.00 ? 225 ILE A HG12 1 
ATOM 81   H HG13 . ILE A 1 5  ? -3.353  -7.188  -7.778  1.00 0.00 ? 225 ILE A HG13 1 
ATOM 82   H HG21 . ILE A 1 5  ? -1.465  -5.550  -5.435  1.00 0.00 ? 225 ILE A HG21 1 
ATOM 83   H HG22 . ILE A 1 5  ? -0.700  -6.896  -4.591  1.00 0.00 ? 225 ILE A HG22 1 
ATOM 84   H HG23 . ILE A 1 5  ? -2.331  -6.392  -4.152  1.00 0.00 ? 225 ILE A HG23 1 
ATOM 85   H HD11 . ILE A 1 5  ? -5.416  -7.335  -6.961  1.00 0.00 ? 225 ILE A HD11 1 
ATOM 86   H HD12 . ILE A 1 5  ? -5.066  -6.228  -5.633  1.00 0.00 ? 225 ILE A HD12 1 
ATOM 87   H HD13 . ILE A 1 5  ? -4.654  -7.938  -5.490  1.00 0.00 ? 225 ILE A HD13 1 
ATOM 88   N N    . THR A 1 6  ? -0.709  -6.900  -9.114  1.00 0.00 ? 226 THR A N    1 
ATOM 89   C CA   . THR A 1 6  ? -0.281  -5.851  -10.029 1.00 0.00 ? 226 THR A CA   1 
ATOM 90   C C    . THR A 1 6  ? -1.488  -5.106  -10.595 1.00 0.00 ? 226 THR A C    1 
ATOM 91   O O    . THR A 1 6  ? -2.143  -5.582  -11.523 1.00 0.00 ? 226 THR A O    1 
ATOM 92   C CB   . THR A 1 6  ? 0.543   -6.479  -11.155 1.00 0.00 ? 226 THR A CB   1 
ATOM 93   O OG1  . THR A 1 6  ? 1.855   -6.773  -10.710 1.00 0.00 ? 226 THR A OG1  1 
ATOM 94   C CG2  . THR A 1 6  ? 0.664   -5.614  -12.394 1.00 0.00 ? 226 THR A CG2  1 
ATOM 95   H H    . THR A 1 6  ? -1.068  -7.731  -9.488  1.00 0.00 ? 226 THR A H    1 
ATOM 96   H HA   . THR A 1 6  ? 0.336   -5.156  -9.481  1.00 0.00 ? 226 THR A HA   1 
ATOM 97   H HB   . THR A 1 6  ? 0.069   -7.409  -11.441 1.00 0.00 ? 226 THR A HB   1 
ATOM 98   H HG1  . THR A 1 6  ? 2.274   -7.377  -11.327 1.00 0.00 ? 226 THR A HG1  1 
ATOM 99   H HG21 . THR A 1 6  ? 0.128   -6.078  -13.210 1.00 0.00 ? 226 THR A HG21 1 
ATOM 100  H HG22 . THR A 1 6  ? 1.706   -5.510  -12.660 1.00 0.00 ? 226 THR A HG22 1 
ATOM 101  H HG23 . THR A 1 6  ? 0.244   -4.641  -12.196 1.00 0.00 ? 226 THR A HG23 1 
ATOM 102  N N    . LEU A 1 7  ? -1.788  -3.946  -10.019 1.00 0.00 ? 227 LEU A N    1 
ATOM 103  C CA   . LEU A 1 7  ? -2.903  -3.151  -10.435 1.00 0.00 ? 227 LEU A CA   1 
ATOM 104  C C    . LEU A 1 7  ? -2.456  -1.907  -11.173 1.00 0.00 ? 227 LEU A C    1 
ATOM 105  O O    . LEU A 1 7  ? -1.314  -1.470  -11.072 1.00 0.00 ? 227 LEU A O    1 
ATOM 106  C CB   . LEU A 1 7  ? -3.664  -2.740  -9.215  1.00 0.00 ? 227 LEU A CB   1 
ATOM 107  C CG   . LEU A 1 7  ? -4.167  -3.882  -8.333  1.00 0.00 ? 227 LEU A CG   1 
ATOM 108  C CD1  . LEU A 1 7  ? -4.188  -3.461  -6.873  1.00 0.00 ? 227 LEU A CD1  1 
ATOM 109  C CD2  . LEU A 1 7  ? -5.550  -4.328  -8.782  1.00 0.00 ? 227 LEU A CD2  1 
ATOM 110  H H    . LEU A 1 7  ? -1.255  -3.614  -9.275  1.00 0.00 ? 227 LEU A H    1 
ATOM 111  H HA   . LEU A 1 7  ? -3.540  -3.739  -11.075 1.00 0.00 ? 227 LEU A HA   1 
ATOM 112  H HB2  . LEU A 1 7  ? -3.008  -2.122  -8.643  1.00 0.00 ? 227 LEU A HB2  1 
ATOM 113  H HB3  . LEU A 1 7  ? -4.493  -2.155  -9.524  1.00 0.00 ? 227 LEU A HB3  1 
ATOM 114  H HG   . LEU A 1 7  ? -3.496  -4.723  -8.428  1.00 0.00 ? 227 LEU A HG   1 
ATOM 115  H HD11 . LEU A 1 7  ? -4.348  -2.394  -6.808  1.00 0.00 ? 227 LEU A HD11 1 
ATOM 116  H HD12 . LEU A 1 7  ? -3.243  -3.710  -6.412  1.00 0.00 ? 227 LEU A HD12 1 
ATOM 117  H HD13 . LEU A 1 7  ? -4.986  -3.976  -6.360  1.00 0.00 ? 227 LEU A HD13 1 
ATOM 118  H HD21 . LEU A 1 7  ? -5.606  -4.298  -9.860  1.00 0.00 ? 227 LEU A HD21 1 
ATOM 119  H HD22 . LEU A 1 7  ? -6.294  -3.667  -8.365  1.00 0.00 ? 227 LEU A HD22 1 
ATOM 120  H HD23 . LEU A 1 7  ? -5.731  -5.337  -8.440  1.00 0.00 ? 227 LEU A HD23 1 
ATOM 121  N N    . GLU A 1 8  ? -3.384  -1.357  -11.916 1.00 0.00 ? 228 GLU A N    1 
ATOM 122  C CA   . GLU A 1 8  ? -3.173  -0.179  -12.700 1.00 0.00 ? 228 GLU A CA   1 
ATOM 123  C C    . GLU A 1 8  ? -3.303  1.095   -11.906 1.00 0.00 ? 228 GLU A C    1 
ATOM 124  O O    . GLU A 1 8  ? -3.894  1.145   -10.829 1.00 0.00 ? 228 GLU A O    1 
ATOM 125  C CB   . GLU A 1 8  ? -4.148  -0.155  -13.837 1.00 0.00 ? 228 GLU A CB   1 
ATOM 126  C CG   . GLU A 1 8  ? -5.565  0.210   -13.436 1.00 0.00 ? 228 GLU A CG   1 
ATOM 127  C CD   . GLU A 1 8  ? -6.491  0.359   -14.628 1.00 0.00 ? 228 GLU A CD   1 
ATOM 128  O OE1  . GLU A 1 8  ? -6.993  -0.672  -15.123 1.00 0.00 ? 228 GLU A OE1  1 
ATOM 129  O OE2  . GLU A 1 8  ? -6.713  1.507   -15.068 1.00 0.00 ? 228 GLU A OE2  1 
ATOM 130  H H    . GLU A 1 8  ? -4.259  -1.769  -11.947 1.00 0.00 ? 228 GLU A H    1 
ATOM 131  H HA   . GLU A 1 8  ? -2.175  -0.229  -13.107 1.00 0.00 ? 228 GLU A HA   1 
ATOM 132  H HB2  . GLU A 1 8  ? -3.808  0.544   -14.564 1.00 0.00 ? 228 GLU A HB2  1 
ATOM 133  H HB3  . GLU A 1 8  ? -4.152  -1.118  -14.259 1.00 0.00 ? 228 GLU A HB3  1 
ATOM 134  H HG2  . GLU A 1 8  ? -5.957  -0.564  -12.790 1.00 0.00 ? 228 GLU A HG2  1 
ATOM 135  H HG3  . GLU A 1 8  ? -5.537  1.148   -12.900 1.00 0.00 ? 228 GLU A HG3  1 
ATOM 136  N N    . ARG A 1 9  ? -2.740  2.116   -12.493 1.00 0.00 ? 229 ARG A N    1 
ATOM 137  C CA   . ARG A 1 9  ? -2.742  3.444   -11.943 1.00 0.00 ? 229 ARG A CA   1 
ATOM 138  C C    . ARG A 1 9  ? -4.138  4.045   -11.980 1.00 0.00 ? 229 ARG A C    1 
ATOM 139  O O    . ARG A 1 9  ? -5.041  3.522   -12.633 1.00 0.00 ? 229 ARG A O    1 
ATOM 140  C CB   . ARG A 1 9  ? -1.806  4.285   -12.768 1.00 0.00 ? 229 ARG A CB   1 
ATOM 141  C CG   . ARG A 1 9  ? -1.533  5.669   -12.199 1.00 0.00 ? 229 ARG A CG   1 
ATOM 142  C CD   . ARG A 1 9  ? -0.241  6.253   -12.743 1.00 0.00 ? 229 ARG A CD   1 
ATOM 143  N NE   . ARG A 1 9  ? -0.385  7.663   -13.097 1.00 0.00 ? 229 ARG A NE   1 
ATOM 144  C CZ   . ARG A 1 9  ? -0.933  8.090   -14.233 1.00 0.00 ? 229 ARG A CZ   1 
ATOM 145  N NH1  . ARG A 1 9  ? -1.390  7.221   -15.127 1.00 0.00 ? 229 ARG A NH1  1 
ATOM 146  N NH2  . ARG A 1 9  ? -1.027  9.390   -14.476 1.00 0.00 ? 229 ARG A NH2  1 
ATOM 147  H H    . ARG A 1 9  ? -2.314  1.974   -13.365 1.00 0.00 ? 229 ARG A H    1 
ATOM 148  H HA   . ARG A 1 9  ? -2.388  3.400   -10.924 1.00 0.00 ? 229 ARG A HA   1 
ATOM 149  H HB2  . ARG A 1 9  ? -0.874  3.759   -12.867 1.00 0.00 ? 229 ARG A HB2  1 
ATOM 150  H HB3  . ARG A 1 9  ? -2.244  4.390   -13.738 1.00 0.00 ? 229 ARG A HB3  1 
ATOM 151  H HG2  . ARG A 1 9  ? -2.351  6.323   -12.463 1.00 0.00 ? 229 ARG A HG2  1 
ATOM 152  H HG3  . ARG A 1 9  ? -1.462  5.597   -11.122 1.00 0.00 ? 229 ARG A HG3  1 
ATOM 153  H HD2  . ARG A 1 9  ? 0.528   6.158   -11.990 1.00 0.00 ? 229 ARG A HD2  1 
ATOM 154  H HD3  . ARG A 1 9  ? 0.048   5.698   -13.623 1.00 0.00 ? 229 ARG A HD3  1 
ATOM 155  H HE   . ARG A 1 9  ? -0.056  8.328   -12.456 1.00 0.00 ? 229 ARG A HE   1 
ATOM 156  H HH11 . ARG A 1 9  ? -1.324  6.239   -14.950 1.00 0.00 ? 229 ARG A HH11 1 
ATOM 157  H HH12 . ARG A 1 9  ? -1.800  7.549   -15.977 1.00 0.00 ? 229 ARG A HH12 1 
ATOM 158  H HH21 . ARG A 1 9  ? -0.685  10.050  -13.807 1.00 0.00 ? 229 ARG A HH21 1 
ATOM 159  H HH22 . ARG A 1 9  ? -1.438  9.712   -15.328 1.00 0.00 ? 229 ARG A HH22 1 
ATOM 160  N N    . GLY A 1 10 ? -4.300  5.142   -11.266 1.00 0.00 ? 230 GLY A N    1 
ATOM 161  C CA   . GLY A 1 10 ? -5.568  5.815   -11.201 1.00 0.00 ? 230 GLY A CA   1 
ATOM 162  C C    . GLY A 1 10 ? -5.545  7.177   -11.868 1.00 0.00 ? 230 GLY A C    1 
ATOM 163  O O    . GLY A 1 10 ? -5.392  7.282   -13.084 1.00 0.00 ? 230 GLY A O    1 
ATOM 164  H H    . GLY A 1 10 ? -3.548  5.497   -10.772 1.00 0.00 ? 230 GLY A H    1 
ATOM 165  H HA2  . GLY A 1 10 ? -6.323  5.203   -11.670 1.00 0.00 ? 230 GLY A HA2  1 
ATOM 166  H HA3  . GLY A 1 10 ? -5.812  5.945   -10.164 1.00 0.00 ? 230 GLY A HA3  1 
ATOM 167  N N    . ASN A 1 11 ? -5.701  8.220   -11.060 1.00 0.00 ? 231 ASN A N    1 
ATOM 168  C CA   . ASN A 1 11 ? -5.703  9.591   -11.557 1.00 0.00 ? 231 ASN A CA   1 
ATOM 169  C C    . ASN A 1 11 ? -5.907  10.572  -10.407 1.00 0.00 ? 231 ASN A C    1 
ATOM 170  O O    . ASN A 1 11 ? -5.299  11.642  -10.372 1.00 0.00 ? 231 ASN A O    1 
ATOM 171  C CB   . ASN A 1 11 ? -6.802  9.780   -12.606 1.00 0.00 ? 231 ASN A CB   1 
ATOM 172  C CG   . ASN A 1 11 ? -8.178  9.446   -12.068 1.00 0.00 ? 231 ASN A CG   1 
ATOM 173  O OD1  . ASN A 1 11 ? -8.886  10.315  -11.559 1.00 0.00 ? 231 ASN A OD1  1 
ATOM 174  N ND2  . ASN A 1 11 ? -8.567  8.181   -12.181 1.00 0.00 ? 231 ASN A ND2  1 
ATOM 175  H H    . ASN A 1 11 ? -5.819  8.063   -10.100 1.00 0.00 ? 231 ASN A H    1 
ATOM 176  H HA   . ASN A 1 11 ? -4.742  9.781   -12.013 1.00 0.00 ? 231 ASN A HA   1 
ATOM 177  H HB2  . ASN A 1 11 ? -6.804  10.807  -12.935 1.00 0.00 ? 231 ASN A HB2  1 
ATOM 178  H HB3  . ASN A 1 11 ? -6.598  9.136   -13.450 1.00 0.00 ? 231 ASN A HB3  1 
ATOM 179  H HD21 . ASN A 1 11 ? -7.952  7.543   -12.598 1.00 0.00 ? 231 ASN A HD21 1 
ATOM 180  H HD22 . ASN A 1 11 ? -9.453  7.937   -11.840 1.00 0.00 ? 231 ASN A HD22 1 
ATOM 181  N N    . SER A 1 12 ? -6.763  10.191  -9.465  1.00 0.00 ? 232 SER A N    1 
ATOM 182  C CA   . SER A 1 12 ? -7.052  11.024  -8.304  1.00 0.00 ? 232 SER A CA   1 
ATOM 183  C C    . SER A 1 12 ? -7.688  10.196  -7.194  1.00 0.00 ? 232 SER A C    1 
ATOM 184  O O    . SER A 1 12 ? -8.497  10.699  -6.414  1.00 0.00 ? 232 SER A O    1 
ATOM 185  C CB   . SER A 1 12 ? -7.978  12.179  -8.693  1.00 0.00 ? 232 SER A CB   1 
ATOM 186  O OG   . SER A 1 12 ? -9.276  11.709  -9.009  1.00 0.00 ? 232 SER A OG   1 
ATOM 187  H H    . SER A 1 12 ? -7.213  9.325   -9.552  1.00 0.00 ? 232 SER A H    1 
ATOM 188  H HA   . SER A 1 12 ? -6.117  11.427  -7.946  1.00 0.00 ? 232 SER A HA   1 
ATOM 189  H HB2  . SER A 1 12 ? -8.049  12.873  -7.869  1.00 0.00 ? 232 SER A HB2  1 
ATOM 190  H HB3  . SER A 1 12 ? -7.572  12.688  -9.555  1.00 0.00 ? 232 SER A HB3  1 
ATOM 191  H HG   . SER A 1 12 ? -9.674  12.285  -9.667  1.00 0.00 ? 232 SER A HG   1 
ATOM 192  N N    . GLY A 1 13 ? -7.318  8.921   -7.132  1.00 0.00 ? 233 GLY A N    1 
ATOM 193  C CA   . GLY A 1 13 ? -7.860  8.035   -6.120  1.00 0.00 ? 233 GLY A CA   1 
ATOM 194  C C    . GLY A 1 13 ? -8.082  6.628   -6.642  1.00 0.00 ? 233 GLY A C    1 
ATOM 195  O O    . GLY A 1 13 ? -9.185  6.286   -7.071  1.00 0.00 ? 233 GLY A O    1 
ATOM 196  H H    . GLY A 1 13 ? -6.673  8.577   -7.782  1.00 0.00 ? 233 GLY A H    1 
ATOM 197  H HA2  . GLY A 1 13 ? -7.173  7.995   -5.288  1.00 0.00 ? 233 GLY A HA2  1 
ATOM 198  H HA3  . GLY A 1 13 ? -8.801  8.433   -5.778  1.00 0.00 ? 233 GLY A HA3  1 
ATOM 199  N N    . LEU A 1 14 ? -7.030  5.815   -6.609  1.00 0.00 ? 234 LEU A N    1 
ATOM 200  C CA   . LEU A 1 14 ? -7.102  4.438   -7.087  1.00 0.00 ? 234 LEU A CA   1 
ATOM 201  C C    . LEU A 1 14 ? -8.348  3.728   -6.566  1.00 0.00 ? 234 LEU A C    1 
ATOM 202  O O    . LEU A 1 14 ? -8.983  2.961   -7.290  1.00 0.00 ? 234 LEU A O    1 
ATOM 203  C CB   . LEU A 1 14 ? -5.847  3.666   -6.664  1.00 0.00 ? 234 LEU A CB   1 
ATOM 204  C CG   . LEU A 1 14 ? -4.714  3.652   -7.693  1.00 0.00 ? 234 LEU A CG   1 
ATOM 205  C CD1  . LEU A 1 14 ? -3.615  2.690   -7.271  1.00 0.00 ? 234 LEU A CD1  1 
ATOM 206  C CD2  . LEU A 1 14 ? -5.252  3.274   -9.061  1.00 0.00 ? 234 LEU A CD2  1 
ATOM 207  H H    . LEU A 1 14 ? -6.180  6.149   -6.262  1.00 0.00 ? 234 LEU A H    1 
ATOM 208  H HA   . LEU A 1 14 ? -7.148  4.467   -8.162  1.00 0.00 ? 234 LEU A HA   1 
ATOM 209  H HB2  . LEU A 1 14 ? -5.470  4.108   -5.752  1.00 0.00 ? 234 LEU A HB2  1 
ATOM 210  H HB3  . LEU A 1 14 ? -6.128  2.645   -6.459  1.00 0.00 ? 234 LEU A HB3  1 
ATOM 211  H HG   . LEU A 1 14 ? -4.285  4.641   -7.762  1.00 0.00 ? 234 LEU A HG   1 
ATOM 212  H HD11 . LEU A 1 14 ? -4.040  1.715   -7.088  1.00 0.00 ? 234 LEU A HD11 1 
ATOM 213  H HD12 . LEU A 1 14 ? -3.143  3.053   -6.371  1.00 0.00 ? 234 LEU A HD12 1 
ATOM 214  H HD13 . LEU A 1 14 ? -2.879  2.618   -8.061  1.00 0.00 ? 234 LEU A HD13 1 
ATOM 215  H HD21 . LEU A 1 14 ? -4.431  3.023   -9.715  1.00 0.00 ? 234 LEU A HD21 1 
ATOM 216  H HD22 . LEU A 1 14 ? -5.799  4.110   -9.470  1.00 0.00 ? 234 LEU A HD22 1 
ATOM 217  H HD23 . LEU A 1 14 ? -5.912  2.425   -8.963  1.00 0.00 ? 234 LEU A HD23 1 
ATOM 218  N N    . GLY A 1 15 ? -8.690  3.982   -5.308  1.00 0.00 ? 235 GLY A N    1 
ATOM 219  C CA   . GLY A 1 15 ? -9.854  3.351   -4.724  1.00 0.00 ? 235 GLY A CA   1 
ATOM 220  C C    . GLY A 1 15 ? -9.599  2.839   -3.325  1.00 0.00 ? 235 GLY A C    1 
ATOM 221  O O    . GLY A 1 15 ? -10.526 2.658   -2.540  1.00 0.00 ? 235 GLY A O    1 
ATOM 222  H H    . GLY A 1 15 ? -8.146  4.597   -4.775  1.00 0.00 ? 235 GLY A H    1 
ATOM 223  H HA2  . GLY A 1 15 ? -10.666 4.061   -4.697  1.00 0.00 ? 235 GLY A HA2  1 
ATOM 224  H HA3  . GLY A 1 15 ? -10.136 2.520   -5.344  1.00 0.00 ? 235 GLY A HA3  1 
ATOM 225  N N    . PHE A 1 16 ? -8.338  2.591   -3.018  1.00 0.00 ? 236 PHE A N    1 
ATOM 226  C CA   . PHE A 1 16 ? -7.961  2.081   -1.705  1.00 0.00 ? 236 PHE A CA   1 
ATOM 227  C C    . PHE A 1 16 ? -7.232  3.138   -0.889  1.00 0.00 ? 236 PHE A C    1 
ATOM 228  O O    . PHE A 1 16 ? -6.502  3.965   -1.437  1.00 0.00 ? 236 PHE A O    1 
ATOM 229  C CB   . PHE A 1 16 ? -7.081  0.837   -1.856  1.00 0.00 ? 236 PHE A CB   1 
ATOM 230  C CG   . PHE A 1 16 ? -5.681  1.135   -2.315  1.00 0.00 ? 236 PHE A CG   1 
ATOM 231  C CD1  . PHE A 1 16 ? -4.678  1.398   -1.396  1.00 0.00 ? 236 PHE A CD1  1 
ATOM 232  C CD2  . PHE A 1 16 ? -5.368  1.152   -3.666  1.00 0.00 ? 236 PHE A CD2  1 
ATOM 233  C CE1  . PHE A 1 16 ? -3.390  1.672   -1.813  1.00 0.00 ? 236 PHE A CE1  1 
ATOM 234  C CE2  . PHE A 1 16 ? -4.080  1.425   -4.089  1.00 0.00 ? 236 PHE A CE2  1 
ATOM 235  C CZ   . PHE A 1 16 ? -3.091  1.685   -3.162  1.00 0.00 ? 236 PHE A CZ   1 
ATOM 236  H H    . PHE A 1 16 ? -7.647  2.743   -3.695  1.00 0.00 ? 236 PHE A H    1 
ATOM 237  H HA   . PHE A 1 16 ? -8.863  1.807   -1.181  1.00 0.00 ? 236 PHE A HA   1 
ATOM 238  H HB2  . PHE A 1 16 ? -7.016  0.334   -0.905  1.00 0.00 ? 236 PHE A HB2  1 
ATOM 239  H HB3  . PHE A 1 16 ? -7.534  0.174   -2.578  1.00 0.00 ? 236 PHE A HB3  1 
ATOM 240  H HD1  . PHE A 1 16 ? -4.910  1.388   -0.342  1.00 0.00 ? 236 PHE A HD1  1 
ATOM 241  H HD2  . PHE A 1 16 ? -6.141  0.948   -4.392  1.00 0.00 ? 236 PHE A HD2  1 
ATOM 242  H HE1  . PHE A 1 16 ? -2.617  1.876   -1.086  1.00 0.00 ? 236 PHE A HE1  1 
ATOM 243  H HE2  . PHE A 1 16 ? -3.850  1.433   -5.143  1.00 0.00 ? 236 PHE A HE2  1 
ATOM 244  H HZ   . PHE A 1 16 ? -2.084  1.899   -3.491  1.00 0.00 ? 236 PHE A HZ   1 
ATOM 245  N N    . SER A 1 17 ? -7.430  3.103   0.425   1.00 0.00 ? 237 SER A N    1 
ATOM 246  C CA   . SER A 1 17 ? -6.784  4.060   1.310   1.00 0.00 ? 237 SER A CA   1 
ATOM 247  C C    . SER A 1 17 ? -5.736  3.380   2.165   1.00 0.00 ? 237 SER A C    1 
ATOM 248  O O    . SER A 1 17 ? -5.754  2.166   2.357   1.00 0.00 ? 237 SER A O    1 
ATOM 249  C CB   . SER A 1 17 ? -7.812  4.765   2.195   1.00 0.00 ? 237 SER A CB   1 
ATOM 250  O OG   . SER A 1 17 ? -7.262  5.109   3.455   1.00 0.00 ? 237 SER A OG   1 
ATOM 251  H H    . SER A 1 17 ? -8.024  2.414   0.805   1.00 0.00 ? 237 SER A H    1 
ATOM 252  H HA   . SER A 1 17 ? -6.289  4.799   0.699   1.00 0.00 ? 237 SER A HA   1 
ATOM 253  H HB2  . SER A 1 17 ? -8.132  5.669   1.707   1.00 0.00 ? 237 SER A HB2  1 
ATOM 254  H HB3  . SER A 1 17 ? -8.661  4.114   2.350   1.00 0.00 ? 237 SER A HB3  1 
ATOM 255  H HG   . SER A 1 17 ? -7.972  5.312   4.069   1.00 0.00 ? 237 SER A HG   1 
ATOM 256  N N    . ILE A 1 18 ? -4.818  4.183   2.664   1.00 0.00 ? 238 ILE A N    1 
ATOM 257  C CA   . ILE A 1 18 ? -3.732  3.686   3.498   1.00 0.00 ? 238 ILE A CA   1 
ATOM 258  C C    . ILE A 1 18 ? -3.500  4.582   4.702   1.00 0.00 ? 238 ILE A C    1 
ATOM 259  O O    . ILE A 1 18 ? -3.766  5.783   4.661   1.00 0.00 ? 238 ILE A O    1 
ATOM 260  C CB   . ILE A 1 18 ? -2.420  3.573   2.699   1.00 0.00 ? 238 ILE A CB   1 
ATOM 261  C CG1  . ILE A 1 18 ? -2.131  4.882   1.963   1.00 0.00 ? 238 ILE A CG1  1 
ATOM 262  C CG2  . ILE A 1 18 ? -2.495  2.413   1.717   1.00 0.00 ? 238 ILE A CG2  1 
ATOM 263  C CD1  . ILE A 1 18 ? -0.658  5.228   1.900   1.00 0.00 ? 238 ILE A CD1  1 
ATOM 264  H H    . ILE A 1 18 ? -4.871  5.142   2.455   1.00 0.00 ? 238 ILE A H    1 
ATOM 265  H HA   . ILE A 1 18 ? -4.000  2.700   3.848   1.00 0.00 ? 238 ILE A HA   1 
ATOM 266  H HB   . ILE A 1 18 ? -1.618  3.372   3.394   1.00 0.00 ? 238 ILE A HB   1 
ATOM 267  H HG12 . ILE A 1 18 ? -2.495  4.807   0.950   1.00 0.00 ? 238 ILE A HG12 1 
ATOM 268  H HG13 . ILE A 1 18 ? -2.640  5.690   2.466   1.00 0.00 ? 238 ILE A HG13 1 
ATOM 269  H HG21 . ILE A 1 18 ? -1.861  2.618   0.867   1.00 0.00 ? 238 ILE A HG21 1 
ATOM 270  H HG22 . ILE A 1 18 ? -3.515  2.290   1.384   1.00 0.00 ? 238 ILE A HG22 1 
ATOM 271  H HG23 . ILE A 1 18 ? -2.166  1.507   2.203   1.00 0.00 ? 238 ILE A HG23 1 
ATOM 272  H HD11 . ILE A 1 18 ? -0.324  5.559   2.872   1.00 0.00 ? 238 ILE A HD11 1 
ATOM 273  H HD12 . ILE A 1 18 ? -0.504  6.017   1.180   1.00 0.00 ? 238 ILE A HD12 1 
ATOM 274  H HD13 . ILE A 1 18 ? -0.095  4.355   1.604   1.00 0.00 ? 238 ILE A HD13 1 
ATOM 275  N N    . ALA A 1 19 ? -2.994  3.984   5.772   1.00 0.00 ? 239 ALA A N    1 
ATOM 276  C CA   . ALA A 1 19 ? -2.713  4.723   6.996   1.00 0.00 ? 239 ALA A CA   1 
ATOM 277  C C    . ALA A 1 19 ? -1.235  4.624   7.353   1.00 0.00 ? 239 ALA A C    1 
ATOM 278  O O    . ALA A 1 19 ? -0.613  3.580   7.166   1.00 0.00 ? 239 ALA A O    1 
ATOM 279  C CB   . ALA A 1 19 ? -3.573  4.203   8.136   1.00 0.00 ? 239 ALA A CB   1 
ATOM 280  H H    . ALA A 1 19 ? -2.803  3.022   5.734   1.00 0.00 ? 239 ALA A H    1 
ATOM 281  H HA   . ALA A 1 19 ? -2.964  5.761   6.827   1.00 0.00 ? 239 ALA A HA   1 
ATOM 282  H HB1  . ALA A 1 19 ? -3.431  4.825   9.007   1.00 0.00 ? 239 ALA A HB1  1 
ATOM 283  H HB2  . ALA A 1 19 ? -3.289  3.188   8.368   1.00 0.00 ? 239 ALA A HB2  1 
ATOM 284  H HB3  . ALA A 1 19 ? -4.612  4.227   7.843   1.00 0.00 ? 239 ALA A HB3  1 
ATOM 285  N N    . GLY A 1 20 ? -0.681  5.714   7.864   1.00 0.00 ? 240 GLY A N    1 
ATOM 286  C CA   . GLY A 1 20 ? 0.722   5.726   8.231   1.00 0.00 ? 240 GLY A CA   1 
ATOM 287  C C    . GLY A 1 20 ? 1.040   6.771   9.278   1.00 0.00 ? 240 GLY A C    1 
ATOM 288  O O    . GLY A 1 20 ? 0.255   7.691   9.507   1.00 0.00 ? 240 GLY A O    1 
ATOM 289  H H    . GLY A 1 20 ? -1.226  6.519   7.988   1.00 0.00 ? 240 GLY A H    1 
ATOM 290  H HA2  . GLY A 1 20 ? 0.991   4.754   8.615   1.00 0.00 ? 240 GLY A HA2  1 
ATOM 291  H HA3  . GLY A 1 20 ? 1.310   5.927   7.348   1.00 0.00 ? 240 GLY A HA3  1 
ATOM 292  N N    . GLY A 1 21 ? 2.196   6.631   9.914   1.00 0.00 ? 241 GLY A N    1 
ATOM 293  C CA   . GLY A 1 21 ? 2.595   7.578   10.936  1.00 0.00 ? 241 GLY A CA   1 
ATOM 294  C C    . GLY A 1 21 ? 4.006   7.344   11.434  1.00 0.00 ? 241 GLY A C    1 
ATOM 295  O O    . GLY A 1 21 ? 4.208   6.856   12.546  1.00 0.00 ? 241 GLY A O    1 
ATOM 296  H H    . GLY A 1 21 ? 2.782   5.878   9.686   1.00 0.00 ? 241 GLY A H    1 
ATOM 297  H HA2  . GLY A 1 21 ? 2.533   8.577   10.528  1.00 0.00 ? 241 GLY A HA2  1 
ATOM 298  H HA3  . GLY A 1 21 ? 1.916   7.499   11.768  1.00 0.00 ? 241 GLY A HA3  1 
ATOM 299  N N    . THR A 1 22 ? 4.983   7.698   10.609  1.00 0.00 ? 242 THR A N    1 
ATOM 300  C CA   . THR A 1 22 ? 6.385   7.533   10.974  1.00 0.00 ? 242 THR A CA   1 
ATOM 301  C C    . THR A 1 22 ? 6.903   8.781   11.681  1.00 0.00 ? 242 THR A C    1 
ATOM 302  O O    . THR A 1 22 ? 7.472   8.698   12.770  1.00 0.00 ? 242 THR A O    1 
ATOM 303  C CB   . THR A 1 22 ? 7.235   7.244   9.732   1.00 0.00 ? 242 THR A CB   1 
ATOM 304  O OG1  . THR A 1 22 ? 7.534   8.442   9.044   1.00 0.00 ? 242 THR A OG1  1 
ATOM 305  C CG2  . THR A 1 22 ? 6.569   6.305   8.748   1.00 0.00 ? 242 THR A CG2  1 
ATOM 306  H H    . THR A 1 22 ? 4.756   8.085   9.741   1.00 0.00 ? 242 THR A H    1 
ATOM 307  H HA   . THR A 1 22 ? 6.455   6.694   11.651  1.00 0.00 ? 242 THR A HA   1 
ATOM 308  H HB   . THR A 1 22 ? 8.165   6.790   10.045  1.00 0.00 ? 242 THR A HB   1 
ATOM 309  H HG1  . THR A 1 22 ? 6.720   8.852   8.745   1.00 0.00 ? 242 THR A HG1  1 
ATOM 310  H HG21 . THR A 1 22 ? 5.834   6.848   8.174   1.00 0.00 ? 242 THR A HG21 1 
ATOM 311  H HG22 . THR A 1 22 ? 6.086   5.503   9.286   1.00 0.00 ? 242 THR A HG22 1 
ATOM 312  H HG23 . THR A 1 22 ? 7.315   5.894   8.081   1.00 0.00 ? 242 THR A HG23 1 
ATOM 313  N N    . ASP A 1 23 ? 6.700   9.936   11.053  1.00 0.00 ? 243 ASP A N    1 
ATOM 314  C CA   . ASP A 1 23 ? 7.147   11.202  11.625  1.00 0.00 ? 243 ASP A CA   1 
ATOM 315  C C    . ASP A 1 23 ? 6.306   12.378  11.122  1.00 0.00 ? 243 ASP A C    1 
ATOM 316  O O    . ASP A 1 23 ? 6.687   13.534  11.297  1.00 0.00 ? 243 ASP A O    1 
ATOM 317  C CB   . ASP A 1 23 ? 8.620   11.440  11.293  1.00 0.00 ? 243 ASP A CB   1 
ATOM 318  C CG   . ASP A 1 23 ? 9.372   12.097  12.435  1.00 0.00 ? 243 ASP A CG   1 
ATOM 319  O OD1  . ASP A 1 23 ? 8.714   12.701  13.308  1.00 0.00 ? 243 ASP A OD1  1 
ATOM 320  O OD2  . ASP A 1 23 ? 10.618  12.009  12.454  1.00 0.00 ? 243 ASP A OD2  1 
ATOM 321  H H    . ASP A 1 23 ? 6.242   9.937   10.189  1.00 0.00 ? 243 ASP A H    1 
ATOM 322  H HA   . ASP A 1 23 ? 7.039   11.134  12.697  1.00 0.00 ? 243 ASP A HA   1 
ATOM 323  H HB2  . ASP A 1 23 ? 9.091   10.492  11.076  1.00 0.00 ? 243 ASP A HB2  1 
ATOM 324  H HB3  . ASP A 1 23 ? 8.689   12.078  10.425  1.00 0.00 ? 243 ASP A HB3  1 
ATOM 325  N N    . ASN A 1 24 ? 5.166   12.085  10.497  1.00 0.00 ? 244 ASN A N    1 
ATOM 326  C CA   . ASN A 1 24 ? 4.295   13.135  9.980   1.00 0.00 ? 244 ASN A CA   1 
ATOM 327  C C    . ASN A 1 24 ? 3.188   13.475  10.979  1.00 0.00 ? 244 ASN A C    1 
ATOM 328  O O    . ASN A 1 24 ? 3.073   14.620  11.418  1.00 0.00 ? 244 ASN A O    1 
ATOM 329  C CB   . ASN A 1 24 ? 3.690   12.714  8.639   1.00 0.00 ? 244 ASN A CB   1 
ATOM 330  C CG   . ASN A 1 24 ? 3.987   13.706  7.532   1.00 0.00 ? 244 ASN A CG   1 
ATOM 331  O OD1  . ASN A 1 24 ? 5.140   14.061  7.293   1.00 0.00 ? 244 ASN A OD1  1 
ATOM 332  N ND2  . ASN A 1 24 ? 2.942   14.160  6.849   1.00 0.00 ? 244 ASN A ND2  1 
ATOM 333  H H    . ASN A 1 24 ? 4.904   11.149  10.379  1.00 0.00 ? 244 ASN A H    1 
ATOM 334  H HA   . ASN A 1 24 ? 4.902   14.016  9.826   1.00 0.00 ? 244 ASN A HA   1 
ATOM 335  H HB2  . ASN A 1 24 ? 4.098   11.755  8.355   1.00 0.00 ? 244 ASN A HB2  1 
ATOM 336  H HB3  . ASN A 1 24 ? 2.618   12.628  8.743   1.00 0.00 ? 244 ASN A HB3  1 
ATOM 337  H HD21 . ASN A 1 24 ? 2.051   13.834  7.095   1.00 0.00 ? 244 ASN A HD21 1 
ATOM 338  H HD22 . ASN A 1 24 ? 3.105   14.803  6.128   1.00 0.00 ? 244 ASN A HD22 1 
ATOM 339  N N    . PRO A 1 25 ? 2.355   12.486  11.355  1.00 0.00 ? 245 PRO A N    1 
ATOM 340  C CA   . PRO A 1 25 ? 1.263   12.699  12.303  1.00 0.00 ? 245 PRO A CA   1 
ATOM 341  C C    . PRO A 1 25 ? 1.733   12.631  13.753  1.00 0.00 ? 245 PRO A C    1 
ATOM 342  O O    . PRO A 1 25 ? 1.283   13.404  14.599  1.00 0.00 ? 245 PRO A O    1 
ATOM 343  C CB   . PRO A 1 25 ? 0.317   11.545  11.990  1.00 0.00 ? 245 PRO A CB   1 
ATOM 344  C CG   . PRO A 1 25 ? 1.213   10.437  11.545  1.00 0.00 ? 245 PRO A CG   1 
ATOM 345  C CD   . PRO A 1 25 ? 2.408   11.085  10.889  1.00 0.00 ? 245 PRO A CD   1 
ATOM 346  H HA   . PRO A 1 25 ? 0.762   13.639  12.129  1.00 0.00 ? 245 PRO A HA   1 
ATOM 347  H HB2  . PRO A 1 25 ? -0.234  11.275  12.880  1.00 0.00 ? 245 PRO A HB2  1 
ATOM 348  H HB3  . PRO A 1 25 ? -0.367  11.836  11.209  1.00 0.00 ? 245 PRO A HB3  1 
ATOM 349  H HG2  . PRO A 1 25 ? 1.526   9.855   12.397  1.00 0.00 ? 245 PRO A HG2  1 
ATOM 350  H HG3  . PRO A 1 25 ? 0.691   9.811   10.835  1.00 0.00 ? 245 PRO A HG3  1 
ATOM 351  H HD2  . PRO A 1 25 ? 3.318   10.606  11.218  1.00 0.00 ? 245 PRO A HD2  1 
ATOM 352  H HD3  . PRO A 1 25 ? 2.321   11.031  9.815   1.00 0.00 ? 245 PRO A HD3  1 
ATOM 353  N N    . HIS A 1 26 ? 2.639   11.699  14.031  1.00 0.00 ? 246 HIS A N    1 
ATOM 354  C CA   . HIS A 1 26 ? 3.172   11.528  15.378  1.00 0.00 ? 246 HIS A CA   1 
ATOM 355  C C    . HIS A 1 26 ? 4.457   10.706  15.351  1.00 0.00 ? 246 HIS A C    1 
ATOM 356  O O    . HIS A 1 26 ? 4.638   9.848   14.488  1.00 0.00 ? 246 HIS A O    1 
ATOM 357  C CB   . HIS A 1 26 ? 2.136   10.848  16.276  1.00 0.00 ? 246 HIS A CB   1 
ATOM 358  C CG   . HIS A 1 26 ? 1.582   9.584   15.699  1.00 0.00 ? 246 HIS A CG   1 
ATOM 359  N ND1  . HIS A 1 26 ? 0.437   9.546   14.930  1.00 0.00 ? 246 HIS A ND1  1 
ATOM 360  C CD2  . HIS A 1 26 ? 2.022   8.306   15.779  1.00 0.00 ? 246 HIS A CD2  1 
ATOM 361  C CE1  . HIS A 1 26 ? 0.196   8.299   14.564  1.00 0.00 ? 246 HIS A CE1  1 
ATOM 362  N NE2  . HIS A 1 26 ? 1.143   7.528   15.065  1.00 0.00 ? 246 HIS A NE2  1 
ATOM 363  H H    . HIS A 1 26 ? 2.959   11.114  13.314  1.00 0.00 ? 246 HIS A H    1 
ATOM 364  H HA   . HIS A 1 26 ? 3.393   12.507  15.775  1.00 0.00 ? 246 HIS A HA   1 
ATOM 365  H HB2  . HIS A 1 26 ? 2.594   10.609  17.223  1.00 0.00 ? 246 HIS A HB2  1 
ATOM 366  H HB3  . HIS A 1 26 ? 1.313   11.529  16.441  1.00 0.00 ? 246 HIS A HB3  1 
ATOM 367  H HD1  . HIS A 1 26 ? -0.117  10.317  14.690  1.00 0.00 ? 246 HIS A HD1  1 
ATOM 368  H HD2  . HIS A 1 26 ? 2.900   7.962   16.306  1.00 0.00 ? 246 HIS A HD2  1 
ATOM 369  H HE1  . HIS A 1 26 ? -0.632  7.967   13.957  1.00 0.00 ? 246 HIS A HE1  1 
ATOM 370  H HE2  . HIS A 1 26 ? 1.249   6.571   14.882  1.00 0.00 ? 246 HIS A HE2  1 
ATOM 371  N N    . ILE A 1 27 ? 5.346   10.973  16.303  1.00 0.00 ? 247 ILE A N    1 
ATOM 372  C CA   . ILE A 1 27 ? 6.612   10.264  16.392  1.00 0.00 ? 247 ILE A CA   1 
ATOM 373  C C    . ILE A 1 27 ? 6.398   8.755   16.453  1.00 0.00 ? 247 ILE A C    1 
ATOM 374  O O    . ILE A 1 27 ? 5.364   8.283   16.926  1.00 0.00 ? 247 ILE A O    1 
ATOM 375  C CB   . ILE A 1 27 ? 7.427   10.702  17.628  1.00 0.00 ? 247 ILE A CB   1 
ATOM 376  C CG1  . ILE A 1 27 ? 7.187   12.179  17.958  1.00 0.00 ? 247 ILE A CG1  1 
ATOM 377  C CG2  . ILE A 1 27 ? 8.899   10.458  17.377  1.00 0.00 ? 247 ILE A CG2  1 
ATOM 378  C CD1  . ILE A 1 27 ? 6.198   12.393  19.083  1.00 0.00 ? 247 ILE A CD1  1 
ATOM 379  H H    . ILE A 1 27 ? 5.147   11.665  16.962  1.00 0.00 ? 247 ILE A H    1 
ATOM 380  H HA   . ILE A 1 27 ? 7.186   10.500  15.508  1.00 0.00 ? 247 ILE A HA   1 
ATOM 381  H HB   . ILE A 1 27 ? 7.124   10.096  18.467  1.00 0.00 ? 247 ILE A HB   1 
ATOM 382  H HG12 . ILE A 1 27 ? 8.122   12.633  18.252  1.00 0.00 ? 247 ILE A HG12 1 
ATOM 383  H HG13 . ILE A 1 27 ? 6.809   12.682  17.082  1.00 0.00 ? 247 ILE A HG13 1 
ATOM 384  H HG21 . ILE A 1 27 ? 9.478   10.932  18.155  1.00 0.00 ? 247 ILE A HG21 1 
ATOM 385  H HG22 . ILE A 1 27 ? 9.167   10.878  16.420  1.00 0.00 ? 247 ILE A HG22 1 
ATOM 386  H HG23 . ILE A 1 27 ? 9.092   9.398   17.374  1.00 0.00 ? 247 ILE A HG23 1 
ATOM 387  H HD11 . ILE A 1 27 ? 5.691   13.338  18.941  1.00 0.00 ? 247 ILE A HD11 1 
ATOM 388  H HD12 . ILE A 1 27 ? 6.722   12.406  20.027  1.00 0.00 ? 247 ILE A HD12 1 
ATOM 389  H HD13 . ILE A 1 27 ? 5.473   11.594  19.083  1.00 0.00 ? 247 ILE A HD13 1 
ATOM 390  N N    . GLY A 1 28 ? 7.381   8.003   15.970  1.00 0.00 ? 248 GLY A N    1 
ATOM 391  C CA   . GLY A 1 28 ? 7.281   6.555   15.977  1.00 0.00 ? 248 GLY A CA   1 
ATOM 392  C C    . GLY A 1 28 ? 8.549   5.884   15.485  1.00 0.00 ? 248 GLY A C    1 
ATOM 393  O O    . GLY A 1 28 ? 9.310   6.468   14.713  1.00 0.00 ? 248 GLY A O    1 
ATOM 394  H H    . GLY A 1 28 ? 8.182   8.435   15.604  1.00 0.00 ? 248 GLY A H    1 
ATOM 395  H HA2  . GLY A 1 28 ? 7.081   6.225   16.986  1.00 0.00 ? 248 GLY A HA2  1 
ATOM 396  H HA3  . GLY A 1 28 ? 6.459   6.259   15.343  1.00 0.00 ? 248 GLY A HA3  1 
ATOM 397  N N    . ASP A 1 29 ? 8.776   4.654   15.932  1.00 0.00 ? 249 ASP A N    1 
ATOM 398  C CA   . ASP A 1 29 ? 9.959   3.902   15.533  1.00 0.00 ? 249 ASP A CA   1 
ATOM 399  C C    . ASP A 1 29 ? 9.697   3.110   14.256  1.00 0.00 ? 249 ASP A C    1 
ATOM 400  O O    . ASP A 1 29 ? 10.542  3.059   13.362  1.00 0.00 ? 249 ASP A O    1 
ATOM 401  C CB   . ASP A 1 29 ? 10.390  2.955   16.656  1.00 0.00 ? 249 ASP A CB   1 
ATOM 402  C CG   . ASP A 1 29 ? 11.002  3.692   17.831  1.00 0.00 ? 249 ASP A CG   1 
ATOM 403  O OD1  . ASP A 1 29 ? 11.954  4.469   17.613  1.00 0.00 ? 249 ASP A OD1  1 
ATOM 404  O OD2  . ASP A 1 29 ? 10.529  3.491   18.969  1.00 0.00 ? 249 ASP A OD2  1 
ATOM 405  H H    . ASP A 1 29 ? 8.133   4.243   16.546  1.00 0.00 ? 249 ASP A H    1 
ATOM 406  H HA   . ASP A 1 29 ? 10.754  4.609   15.348  1.00 0.00 ? 249 ASP A HA   1 
ATOM 407  H HB2  . ASP A 1 29 ? 9.528   2.407   17.008  1.00 0.00 ? 249 ASP A HB2  1 
ATOM 408  H HB3  . ASP A 1 29 ? 11.120  2.258   16.271  1.00 0.00 ? 249 ASP A HB3  1 
ATOM 409  N N    . ASP A 1 30 ? 8.521   2.496   14.177  1.00 0.00 ? 250 ASP A N    1 
ATOM 410  C CA   . ASP A 1 30 ? 8.150   1.707   13.008  1.00 0.00 ? 250 ASP A CA   1 
ATOM 411  C C    . ASP A 1 30 ? 7.632   2.604   11.888  1.00 0.00 ? 250 ASP A C    1 
ATOM 412  O O    . ASP A 1 30 ? 6.545   3.173   11.985  1.00 0.00 ? 250 ASP A O    1 
ATOM 413  C CB   . ASP A 1 30 ? 7.086   0.673   13.382  1.00 0.00 ? 250 ASP A CB   1 
ATOM 414  C CG   . ASP A 1 30 ? 7.239   -0.622  12.606  1.00 0.00 ? 250 ASP A CG   1 
ATOM 415  O OD1  . ASP A 1 30 ? 8.386   -0.966  12.249  1.00 0.00 ? 250 ASP A OD1  1 
ATOM 416  O OD2  . ASP A 1 30 ? 6.214   -1.289  12.356  1.00 0.00 ? 250 ASP A OD2  1 
ATOM 417  H H    . ASP A 1 30 ? 7.891   2.573   14.923  1.00 0.00 ? 250 ASP A H    1 
ATOM 418  H HA   . ASP A 1 30 ? 9.033   1.192   12.662  1.00 0.00 ? 250 ASP A HA   1 
ATOM 419  H HB2  . ASP A 1 30 ? 7.162   0.450   14.435  1.00 0.00 ? 250 ASP A HB2  1 
ATOM 420  H HB3  . ASP A 1 30 ? 6.106   1.081   13.175  1.00 0.00 ? 250 ASP A HB3  1 
ATOM 421  N N    . SER A 1 31 ? 8.422   2.730   10.827  1.00 0.00 ? 251 SER A N    1 
ATOM 422  C CA   . SER A 1 31 ? 8.048   3.561   9.687   1.00 0.00 ? 251 SER A CA   1 
ATOM 423  C C    . SER A 1 31 ? 7.070   2.831   8.770   1.00 0.00 ? 251 SER A C    1 
ATOM 424  O O    . SER A 1 31 ? 6.291   3.459   8.053   1.00 0.00 ? 251 SER A O    1 
ATOM 425  C CB   . SER A 1 31 ? 9.293   3.975   8.900   1.00 0.00 ? 251 SER A CB   1 
ATOM 426  O OG   . SER A 1 31 ? 8.950   4.448   7.610   1.00 0.00 ? 251 SER A OG   1 
ATOM 427  H H    . SER A 1 31 ? 9.279   2.255   10.808  1.00 0.00 ? 251 SER A H    1 
ATOM 428  H HA   . SER A 1 31 ? 7.566   4.449   10.071  1.00 0.00 ? 251 SER A HA   1 
ATOM 429  H HB2  . SER A 1 31 ? 9.808   4.759   9.433   1.00 0.00 ? 251 SER A HB2  1 
ATOM 430  H HB3  . SER A 1 31 ? 9.948   3.121   8.795   1.00 0.00 ? 251 SER A HB3  1 
ATOM 431  H HG   . SER A 1 31 ? 9.303   3.854   6.945   1.00 0.00 ? 251 SER A HG   1 
ATOM 432  N N    . SER A 1 32 ? 7.118   1.501   8.792   1.00 0.00 ? 252 SER A N    1 
ATOM 433  C CA   . SER A 1 32 ? 6.238   0.689   7.958   1.00 0.00 ? 252 SER A CA   1 
ATOM 434  C C    . SER A 1 32 ? 4.775   1.063   8.184   1.00 0.00 ? 252 SER A C    1 
ATOM 435  O O    . SER A 1 32 ? 4.228   0.842   9.263   1.00 0.00 ? 252 SER A O    1 
ATOM 436  C CB   . SER A 1 32 ? 6.448   -0.797  8.257   1.00 0.00 ? 252 SER A CB   1 
ATOM 437  O OG   . SER A 1 32 ? 7.827   -1.110  8.346   1.00 0.00 ? 252 SER A OG   1 
ATOM 438  H H    . SER A 1 32 ? 7.764   1.057   9.381   1.00 0.00 ? 252 SER A H    1 
ATOM 439  H HA   . SER A 1 32 ? 6.490   0.879   6.926   1.00 0.00 ? 252 SER A HA   1 
ATOM 440  H HB2  . SER A 1 32 ? 5.974   -1.044  9.196   1.00 0.00 ? 252 SER A HB2  1 
ATOM 441  H HB3  . SER A 1 32 ? 6.009   -1.386  7.465   1.00 0.00 ? 252 SER A HB3  1 
ATOM 442  H HG   . SER A 1 32 ? 7.937   -2.063  8.398   1.00 0.00 ? 252 SER A HG   1 
ATOM 443  N N    . ILE A 1 33 ? 4.151   1.632   7.159   1.00 0.00 ? 253 ILE A N    1 
ATOM 444  C CA   . ILE A 1 33 ? 2.763   2.040   7.239   1.00 0.00 ? 253 ILE A CA   1 
ATOM 445  C C    . ILE A 1 33 ? 1.838   0.892   6.831   1.00 0.00 ? 253 ILE A C    1 
ATOM 446  O O    . ILE A 1 33 ? 2.232   0.004   6.075   1.00 0.00 ? 253 ILE A O    1 
ATOM 447  C CB   . ILE A 1 33 ? 2.499   3.303   6.372   1.00 0.00 ? 253 ILE A CB   1 
ATOM 448  C CG1  . ILE A 1 33 ? 1.471   3.043   5.265   1.00 0.00 ? 253 ILE A CG1  1 
ATOM 449  C CG2  . ILE A 1 33 ? 3.790   3.836   5.763   1.00 0.00 ? 253 ILE A CG2  1 
ATOM 450  C CD1  . ILE A 1 33 ? 1.007   4.307   4.577   1.00 0.00 ? 253 ILE A CD1  1 
ATOM 451  H H    . ILE A 1 33 ? 4.635   1.788   6.328   1.00 0.00 ? 253 ILE A H    1 
ATOM 452  H HA   . ILE A 1 33 ? 2.558   2.293   8.270   1.00 0.00 ? 253 ILE A HA   1 
ATOM 453  H HB   . ILE A 1 33 ? 2.123   4.061   7.024   1.00 0.00 ? 253 ILE A HB   1 
ATOM 454  H HG12 . ILE A 1 33 ? 1.913   2.399   4.520   1.00 0.00 ? 253 ILE A HG12 1 
ATOM 455  H HG13 . ILE A 1 33 ? 0.605   2.558   5.688   1.00 0.00 ? 253 ILE A HG13 1 
ATOM 456  H HG21 . ILE A 1 33 ? 3.616   4.819   5.351   1.00 0.00 ? 253 ILE A HG21 1 
ATOM 457  H HG22 . ILE A 1 33 ? 4.121   3.171   4.978   1.00 0.00 ? 253 ILE A HG22 1 
ATOM 458  H HG23 . ILE A 1 33 ? 4.551   3.897   6.527   1.00 0.00 ? 253 ILE A HG23 1 
ATOM 459  H HD11 . ILE A 1 33 ? 1.580   4.455   3.673   1.00 0.00 ? 253 ILE A HD11 1 
ATOM 460  H HD12 . ILE A 1 33 ? 1.154   5.149   5.239   1.00 0.00 ? 253 ILE A HD12 1 
ATOM 461  H HD13 . ILE A 1 33 ? -0.041  4.220   4.332   1.00 0.00 ? 253 ILE A HD13 1 
ATOM 462  N N    . PHE A 1 34 ? 0.614   0.910   7.351   1.00 0.00 ? 254 PHE A N    1 
ATOM 463  C CA   . PHE A 1 34 ? -0.359  -0.137  7.055   1.00 0.00 ? 254 PHE A CA   1 
ATOM 464  C C    . PHE A 1 34 ? -1.576  0.407   6.323   1.00 0.00 ? 254 PHE A C    1 
ATOM 465  O O    . PHE A 1 34 ? -1.870  1.602   6.362   1.00 0.00 ? 254 PHE A O    1 
ATOM 466  C CB   . PHE A 1 34 ? -0.806  -0.822  8.348   1.00 0.00 ? 254 PHE A CB   1 
ATOM 467  C CG   . PHE A 1 34 ? -1.134  0.140   9.455   1.00 0.00 ? 254 PHE A CG   1 
ATOM 468  C CD1  . PHE A 1 34 ? -2.250  0.956   9.373   1.00 0.00 ? 254 PHE A CD1  1 
ATOM 469  C CD2  . PHE A 1 34 ? -0.324  0.228   10.576  1.00 0.00 ? 254 PHE A CD2  1 
ATOM 470  C CE1  . PHE A 1 34 ? -2.555  1.842   10.388  1.00 0.00 ? 254 PHE A CE1  1 
ATOM 471  C CE2  . PHE A 1 34 ? -0.623  1.113   11.596  1.00 0.00 ? 254 PHE A CE2  1 
ATOM 472  C CZ   . PHE A 1 34 ? -1.739  1.920   11.501  1.00 0.00 ? 254 PHE A CZ   1 
ATOM 473  H H    . PHE A 1 34 ? 0.363   1.638   7.956   1.00 0.00 ? 254 PHE A H    1 
ATOM 474  H HA   . PHE A 1 34 ? 0.115   -0.870  6.422   1.00 0.00 ? 254 PHE A HA   1 
ATOM 475  H HB2  . PHE A 1 34 ? -1.689  -1.410  8.149   1.00 0.00 ? 254 PHE A HB2  1 
ATOM 476  H HB3  . PHE A 1 34 ? -0.018  -1.472  8.694   1.00 0.00 ? 254 PHE A HB3  1 
ATOM 477  H HD1  . PHE A 1 34 ? -2.889  0.895   8.503   1.00 0.00 ? 254 PHE A HD1  1 
ATOM 478  H HD2  . PHE A 1 34 ? 0.549   -0.403  10.650  1.00 0.00 ? 254 PHE A HD2  1 
ATOM 479  H HE1  . PHE A 1 34 ? -3.429  2.471   10.313  1.00 0.00 ? 254 PHE A HE1  1 
ATOM 480  H HE2  . PHE A 1 34 ? 0.016   1.172   12.464  1.00 0.00 ? 254 PHE A HE2  1 
ATOM 481  H HZ   . PHE A 1 34 ? -1.976  2.612   12.296  1.00 0.00 ? 254 PHE A HZ   1 
ATOM 482  N N    . ILE A 1 35 ? -2.283  -0.501  5.669   1.00 0.00 ? 255 ILE A N    1 
ATOM 483  C CA   . ILE A 1 35 ? -3.490  -0.164  4.923   1.00 0.00 ? 255 ILE A CA   1 
ATOM 484  C C    . ILE A 1 35 ? -4.672  -0.047  5.872   1.00 0.00 ? 255 ILE A C    1 
ATOM 485  O O    . ILE A 1 35 ? -4.707  -0.699  6.915   1.00 0.00 ? 255 ILE A O    1 
ATOM 486  C CB   . ILE A 1 35 ? -3.789  -1.222  3.841   1.00 0.00 ? 255 ILE A CB   1 
ATOM 487  C CG1  . ILE A 1 35 ? -2.559  -1.409  2.945   1.00 0.00 ? 255 ILE A CG1  1 
ATOM 488  C CG2  . ILE A 1 35 ? -5.006  -0.817  3.021   1.00 0.00 ? 255 ILE A CG2  1 
ATOM 489  C CD1  . ILE A 1 35 ? -2.779  -2.348  1.777   1.00 0.00 ? 255 ILE A CD1  1 
ATOM 490  H H    . ILE A 1 35 ? -1.983  -1.434  5.696   1.00 0.00 ? 255 ILE A H    1 
ATOM 491  H HA   . ILE A 1 35 ? -3.339  0.790   4.439   1.00 0.00 ? 255 ILE A HA   1 
ATOM 492  H HB   . ILE A 1 35 ? -4.012  -2.158  4.333   1.00 0.00 ? 255 ILE A HB   1 
ATOM 493  H HG12 . ILE A 1 35 ? -2.267  -0.450  2.546   1.00 0.00 ? 255 ILE A HG12 1 
ATOM 494  H HG13 . ILE A 1 35 ? -1.748  -1.805  3.541   1.00 0.00 ? 255 ILE A HG13 1 
ATOM 495  H HG21 . ILE A 1 35 ? -4.839  -1.056  1.981   1.00 0.00 ? 255 ILE A HG21 1 
ATOM 496  H HG22 . ILE A 1 35 ? -5.170  0.244   3.124   1.00 0.00 ? 255 ILE A HG22 1 
ATOM 497  H HG23 . ILE A 1 35 ? -5.874  -1.351  3.377   1.00 0.00 ? 255 ILE A HG23 1 
ATOM 498  H HD11 . ILE A 1 35 ? -2.246  -1.978  0.914   1.00 0.00 ? 255 ILE A HD11 1 
ATOM 499  H HD12 . ILE A 1 35 ? -3.832  -2.406  1.553   1.00 0.00 ? 255 ILE A HD12 1 
ATOM 500  H HD13 . ILE A 1 35 ? -2.409  -3.331  2.032   1.00 0.00 ? 255 ILE A HD13 1 
ATOM 501  N N    . THR A 1 36 ? -5.624  0.810   5.526   1.00 0.00 ? 256 THR A N    1 
ATOM 502  C CA   . THR A 1 36 ? -6.785  1.025   6.378   1.00 0.00 ? 256 THR A CA   1 
ATOM 503  C C    . THR A 1 36 ? -8.066  0.490   5.753   1.00 0.00 ? 256 THR A C    1 
ATOM 504  O O    . THR A 1 36 ? -8.831  -0.213  6.412   1.00 0.00 ? 256 THR A O    1 
ATOM 505  C CB   . THR A 1 36 ? -6.941  2.512   6.695   1.00 0.00 ? 256 THR A CB   1 
ATOM 506  O OG1  . THR A 1 36 ? -8.056  2.730   7.540   1.00 0.00 ? 256 THR A OG1  1 
ATOM 507  C CG2  . THR A 1 36 ? -7.128  3.368   5.462   1.00 0.00 ? 256 THR A CG2  1 
ATOM 508  H H    . THR A 1 36 ? -5.534  1.318   4.692   1.00 0.00 ? 256 THR A H    1 
ATOM 509  H HA   . THR A 1 36 ? -6.611  0.497   7.304   1.00 0.00 ? 256 THR A HA   1 
ATOM 510  H HB   . THR A 1 36 ? -6.054  2.857   7.205   1.00 0.00 ? 256 THR A HB   1 
ATOM 511  H HG1  . THR A 1 36 ? -8.032  3.629   7.877   1.00 0.00 ? 256 THR A HG1  1 
ATOM 512  H HG21 . THR A 1 36 ? -6.339  3.157   4.755   1.00 0.00 ? 256 THR A HG21 1 
ATOM 513  H HG22 . THR A 1 36 ? -7.094  4.410   5.739   1.00 0.00 ? 256 THR A HG22 1 
ATOM 514  H HG23 . THR A 1 36 ? -8.083  3.146   5.010   1.00 0.00 ? 256 THR A HG23 1 
ATOM 515  N N    . LYS A 1 37 ? -8.319  0.830   4.490   1.00 0.00 ? 257 LYS A N    1 
ATOM 516  C CA   . LYS A 1 37 ? -9.539  0.369   3.840   1.00 0.00 ? 257 LYS A CA   1 
ATOM 517  C C    . LYS A 1 37 ? -9.495  0.522   2.328   1.00 0.00 ? 257 LYS A C    1 
ATOM 518  O O    . LYS A 1 37 ? -8.846  1.419   1.792   1.00 0.00 ? 257 LYS A O    1 
ATOM 519  C CB   . LYS A 1 37 ? -10.739 1.139   4.385   1.00 0.00 ? 257 LYS A CB   1 
ATOM 520  C CG   . LYS A 1 37 ? -10.480 2.624   4.571   1.00 0.00 ? 257 LYS A CG   1 
ATOM 521  C CD   . LYS A 1 37 ? -11.734 3.445   4.312   1.00 0.00 ? 257 LYS A CD   1 
ATOM 522  C CE   . LYS A 1 37 ? -11.472 4.935   4.475   1.00 0.00 ? 257 LYS A CE   1 
ATOM 523  N NZ   . LYS A 1 37 ? -12.317 5.533   5.547   1.00 0.00 ? 257 LYS A NZ   1 
ATOM 524  H H    . LYS A 1 37 ? -7.691  1.405   3.999   1.00 0.00 ? 257 LYS A H    1 
ATOM 525  H HA   . LYS A 1 37 ? -9.666  -0.676  4.075   1.00 0.00 ? 257 LYS A HA   1 
ATOM 526  H HB2  . LYS A 1 37 ? -11.563 1.024   3.697   1.00 0.00 ? 257 LYS A HB2  1 
ATOM 527  H HB3  . LYS A 1 37 ? -11.014 0.720   5.340   1.00 0.00 ? 257 LYS A HB3  1 
ATOM 528  H HG2  . LYS A 1 37 ? -10.151 2.800   5.584   1.00 0.00 ? 257 LYS A HG2  1 
ATOM 529  H HG3  . LYS A 1 37 ? -9.709  2.935   3.882   1.00 0.00 ? 257 LYS A HG3  1 
ATOM 530  H HD2  . LYS A 1 37 ? -12.073 3.258   3.304   1.00 0.00 ? 257 LYS A HD2  1 
ATOM 531  H HD3  . LYS A 1 37 ? -12.500 3.144   5.012   1.00 0.00 ? 257 LYS A HD3  1 
ATOM 532  H HE2  . LYS A 1 37 ? -10.433 5.081   4.726   1.00 0.00 ? 257 LYS A HE2  1 
ATOM 533  H HE3  . LYS A 1 37 ? -11.690 5.429   3.538   1.00 0.00 ? 257 LYS A HE3  1 
ATOM 534  H HZ1  . LYS A 1 37 ? -11.841 6.361   5.955   1.00 0.00 ? 257 LYS A HZ1  1 
ATOM 535  H HZ2  . LYS A 1 37 ? -12.485 4.836   6.300   1.00 0.00 ? 257 LYS A HZ2  1 
ATOM 536  H HZ3  . LYS A 1 37 ? -13.233 5.831   5.155   1.00 0.00 ? 257 LYS A HZ3  1 
ATOM 537  N N    . ILE A 1 38 ? -10.218 -0.365  1.654   1.00 0.00 ? 258 ILE A N    1 
ATOM 538  C CA   . ILE A 1 38 ? -10.313 -0.359  0.213   1.00 0.00 ? 258 ILE A CA   1 
ATOM 539  C C    . ILE A 1 38 ? -11.696 0.146   -0.204  1.00 0.00 ? 258 ILE A C    1 
ATOM 540  O O    . ILE A 1 38 ? -12.691 -0.569  -0.075  1.00 0.00 ? 258 ILE A O    1 
ATOM 541  C CB   . ILE A 1 38 ? -10.070 -1.783  -0.330  1.00 0.00 ? 258 ILE A CB   1 
ATOM 542  C CG1  . ILE A 1 38 ? -8.595  -1.980  -0.681  1.00 0.00 ? 258 ILE A CG1  1 
ATOM 543  C CG2  . ILE A 1 38 ? -10.949 -2.069  -1.532  1.00 0.00 ? 258 ILE A CG2  1 
ATOM 544  C CD1  . ILE A 1 38 ? -7.675  -1.926  0.519   1.00 0.00 ? 258 ILE A CD1  1 
ATOM 545  H H    . ILE A 1 38 ? -10.720 -1.046  2.146   1.00 0.00 ? 258 ILE A H    1 
ATOM 546  H HA   . ILE A 1 38 ? -9.555  0.302   -0.180  1.00 0.00 ? 258 ILE A HA   1 
ATOM 547  H HB   . ILE A 1 38 ? -10.339 -2.480  0.451   1.00 0.00 ? 258 ILE A HB   1 
ATOM 548  H HG12 . ILE A 1 38 ? -8.471  -2.947  -1.148  1.00 0.00 ? 258 ILE A HG12 1 
ATOM 549  H HG13 . ILE A 1 38 ? -8.290  -1.211  -1.371  1.00 0.00 ? 258 ILE A HG13 1 
ATOM 550  H HG21 . ILE A 1 38 ? -11.945 -2.307  -1.190  1.00 0.00 ? 258 ILE A HG21 1 
ATOM 551  H HG22 . ILE A 1 38 ? -10.546 -2.904  -2.083  1.00 0.00 ? 258 ILE A HG22 1 
ATOM 552  H HG23 . ILE A 1 38 ? -10.983 -1.197  -2.165  1.00 0.00 ? 258 ILE A HG23 1 
ATOM 553  H HD11 . ILE A 1 38 ? -7.183  -2.880  0.640   1.00 0.00 ? 258 ILE A HD11 1 
ATOM 554  H HD12 . ILE A 1 38 ? -8.252  -1.705  1.406   1.00 0.00 ? 258 ILE A HD12 1 
ATOM 555  H HD13 . ILE A 1 38 ? -6.934  -1.156  0.370   1.00 0.00 ? 258 ILE A HD13 1 
ATOM 556  N N    . ILE A 1 39 ? -11.760 1.387   -0.671  1.00 0.00 ? 259 ILE A N    1 
ATOM 557  C CA   . ILE A 1 39 ? -13.000 1.992   -1.071  1.00 0.00 ? 259 ILE A CA   1 
ATOM 558  C C    . ILE A 1 39 ? -13.364 1.624   -2.509  1.00 0.00 ? 259 ILE A C    1 
ATOM 559  O O    . ILE A 1 39 ? -12.650 1.965   -3.451  1.00 0.00 ? 259 ILE A O    1 
ATOM 560  C CB   . ILE A 1 39 ? -12.860 3.514   -0.930  1.00 0.00 ? 259 ILE A CB   1 
ATOM 561  C CG1  . ILE A 1 39 ? -12.741 3.888   0.551   1.00 0.00 ? 259 ILE A CG1  1 
ATOM 562  C CG2  . ILE A 1 39 ? -14.019 4.215   -1.595  1.00 0.00 ? 259 ILE A CG2  1 
ATOM 563  C CD1  . ILE A 1 39 ? -13.071 5.335   0.858   1.00 0.00 ? 259 ILE A CD1  1 
ATOM 564  H H    . ILE A 1 39 ? -10.955 1.928   -0.733  1.00 0.00 ? 259 ILE A H    1 
ATOM 565  H HA   . ILE A 1 39 ? -13.778 1.655   -0.404  1.00 0.00 ? 259 ILE A HA   1 
ATOM 566  H HB   . ILE A 1 39 ? -11.956 3.812   -1.436  1.00 0.00 ? 259 ILE A HB   1 
ATOM 567  H HG12 . ILE A 1 39 ? -13.410 3.267   1.122   1.00 0.00 ? 259 ILE A HG12 1 
ATOM 568  H HG13 . ILE A 1 39 ? -11.728 3.704   0.876   1.00 0.00 ? 259 ILE A HG13 1 
ATOM 569  H HG21 . ILE A 1 39 ? -13.917 5.278   -1.462  1.00 0.00 ? 259 ILE A HG21 1 
ATOM 570  H HG22 . ILE A 1 39 ? -14.941 3.876   -1.152  1.00 0.00 ? 259 ILE A HG22 1 
ATOM 571  H HG23 . ILE A 1 39 ? -14.011 3.979   -2.645  1.00 0.00 ? 259 ILE A HG23 1 
ATOM 572  H HD11 . ILE A 1 39 ? -14.065 5.563   0.502   1.00 0.00 ? 259 ILE A HD11 1 
ATOM 573  H HD12 . ILE A 1 39 ? -12.356 5.979   0.367   1.00 0.00 ? 259 ILE A HD12 1 
ATOM 574  H HD13 . ILE A 1 39 ? -13.025 5.496   1.925   1.00 0.00 ? 259 ILE A HD13 1 
ATOM 575  N N    . THR A 1 40 ? -14.484 0.927   -2.668  1.00 0.00 ? 260 THR A N    1 
ATOM 576  C CA   . THR A 1 40 ? -14.947 0.513   -3.988  1.00 0.00 ? 260 THR A CA   1 
ATOM 577  C C    . THR A 1 40 ? -15.331 1.723   -4.831  1.00 0.00 ? 260 THR A C    1 
ATOM 578  O O    . THR A 1 40 ? -15.892 2.694   -4.323  1.00 0.00 ? 260 THR A O    1 
ATOM 579  C CB   . THR A 1 40 ? -16.140 -0.434  -3.860  1.00 0.00 ? 260 THR A CB   1 
ATOM 580  O OG1  . THR A 1 40 ? -15.904 -1.407  -2.857  1.00 0.00 ? 260 THR A OG1  1 
ATOM 581  C CG2  . THR A 1 40 ? -16.461 -1.168  -5.144  1.00 0.00 ? 260 THR A CG2  1 
ATOM 582  H H    . THR A 1 40 ? -15.014 0.686   -1.879  1.00 0.00 ? 260 THR A H    1 
ATOM 583  H HA   . THR A 1 40 ? -14.136 -0.007  -4.476  1.00 0.00 ? 260 THR A HA   1 
ATOM 584  H HB   . THR A 1 40 ? -17.013 0.137   -3.579  1.00 0.00 ? 260 THR A HB   1 
ATOM 585  H HG1  . THR A 1 40 ? -16.661 -1.992  -2.794  1.00 0.00 ? 260 THR A HG1  1 
ATOM 586  H HG21 . THR A 1 40 ? -16.241 -0.531  -5.988  1.00 0.00 ? 260 THR A HG21 1 
ATOM 587  H HG22 . THR A 1 40 ? -17.509 -1.432  -5.157  1.00 0.00 ? 260 THR A HG22 1 
ATOM 588  H HG23 . THR A 1 40 ? -15.863 -2.066  -5.205  1.00 0.00 ? 260 THR A HG23 1 
ATOM 589  N N    . GLY A 1 41 ? -15.022 1.657   -6.121  1.00 0.00 ? 261 GLY A N    1 
ATOM 590  C CA   . GLY A 1 41 ? -15.339 2.750   -7.017  1.00 0.00 ? 261 GLY A CA   1 
ATOM 591  C C    . GLY A 1 41 ? -14.101 3.374   -7.633  1.00 0.00 ? 261 GLY A C    1 
ATOM 592  O O    . GLY A 1 41 ? -14.070 4.575   -7.900  1.00 0.00 ? 261 GLY A O    1 
ATOM 593  H H    . GLY A 1 41 ? -14.575 0.860   -6.466  1.00 0.00 ? 261 GLY A H    1 
ATOM 594  H HA2  . GLY A 1 41 ? -15.974 2.381   -7.808  1.00 0.00 ? 261 GLY A HA2  1 
ATOM 595  H HA3  . GLY A 1 41 ? -15.872 3.506   -6.466  1.00 0.00 ? 261 GLY A HA3  1 
ATOM 596  N N    . GLY A 1 42 ? -13.079 2.554   -7.860  1.00 0.00 ? 262 GLY A N    1 
ATOM 597  C CA   . GLY A 1 42 ? -11.849 3.047   -8.445  1.00 0.00 ? 262 GLY A CA   1 
ATOM 598  C C    . GLY A 1 42 ? -11.103 1.972   -9.210  1.00 0.00 ? 262 GLY A C    1 
ATOM 599  O O    . GLY A 1 42 ? -11.492 0.804   -9.188  1.00 0.00 ? 262 GLY A O    1 
ATOM 600  H H    . GLY A 1 42 ? -13.162 1.606   -7.628  1.00 0.00 ? 262 GLY A H    1 
ATOM 601  H HA2  . GLY A 1 42 ? -12.083 3.856   -9.120  1.00 0.00 ? 262 GLY A HA2  1 
ATOM 602  H HA3  . GLY A 1 42 ? -11.211 3.421   -7.659  1.00 0.00 ? 262 GLY A HA3  1 
ATOM 603  N N    . ALA A 1 43 ? -10.031 2.366   -9.889  1.00 0.00 ? 263 ALA A N    1 
ATOM 604  C CA   . ALA A 1 43 ? -9.229  1.427   -10.668 1.00 0.00 ? 263 ALA A CA   1 
ATOM 605  C C    . ALA A 1 43 ? -8.812  0.226   -9.824  1.00 0.00 ? 263 ALA A C    1 
ATOM 606  O O    . ALA A 1 43 ? -8.789  -0.906  -10.306 1.00 0.00 ? 263 ALA A O    1 
ATOM 607  C CB   . ALA A 1 43 ? -8.004  2.127   -11.236 1.00 0.00 ? 263 ALA A CB   1 
ATOM 608  H H    . ALA A 1 43 ? -9.773  3.310   -9.868  1.00 0.00 ? 263 ALA A H    1 
ATOM 609  H HA   . ALA A 1 43 ? -9.832  1.080   -11.494 1.00 0.00 ? 263 ALA A HA   1 
ATOM 610  H HB1  . ALA A 1 43 ? -7.193  1.417   -11.324 1.00 0.00 ? 263 ALA A HB1  1 
ATOM 611  H HB2  . ALA A 1 43 ? -7.709  2.930   -10.578 1.00 0.00 ? 263 ALA A HB2  1 
ATOM 612  H HB3  . ALA A 1 43 ? -8.239  2.527   -12.211 1.00 0.00 ? 263 ALA A HB3  1 
ATOM 613  N N    . ALA A 1 44 ? -8.484  0.482   -8.562  1.00 0.00 ? 264 ALA A N    1 
ATOM 614  C CA   . ALA A 1 44 ? -8.071  -0.578  -7.651  1.00 0.00 ? 264 ALA A CA   1 
ATOM 615  C C    . ALA A 1 44 ? -9.188  -1.597  -7.456  1.00 0.00 ? 264 ALA A C    1 
ATOM 616  O O    . ALA A 1 44 ? -8.989  -2.796  -7.647  1.00 0.00 ? 264 ALA A O    1 
ATOM 617  C CB   . ALA A 1 44 ? -7.651  0.010   -6.314  1.00 0.00 ? 264 ALA A CB   1 
ATOM 618  H H    . ALA A 1 44 ? -8.523  1.405   -8.236  1.00 0.00 ? 264 ALA A H    1 
ATOM 619  H HA   . ALA A 1 44 ? -7.216  -1.074  -8.085  1.00 0.00 ? 264 ALA A HA   1 
ATOM 620  H HB1  . ALA A 1 44 ? -8.469  -0.070  -5.611  1.00 0.00 ? 264 ALA A HB1  1 
ATOM 621  H HB2  . ALA A 1 44 ? -7.390  1.050   -6.443  1.00 0.00 ? 264 ALA A HB2  1 
ATOM 622  H HB3  . ALA A 1 44 ? -6.796  -0.531  -5.934  1.00 0.00 ? 264 ALA A HB3  1 
ATOM 623  N N    . ALA A 1 45 ? -10.364 -1.110  -7.074  1.00 0.00 ? 265 ALA A N    1 
ATOM 624  C CA   . ALA A 1 45 ? -11.515 -1.975  -6.852  1.00 0.00 ? 265 ALA A CA   1 
ATOM 625  C C    . ALA A 1 45 ? -11.974 -2.628  -8.151  1.00 0.00 ? 265 ALA A C    1 
ATOM 626  O O    . ALA A 1 45 ? -12.435 -3.769  -8.153  1.00 0.00 ? 265 ALA A O    1 
ATOM 627  C CB   . ALA A 1 45 ? -12.653 -1.187  -6.224  1.00 0.00 ? 265 ALA A CB   1 
ATOM 628  H H    . ALA A 1 45 ? -10.461 -0.145  -6.938  1.00 0.00 ? 265 ALA A H    1 
ATOM 629  H HA   . ALA A 1 45 ? -11.219 -2.746  -6.158  1.00 0.00 ? 265 ALA A HA   1 
ATOM 630  H HB1  . ALA A 1 45 ? -12.932 -0.374  -6.879  1.00 0.00 ? 265 ALA A HB1  1 
ATOM 631  H HB2  . ALA A 1 45 ? -12.334 -0.787  -5.272  1.00 0.00 ? 265 ALA A HB2  1 
ATOM 632  H HB3  . ALA A 1 45 ? -13.503 -1.836  -6.076  1.00 0.00 ? 265 ALA A HB3  1 
ATOM 633  N N    . GLN A 1 46 ? -11.848 -1.896  -9.253  1.00 0.00 ? 266 GLN A N    1 
ATOM 634  C CA   . GLN A 1 46 ? -12.254 -2.407  -10.557 1.00 0.00 ? 266 GLN A CA   1 
ATOM 635  C C    . GLN A 1 46 ? -11.435 -3.634  -10.942 1.00 0.00 ? 266 GLN A C    1 
ATOM 636  O O    . GLN A 1 46 ? -11.976 -4.623  -11.438 1.00 0.00 ? 266 GLN A O    1 
ATOM 637  C CB   . GLN A 1 46 ? -12.100 -1.321  -11.625 1.00 0.00 ? 266 GLN A CB   1 
ATOM 638  C CG   . GLN A 1 46 ? -13.064 -0.159  -11.453 1.00 0.00 ? 266 GLN A CG   1 
ATOM 639  C CD   . GLN A 1 46 ? -13.830 0.158   -12.724 1.00 0.00 ? 266 GLN A CD   1 
ATOM 640  O OE1  . GLN A 1 46 ? -13.237 0.363   -13.784 1.00 0.00 ? 266 GLN A OE1  1 
ATOM 641  N NE2  . GLN A 1 46 ? -15.153 0.200   -12.624 1.00 0.00 ? 266 GLN A NE2  1 
ATOM 642  H H    . GLN A 1 46 ? -11.475 -0.992  -9.188  1.00 0.00 ? 266 GLN A H    1 
ATOM 643  H HA   . GLN A 1 46 ? -13.293 -2.690  -10.491 1.00 0.00 ? 266 GLN A HA   1 
ATOM 644  H HB2  . GLN A 1 46 ? -11.093 -0.934  -11.585 1.00 0.00 ? 266 GLN A HB2  1 
ATOM 645  H HB3  . GLN A 1 46 ? -12.270 -1.763  -12.596 1.00 0.00 ? 266 GLN A HB3  1 
ATOM 646  H HG2  . GLN A 1 46 ? -13.774 -0.407  -10.678 1.00 0.00 ? 266 GLN A HG2  1 
ATOM 647  H HG3  . GLN A 1 46 ? -12.505 0.716   -11.160 1.00 0.00 ? 266 GLN A HG3  1 
ATOM 648  H HE21 . GLN A 1 46 ? -15.557 0.026   -11.748 1.00 0.00 ? 266 GLN A HE21 1 
ATOM 649  H HE22 . GLN A 1 46 ? -15.673 0.403   -13.430 1.00 0.00 ? 266 GLN A HE22 1 
ATOM 650  N N    . ASP A 1 47 ? -10.130 -3.564  -10.709 1.00 0.00 ? 267 ASP A N    1 
ATOM 651  C CA   . ASP A 1 47 ? -9.237  -4.671  -11.030 1.00 0.00 ? 267 ASP A CA   1 
ATOM 652  C C    . ASP A 1 47 ? -9.201  -5.689  -9.896  1.00 0.00 ? 267 ASP A C    1 
ATOM 653  O O    . ASP A 1 47 ? -8.944  -6.872  -10.119 1.00 0.00 ? 267 ASP A O    1 
ATOM 654  C CB   . ASP A 1 47 ? -7.825  -4.147  -11.307 1.00 0.00 ? 267 ASP A CB   1 
ATOM 655  C CG   . ASP A 1 47 ? -6.886  -5.237  -11.791 1.00 0.00 ? 267 ASP A CG   1 
ATOM 656  O OD1  . ASP A 1 47 ? -7.345  -6.387  -11.956 1.00 0.00 ? 267 ASP A OD1  1 
ATOM 657  O OD2  . ASP A 1 47 ? -5.694  -4.939  -12.008 1.00 0.00 ? 267 ASP A OD2  1 
ATOM 658  H H    . ASP A 1 47 ? -9.759  -2.750  -10.309 1.00 0.00 ? 267 ASP A H    1 
ATOM 659  H HA   . ASP A 1 47 ? -9.615  -5.153  -11.920 1.00 0.00 ? 267 ASP A HA   1 
ATOM 660  H HB2  . ASP A 1 47 ? -7.876  -3.381  -12.065 1.00 0.00 ? 267 ASP A HB2  1 
ATOM 661  H HB3  . ASP A 1 47 ? -7.421  -3.725  -10.400 1.00 0.00 ? 267 ASP A HB3  1 
ATOM 662  N N    . GLY A 1 48 ? -9.460  -5.223  -8.677  1.00 0.00 ? 268 GLY A N    1 
ATOM 663  C CA   . GLY A 1 48 ? -9.448  -6.106  -7.530  1.00 0.00 ? 268 GLY A CA   1 
ATOM 664  C C    . GLY A 1 48 ? -9.229  -5.362  -6.227  1.00 0.00 ? 268 GLY A C    1 
ATOM 665  O O    . GLY A 1 48 ? -10.114 -4.652  -5.752  1.00 0.00 ? 268 GLY A O    1 
ATOM 666  H H    . GLY A 1 48 ? -9.655  -4.276  -8.558  1.00 0.00 ? 268 GLY A H    1 
ATOM 667  H HA2  . GLY A 1 48 ? -10.392 -6.628  -7.482  1.00 0.00 ? 268 GLY A HA2  1 
ATOM 668  H HA3  . GLY A 1 48 ? -8.658  -6.823  -7.660  1.00 0.00 ? 268 GLY A HA3  1 
ATOM 669  N N    . ARG A 1 49 ? -8.043  -5.529  -5.649  1.00 0.00 ? 269 ARG A N    1 
ATOM 670  C CA   . ARG A 1 49 ? -7.703  -4.870  -4.393  1.00 0.00 ? 269 ARG A CA   1 
ATOM 671  C C    . ARG A 1 49 ? -8.630  -5.323  -3.269  1.00 0.00 ? 269 ARG A C    1 
ATOM 672  O O    . ARG A 1 49 ? -9.741  -4.814  -3.121  1.00 0.00 ? 269 ARG A O    1 
ATOM 673  C CB   . ARG A 1 49 ? -7.782  -3.350  -4.550  1.00 0.00 ? 269 ARG A CB   1 
ATOM 674  C CG   . ARG A 1 49 ? -6.929  -2.590  -3.548  1.00 0.00 ? 269 ARG A CG   1 
ATOM 675  C CD   . ARG A 1 49 ? -5.542  -2.303  -4.101  1.00 0.00 ? 269 ARG A CD   1 
ATOM 676  N NE   . ARG A 1 49 ? -4.566  -3.306  -3.683  1.00 0.00 ? 269 ARG A NE   1 
ATOM 677  C CZ   . ARG A 1 49 ? -3.984  -3.319  -2.485  1.00 0.00 ? 269 ARG A CZ   1 
ATOM 678  N NH1  . ARG A 1 49 ? -4.273  -2.388  -1.588  1.00 0.00 ? 269 ARG A NH1  1 
ATOM 679  N NH2  . ARG A 1 49 ? -3.107  -4.269  -2.186  1.00 0.00 ? 269 ARG A NH2  1 
ATOM 680  H H    . ARG A 1 49 ? -7.378  -6.108  -6.078  1.00 0.00 ? 269 ARG A H    1 
ATOM 681  H HA   . ARG A 1 49 ? -6.691  -5.143  -4.140  1.00 0.00 ? 269 ARG A HA   1 
ATOM 682  H HB2  . ARG A 1 49 ? -7.454  -3.085  -5.545  1.00 0.00 ? 269 ARG A HB2  1 
ATOM 683  H HB3  . ARG A 1 49 ? -8.810  -3.040  -4.425  1.00 0.00 ? 269 ARG A HB3  1 
ATOM 684  H HG2  . ARG A 1 49 ? -7.414  -1.654  -3.315  1.00 0.00 ? 269 ARG A HG2  1 
ATOM 685  H HG3  . ARG A 1 49 ? -6.833  -3.182  -2.648  1.00 0.00 ? 269 ARG A HG3  1 
ATOM 686  H HD2  . ARG A 1 49 ? -5.595  -2.293  -5.180  1.00 0.00 ? 269 ARG A HD2  1 
ATOM 687  H HD3  . ARG A 1 49 ? -5.221  -1.334  -3.748  1.00 0.00 ? 269 ARG A HD3  1 
ATOM 688  H HE   . ARG A 1 49 ? -4.333  -4.007  -4.327  1.00 0.00 ? 269 ARG A HE   1 
ATOM 689  H HH11 . ARG A 1 49 ? -4.934  -1.669  -1.806  1.00 0.00 ? 269 ARG A HH11 1 
ATOM 690  H HH12 . ARG A 1 49 ? -3.832  -2.403  -0.690  1.00 0.00 ? 269 ARG A HH12 1 
ATOM 691  H HH21 . ARG A 1 49 ? -2.884  -4.975  -2.860  1.00 0.00 ? 269 ARG A HH21 1 
ATOM 692  H HH22 . ARG A 1 49 ? -2.668  -4.280  -1.288  1.00 0.00 ? 269 ARG A HH22 1 
ATOM 693  N N    . LEU A 1 50 ? -8.164  -6.285  -2.477  1.00 0.00 ? 270 LEU A N    1 
ATOM 694  C CA   . LEU A 1 50 ? -8.943  -6.812  -1.368  1.00 0.00 ? 270 LEU A CA   1 
ATOM 695  C C    . LEU A 1 50 ? -8.831  -5.906  -0.145  1.00 0.00 ? 270 LEU A C    1 
ATOM 696  O O    . LEU A 1 50 ? -8.028  -4.973  -0.123  1.00 0.00 ? 270 LEU A O    1 
ATOM 697  C CB   . LEU A 1 50 ? -8.463  -8.219  -1.021  1.00 0.00 ? 270 LEU A CB   1 
ATOM 698  C CG   . LEU A 1 50 ? -8.821  -9.298  -2.045  1.00 0.00 ? 270 LEU A CG   1 
ATOM 699  C CD1  . LEU A 1 50 ? -8.365  -10.665 -1.562  1.00 0.00 ? 270 LEU A CD1  1 
ATOM 700  C CD2  . LEU A 1 50 ? -10.318 -9.298  -2.317  1.00 0.00 ? 270 LEU A CD2  1 
ATOM 701  H H    . LEU A 1 50 ? -7.273  -6.652  -2.645  1.00 0.00 ? 270 LEU A H    1 
ATOM 702  H HA   . LEU A 1 50 ? -9.976  -6.858  -1.677  1.00 0.00 ? 270 LEU A HA   1 
ATOM 703  H HB2  . LEU A 1 50 ? -7.388  -8.195  -0.915  1.00 0.00 ? 270 LEU A HB2  1 
ATOM 704  H HB3  . LEU A 1 50 ? -8.893  -8.497  -0.074  1.00 0.00 ? 270 LEU A HB3  1 
ATOM 705  H HG   . LEU A 1 50 ? -8.313  -9.086  -2.973  1.00 0.00 ? 270 LEU A HG   1 
ATOM 706  H HD11 . LEU A 1 50 ? -7.582  -10.547 -0.828  1.00 0.00 ? 270 LEU A HD11 1 
ATOM 707  H HD12 . LEU A 1 50 ? -7.991  -11.237 -2.398  1.00 0.00 ? 270 LEU A HD12 1 
ATOM 708  H HD13 . LEU A 1 50 ? -9.200  -11.187 -1.115  1.00 0.00 ? 270 LEU A HD13 1 
ATOM 709  H HD21 . LEU A 1 50 ? -10.594 -8.376  -2.809  1.00 0.00 ? 270 LEU A HD21 1 
ATOM 710  H HD22 . LEU A 1 50 ? -10.853 -9.381  -1.384  1.00 0.00 ? 270 LEU A HD22 1 
ATOM 711  H HD23 . LEU A 1 50 ? -10.568 -10.134 -2.953  1.00 0.00 ? 270 LEU A HD23 1 
ATOM 712  N N    . ARG A 1 51 ? -9.639  -6.189  0.871   1.00 0.00 ? 271 ARG A N    1 
ATOM 713  C CA   . ARG A 1 51 ? -9.631  -5.404  2.096   1.00 0.00 ? 271 ARG A CA   1 
ATOM 714  C C    . ARG A 1 51 ? -8.368  -5.679  2.907   1.00 0.00 ? 271 ARG A C    1 
ATOM 715  O O    . ARG A 1 51 ? -8.229  -6.738  3.517   1.00 0.00 ? 271 ARG A O    1 
ATOM 716  C CB   . ARG A 1 51 ? -10.868 -5.730  2.930   1.00 0.00 ? 271 ARG A CB   1 
ATOM 717  C CG   . ARG A 1 51 ? -11.096 -7.220  3.128   1.00 0.00 ? 271 ARG A CG   1 
ATOM 718  C CD   . ARG A 1 51 ? -12.209 -7.740  2.233   1.00 0.00 ? 271 ARG A CD   1 
ATOM 719  N NE   . ARG A 1 51 ? -12.091 -9.176  1.992   1.00 0.00 ? 271 ARG A NE   1 
ATOM 720  C CZ   . ARG A 1 51 ? -12.695 -9.811  0.990   1.00 0.00 ? 271 ARG A CZ   1 
ATOM 721  N NH1  . ARG A 1 51 ? -13.459 -9.144  0.134   1.00 0.00 ? 271 ARG A NH1  1 
ATOM 722  N NH2  . ARG A 1 51 ? -12.533 -11.120 0.841   1.00 0.00 ? 271 ARG A NH2  1 
ATOM 723  H H    . ARG A 1 51 ? -10.257 -6.944  0.798   1.00 0.00 ? 271 ARG A H    1 
ATOM 724  H HA   . ARG A 1 51 ? -9.653  -4.360  1.824   1.00 0.00 ? 271 ARG A HA   1 
ATOM 725  H HB2  . ARG A 1 51 ? -10.760 -5.274  3.899   1.00 0.00 ? 271 ARG A HB2  1 
ATOM 726  H HB3  . ARG A 1 51 ? -11.738 -5.315  2.441   1.00 0.00 ? 271 ARG A HB3  1 
ATOM 727  H HG2  . ARG A 1 51 ? -10.184 -7.748  2.893   1.00 0.00 ? 271 ARG A HG2  1 
ATOM 728  H HG3  . ARG A 1 51 ? -11.361 -7.400  4.159   1.00 0.00 ? 271 ARG A HG3  1 
ATOM 729  H HD2  . ARG A 1 51 ? -13.158 -7.542  2.710   1.00 0.00 ? 271 ARG A HD2  1 
ATOM 730  H HD3  . ARG A 1 51 ? -12.168 -7.219  1.288   1.00 0.00 ? 271 ARG A HD3  1 
ATOM 731  H HE   . ARG A 1 51 ? -11.534 -9.694  2.609   1.00 0.00 ? 271 ARG A HE   1 
ATOM 732  H HH11 . ARG A 1 51 ? -13.584 -8.157  0.240   1.00 0.00 ? 271 ARG A HH11 1 
ATOM 733  H HH12 . ARG A 1 51 ? -13.909 -9.627  -0.616  1.00 0.00 ? 271 ARG A HH12 1 
ATOM 734  H HH21 . ARG A 1 51 ? -11.959 -11.628 1.483   1.00 0.00 ? 271 ARG A HH21 1 
ATOM 735  H HH22 . ARG A 1 51 ? -12.986 -11.597 0.089   1.00 0.00 ? 271 ARG A HH22 1 
ATOM 736  N N    . VAL A 1 52 ? -7.448  -4.719  2.906   1.00 0.00 ? 272 VAL A N    1 
ATOM 737  C CA   . VAL A 1 52 ? -6.197  -4.861  3.638   1.00 0.00 ? 272 VAL A CA   1 
ATOM 738  C C    . VAL A 1 52 ? -6.222  -4.068  4.938   1.00 0.00 ? 272 VAL A C    1 
ATOM 739  O O    . VAL A 1 52 ? -7.015  -3.139  5.095   1.00 0.00 ? 272 VAL A O    1 
ATOM 740  C CB   . VAL A 1 52 ? -4.991  -4.394  2.799   1.00 0.00 ? 272 VAL A CB   1 
ATOM 741  C CG1  . VAL A 1 52 ? -3.697  -4.949  3.374   1.00 0.00 ? 272 VAL A CG1  1 
ATOM 742  C CG2  . VAL A 1 52 ? -5.154  -4.802  1.341   1.00 0.00 ? 272 VAL A CG2  1 
ATOM 743  H H    . VAL A 1 52 ? -7.614  -3.899  2.399   1.00 0.00 ? 272 VAL A H    1 
ATOM 744  H HA   . VAL A 1 52 ? -6.064  -5.906  3.868   1.00 0.00 ? 272 VAL A HA   1 
ATOM 745  H HB   . VAL A 1 52 ? -4.946  -3.314  2.847   1.00 0.00 ? 272 VAL A HB   1 
ATOM 746  H HG11 . VAL A 1 52 ? -3.222  -4.195  3.985   1.00 0.00 ? 272 VAL A HG11 1 
ATOM 747  H HG12 . VAL A 1 52 ? -3.034  -5.228  2.567   1.00 0.00 ? 272 VAL A HG12 1 
ATOM 748  H HG13 . VAL A 1 52 ? -3.914  -5.817  3.978   1.00 0.00 ? 272 VAL A HG13 1 
ATOM 749  H HG21 . VAL A 1 52 ? -4.205  -5.141  0.953   1.00 0.00 ? 272 VAL A HG21 1 
ATOM 750  H HG22 . VAL A 1 52 ? -5.497  -3.954  0.766   1.00 0.00 ? 272 VAL A HG22 1 
ATOM 751  H HG23 . VAL A 1 52 ? -5.879  -5.602  1.270   1.00 0.00 ? 272 VAL A HG23 1 
ATOM 752  N N    . ASN A 1 53 ? -5.347  -4.437  5.866   1.00 0.00 ? 273 ASN A N    1 
ATOM 753  C CA   . ASN A 1 53 ? -5.265  -3.755  7.154   1.00 0.00 ? 273 ASN A CA   1 
ATOM 754  C C    . ASN A 1 53 ? -3.855  -3.835  7.739   1.00 0.00 ? 273 ASN A C    1 
ATOM 755  O O    . ASN A 1 53 ? -3.664  -3.631  8.937   1.00 0.00 ? 273 ASN A O    1 
ATOM 756  C CB   . ASN A 1 53 ? -6.272  -4.359  8.134   1.00 0.00 ? 273 ASN A CB   1 
ATOM 757  C CG   . ASN A 1 53 ? -7.581  -3.595  8.161   1.00 0.00 ? 273 ASN A CG   1 
ATOM 758  O OD1  . ASN A 1 53 ? -7.737  -2.584  7.476   1.00 0.00 ? 273 ASN A OD1  1 
ATOM 759  N ND2  . ASN A 1 53 ? -8.531  -4.076  8.954   1.00 0.00 ? 273 ASN A ND2  1 
ATOM 760  H H    . ASN A 1 53 ? -4.739  -5.183  5.681   1.00 0.00 ? 273 ASN A H    1 
ATOM 761  H HA   . ASN A 1 53 ? -5.515  -2.719  6.993   1.00 0.00 ? 273 ASN A HA   1 
ATOM 762  H HB2  . ASN A 1 53 ? -6.478  -5.380  7.847   1.00 0.00 ? 273 ASN A HB2  1 
ATOM 763  H HB3  . ASN A 1 53 ? -5.849  -4.348  9.129   1.00 0.00 ? 273 ASN A HB3  1 
ATOM 764  H HD21 . ASN A 1 53 ? -8.336  -4.886  9.472   1.00 0.00 ? 273 ASN A HD21 1 
ATOM 765  H HD22 . ASN A 1 53 ? -9.388  -3.601  8.992   1.00 0.00 ? 273 ASN A HD22 1 
ATOM 766  N N    . ASP A 1 54 ? -2.871  -4.145  6.896   1.00 0.00 ? 274 ASP A N    1 
ATOM 767  C CA   . ASP A 1 54 ? -1.492  -4.258  7.346   1.00 0.00 ? 274 ASP A CA   1 
ATOM 768  C C    . ASP A 1 54 ? -0.528  -3.602  6.360   1.00 0.00 ? 274 ASP A C    1 
ATOM 769  O O    . ASP A 1 54 ? -0.928  -3.164  5.282   1.00 0.00 ? 274 ASP A O    1 
ATOM 770  C CB   . ASP A 1 54 ? -1.137  -5.731  7.522   1.00 0.00 ? 274 ASP A CB   1 
ATOM 771  C CG   . ASP A 1 54 ? -0.016  -5.947  8.519   1.00 0.00 ? 274 ASP A CG   1 
ATOM 772  O OD1  . ASP A 1 54 ? -0.285  -5.883  9.738   1.00 0.00 ? 274 ASP A OD1  1 
ATOM 773  O OD2  . ASP A 1 54 ? 1.130   -6.178  8.082   1.00 0.00 ? 274 ASP A OD2  1 
ATOM 774  H H    . ASP A 1 54 ? -3.073  -4.309  5.956   1.00 0.00 ? 274 ASP A H    1 
ATOM 775  H HA   . ASP A 1 54 ? -1.414  -3.758  8.296   1.00 0.00 ? 274 ASP A HA   1 
ATOM 776  H HB2  . ASP A 1 54 ? -2.010  -6.262  7.867   1.00 0.00 ? 274 ASP A HB2  1 
ATOM 777  H HB3  . ASP A 1 54 ? -0.833  -6.131  6.568   1.00 0.00 ? 274 ASP A HB3  1 
ATOM 778  N N    . CYS A 1 55 ? 0.745   -3.539  6.743   1.00 0.00 ? 275 CYS A N    1 
ATOM 779  C CA   . CYS A 1 55 ? 1.774   -2.937  5.900   1.00 0.00 ? 275 CYS A CA   1 
ATOM 780  C C    . CYS A 1 55 ? 2.214   -3.902  4.804   1.00 0.00 ? 275 CYS A C    1 
ATOM 781  O O    . CYS A 1 55 ? 2.325   -5.106  5.029   1.00 0.00 ? 275 CYS A O    1 
ATOM 782  C CB   . CYS A 1 55 ? 2.987   -2.532  6.741   1.00 0.00 ? 275 CYS A CB   1 
ATOM 783  S SG   . CYS A 1 55 ? 2.578   -1.803  8.345   1.00 0.00 ? 275 CYS A SG   1 
ATOM 784  H H    . CYS A 1 55 ? 0.999   -3.904  7.614   1.00 0.00 ? 275 CYS A H    1 
ATOM 785  H HA   . CYS A 1 55 ? 1.354   -2.055  5.441   1.00 0.00 ? 275 CYS A HA   1 
ATOM 786  H HB2  . CYS A 1 55 ? 3.594   -3.405  6.927   1.00 0.00 ? 275 CYS A HB2  1 
ATOM 787  H HB3  . CYS A 1 55 ? 3.570   -1.808  6.191   1.00 0.00 ? 275 CYS A HB3  1 
ATOM 788  H HG   . CYS A 1 55 ? 1.951   -2.385  8.783   1.00 0.00 ? 275 CYS A HG   1 
ATOM 789  N N    . ILE A 1 56 ? 2.472   -3.361  3.617   1.00 0.00 ? 276 ILE A N    1 
ATOM 790  C CA   . ILE A 1 56 ? 2.907   -4.162  2.489   1.00 0.00 ? 276 ILE A CA   1 
ATOM 791  C C    . ILE A 1 56 ? 4.383   -4.523  2.620   1.00 0.00 ? 276 ILE A C    1 
ATOM 792  O O    . ILE A 1 56 ? 5.159   -3.789  3.233   1.00 0.00 ? 276 ILE A O    1 
ATOM 793  C CB   . ILE A 1 56 ? 2.686   -3.425  1.151   1.00 0.00 ? 276 ILE A CB   1 
ATOM 794  C CG1  . ILE A 1 56 ? 1.552   -2.395  1.261   1.00 0.00 ? 276 ILE A CG1  1 
ATOM 795  C CG2  . ILE A 1 56 ? 2.381   -4.430  0.063   1.00 0.00 ? 276 ILE A CG2  1 
ATOM 796  C CD1  . ILE A 1 56 ? 1.122   -1.814  -0.070  1.00 0.00 ? 276 ILE A CD1  1 
ATOM 797  H H    . ILE A 1 56 ? 2.370   -2.401  3.496   1.00 0.00 ? 276 ILE A H    1 
ATOM 798  H HA   . ILE A 1 56 ? 2.322   -5.070  2.478   1.00 0.00 ? 276 ILE A HA   1 
ATOM 799  H HB   . ILE A 1 56 ? 3.602   -2.915  0.894   1.00 0.00 ? 276 ILE A HB   1 
ATOM 800  H HG12 . ILE A 1 56 ? 0.690   -2.865  1.709   1.00 0.00 ? 276 ILE A HG12 1 
ATOM 801  H HG13 . ILE A 1 56 ? 1.876   -1.577  1.888   1.00 0.00 ? 276 ILE A HG13 1 
ATOM 802  H HG21 . ILE A 1 56 ? 2.770   -5.393  0.349   1.00 0.00 ? 276 ILE A HG21 1 
ATOM 803  H HG22 . ILE A 1 56 ? 2.840   -4.112  -0.860  1.00 0.00 ? 276 ILE A HG22 1 
ATOM 804  H HG23 . ILE A 1 56 ? 1.313   -4.496  -0.066  1.00 0.00 ? 276 ILE A HG23 1 
ATOM 805  H HD11 . ILE A 1 56 ? 1.993   -1.636  -0.683  1.00 0.00 ? 276 ILE A HD11 1 
ATOM 806  H HD12 . ILE A 1 56 ? 0.601   -0.883  0.095   1.00 0.00 ? 276 ILE A HD12 1 
ATOM 807  H HD13 . ILE A 1 56 ? 0.465   -2.510  -0.573  1.00 0.00 ? 276 ILE A HD13 1 
ATOM 808  N N    . LEU A 1 57 ? 4.769   -5.657  2.043   1.00 0.00 ? 277 LEU A N    1 
ATOM 809  C CA   . LEU A 1 57 ? 6.155   -6.109  2.101   1.00 0.00 ? 277 LEU A CA   1 
ATOM 810  C C    . LEU A 1 57 ? 7.027   -5.301  1.139   1.00 0.00 ? 277 LEU A C    1 
ATOM 811  O O    . LEU A 1 57 ? 8.148   -4.918  1.475   1.00 0.00 ? 277 LEU A O    1 
ATOM 812  C CB   . LEU A 1 57 ? 6.232   -7.612  1.788   1.00 0.00 ? 277 LEU A CB   1 
ATOM 813  C CG   . LEU A 1 57 ? 7.107   -8.009  0.592   1.00 0.00 ? 277 LEU A CG   1 
ATOM 814  C CD1  . LEU A 1 57 ? 8.580   -7.840  0.929   1.00 0.00 ? 277 LEU A CD1  1 
ATOM 815  C CD2  . LEU A 1 57 ? 6.816   -9.442  0.173   1.00 0.00 ? 277 LEU A CD2  1 
ATOM 816  H H    . LEU A 1 57 ? 4.108   -6.201  1.568   1.00 0.00 ? 277 LEU A H    1 
ATOM 817  H HA   . LEU A 1 57 ? 6.511   -5.944  3.107   1.00 0.00 ? 277 LEU A HA   1 
ATOM 818  H HB2  . LEU A 1 57 ? 6.614   -8.117  2.663   1.00 0.00 ? 277 LEU A HB2  1 
ATOM 819  H HB3  . LEU A 1 57 ? 5.229   -7.967  1.601   1.00 0.00 ? 277 LEU A HB3  1 
ATOM 820  H HG   . LEU A 1 57 ? 6.878   -7.362  -0.242  1.00 0.00 ? 277 LEU A HG   1 
ATOM 821  H HD11 . LEU A 1 57 ? 8.988   -8.787  1.248   1.00 0.00 ? 277 LEU A HD11 1 
ATOM 822  H HD12 . LEU A 1 57 ? 8.687   -7.116  1.724   1.00 0.00 ? 277 LEU A HD12 1 
ATOM 823  H HD13 . LEU A 1 57 ? 9.113   -7.495  0.054   1.00 0.00 ? 277 LEU A HD13 1 
ATOM 824  H HD21 . LEU A 1 57 ? 7.164   -9.600  -0.837  1.00 0.00 ? 277 LEU A HD21 1 
ATOM 825  H HD22 . LEU A 1 57 ? 5.751   -9.622  0.220   1.00 0.00 ? 277 LEU A HD22 1 
ATOM 826  H HD23 . LEU A 1 57 ? 7.324   -10.122 0.841   1.00 0.00 ? 277 LEU A HD23 1 
ATOM 827  N N    . ARG A 1 58 ? 6.505   -5.050  -0.057  1.00 0.00 ? 278 ARG A N    1 
ATOM 828  C CA   . ARG A 1 58 ? 7.237   -4.292  -1.065  1.00 0.00 ? 278 ARG A CA   1 
ATOM 829  C C    . ARG A 1 58 ? 6.285   -3.665  -2.077  1.00 0.00 ? 278 ARG A C    1 
ATOM 830  O O    . ARG A 1 58 ? 5.175   -4.148  -2.291  1.00 0.00 ? 278 ARG A O    1 
ATOM 831  C CB   . ARG A 1 58 ? 8.254   -5.194  -1.777  1.00 0.00 ? 278 ARG A CB   1 
ATOM 832  C CG   . ARG A 1 58 ? 7.686   -5.949  -2.970  1.00 0.00 ? 278 ARG A CG   1 
ATOM 833  C CD   . ARG A 1 58 ? 8.509   -7.187  -3.291  1.00 0.00 ? 278 ARG A CD   1 
ATOM 834  N NE   . ARG A 1 58 ? 9.643   -6.881  -4.160  1.00 0.00 ? 278 ARG A NE   1 
ATOM 835  C CZ   . ARG A 1 58 ? 10.312  -7.798  -4.854  1.00 0.00 ? 278 ARG A CZ   1 
ATOM 836  N NH1  . ARG A 1 58 ? 9.964   -9.078  -4.786  1.00 0.00 ? 278 ARG A NH1  1 
ATOM 837  N NH2  . ARG A 1 58 ? 11.331  -7.437  -5.622  1.00 0.00 ? 278 ARG A NH2  1 
ATOM 838  H H    . ARG A 1 58 ? 5.608   -5.383  -0.267  1.00 0.00 ? 278 ARG A H    1 
ATOM 839  H HA   . ARG A 1 58 ? 7.769   -3.497  -0.566  1.00 0.00 ? 278 ARG A HA   1 
ATOM 840  H HB2  . ARG A 1 58 ? 9.074   -4.584  -2.125  1.00 0.00 ? 278 ARG A HB2  1 
ATOM 841  H HB3  . ARG A 1 58 ? 8.631   -5.916  -1.068  1.00 0.00 ? 278 ARG A HB3  1 
ATOM 842  H HG2  . ARG A 1 58 ? 6.674   -6.251  -2.744  1.00 0.00 ? 278 ARG A HG2  1 
ATOM 843  H HG3  . ARG A 1 58 ? 7.686   -5.292  -3.828  1.00 0.00 ? 278 ARG A HG3  1 
ATOM 844  H HD2  . ARG A 1 58 ? 8.880   -7.606  -2.367  1.00 0.00 ? 278 ARG A HD2  1 
ATOM 845  H HD3  . ARG A 1 58 ? 7.873   -7.908  -3.782  1.00 0.00 ? 278 ARG A HD3  1 
ATOM 846  H HE   . ARG A 1 58 ? 9.921   -5.944  -4.230  1.00 0.00 ? 278 ARG A HE   1 
ATOM 847  H HH11 . ARG A 1 58 ? 9.196   -9.357  -4.210  1.00 0.00 ? 278 ARG A HH11 1 
ATOM 848  H HH12 . ARG A 1 58 ? 10.471  -9.762  -5.310  1.00 0.00 ? 278 ARG A HH12 1 
ATOM 849  H HH21 . ARG A 1 58 ? 11.597  -6.475  -5.678  1.00 0.00 ? 278 ARG A HH21 1 
ATOM 850  H HH22 . ARG A 1 58 ? 11.834  -8.126  -6.144  1.00 0.00 ? 278 ARG A HH22 1 
ATOM 851  N N    . VAL A 1 59 ? 6.739   -2.583  -2.691  1.00 0.00 ? 279 VAL A N    1 
ATOM 852  C CA   . VAL A 1 59 ? 5.944   -1.874  -3.686  1.00 0.00 ? 279 VAL A CA   1 
ATOM 853  C C    . VAL A 1 59 ? 6.761   -1.607  -4.947  1.00 0.00 ? 279 VAL A C    1 
ATOM 854  O O    . VAL A 1 59 ? 7.829   -0.998  -4.890  1.00 0.00 ? 279 VAL A O    1 
ATOM 855  C CB   . VAL A 1 59 ? 5.413   -0.537  -3.131  1.00 0.00 ? 279 VAL A CB   1 
ATOM 856  C CG1  . VAL A 1 59 ? 6.563   0.388   -2.760  1.00 0.00 ? 279 VAL A CG1  1 
ATOM 857  C CG2  . VAL A 1 59 ? 4.483   0.130   -4.135  1.00 0.00 ? 279 VAL A CG2  1 
ATOM 858  H H    . VAL A 1 59 ? 7.636   -2.258  -2.469  1.00 0.00 ? 279 VAL A H    1 
ATOM 859  H HA   . VAL A 1 59 ? 5.099   -2.496  -3.941  1.00 0.00 ? 279 VAL A HA   1 
ATOM 860  H HB   . VAL A 1 59 ? 4.847   -0.744  -2.233  1.00 0.00 ? 279 VAL A HB   1 
ATOM 861  H HG11 . VAL A 1 59 ? 7.069   0.711   -3.658  1.00 0.00 ? 279 VAL A HG11 1 
ATOM 862  H HG12 . VAL A 1 59 ? 7.259   -0.140  -2.124  1.00 0.00 ? 279 VAL A HG12 1 
ATOM 863  H HG13 . VAL A 1 59 ? 6.178   1.248   -2.233  1.00 0.00 ? 279 VAL A HG13 1 
ATOM 864  H HG21 . VAL A 1 59 ? 3.457   -0.074  -3.866  1.00 0.00 ? 279 VAL A HG21 1 
ATOM 865  H HG22 . VAL A 1 59 ? 4.681   -0.260  -5.123  1.00 0.00 ? 279 VAL A HG22 1 
ATOM 866  H HG23 . VAL A 1 59 ? 4.652   1.197   -4.128  1.00 0.00 ? 279 VAL A HG23 1 
ATOM 867  N N    . ASN A 1 60 ? 6.253   -2.069  -6.085  1.00 0.00 ? 280 ASN A N    1 
ATOM 868  C CA   . ASN A 1 60 ? 6.933   -1.883  -7.357  1.00 0.00 ? 280 ASN A CA   1 
ATOM 869  C C    . ASN A 1 60 ? 8.323   -2.513  -7.325  1.00 0.00 ? 280 ASN A C    1 
ATOM 870  O O    . ASN A 1 60 ? 9.259   -2.010  -7.947  1.00 0.00 ? 280 ASN A O    1 
ATOM 871  C CB   . ASN A 1 60 ? 7.039   -0.395  -7.695  1.00 0.00 ? 280 ASN A CB   1 
ATOM 872  C CG   . ASN A 1 60 ? 7.022   -0.139  -9.190  1.00 0.00 ? 280 ASN A CG   1 
ATOM 873  O OD1  . ASN A 1 60 ? 5.973   0.138   -9.771  1.00 0.00 ? 280 ASN A OD1  1 
ATOM 874  N ND2  . ASN A 1 60 ? 8.188   -0.227  -9.818  1.00 0.00 ? 280 ASN A ND2  1 
ATOM 875  H H    . ASN A 1 60 ? 5.400   -2.548  -6.071  1.00 0.00 ? 280 ASN A H    1 
ATOM 876  H HA   . ASN A 1 60 ? 6.345   -2.375  -8.114  1.00 0.00 ? 280 ASN A HA   1 
ATOM 877  H HB2  . ASN A 1 60 ? 6.208   0.129   -7.249  1.00 0.00 ? 280 ASN A HB2  1 
ATOM 878  H HB3  . ASN A 1 60 ? 7.963   -0.006  -7.292  1.00 0.00 ? 280 ASN A HB3  1 
ATOM 879  H HD21 . ASN A 1 60 ? 8.983   -0.451  -9.291  1.00 0.00 ? 280 ASN A HD21 1 
ATOM 880  H HD22 . ASN A 1 60 ? 8.207   -0.067  -10.785 1.00 0.00 ? 280 ASN A HD22 1 
ATOM 881  N N    . GLU A 1 61 ? 8.448   -3.617  -6.589  1.00 0.00 ? 281 GLU A N    1 
ATOM 882  C CA   . GLU A 1 61 ? 9.719   -4.329  -6.459  1.00 0.00 ? 281 GLU A CA   1 
ATOM 883  C C    . GLU A 1 61 ? 10.653  -3.636  -5.464  1.00 0.00 ? 281 GLU A C    1 
ATOM 884  O O    . GLU A 1 61 ? 11.754  -4.120  -5.199  1.00 0.00 ? 281 GLU A O    1 
ATOM 885  C CB   . GLU A 1 61 ? 10.409  -4.457  -7.822  1.00 0.00 ? 281 GLU A CB   1 
ATOM 886  C CG   . GLU A 1 61 ? 10.998  -5.836  -8.079  1.00 0.00 ? 281 GLU A CG   1 
ATOM 887  C CD   . GLU A 1 61 ? 11.091  -6.163  -9.556  1.00 0.00 ? 281 GLU A CD   1 
ATOM 888  O OE1  . GLU A 1 61 ? 11.070  -5.221  -10.376 1.00 0.00 ? 281 GLU A OE1  1 
ATOM 889  O OE2  . GLU A 1 61 ? 11.186  -7.362  -9.893  1.00 0.00 ? 281 GLU A OE2  1 
ATOM 890  H H    . GLU A 1 61 ? 7.660   -3.962  -6.117  1.00 0.00 ? 281 GLU A H    1 
ATOM 891  H HA   . GLU A 1 61 ? 9.500   -5.321  -6.088  1.00 0.00 ? 281 GLU A HA   1 
ATOM 892  H HB2  . GLU A 1 61 ? 9.688   -4.249  -8.598  1.00 0.00 ? 281 GLU A HB2  1 
ATOM 893  H HB3  . GLU A 1 61 ? 11.207  -3.732  -7.880  1.00 0.00 ? 281 GLU A HB3  1 
ATOM 894  H HG2  . GLU A 1 61 ? 11.991  -5.873  -7.655  1.00 0.00 ? 281 GLU A HG2  1 
ATOM 895  H HG3  . GLU A 1 61 ? 10.374  -6.575  -7.599  1.00 0.00 ? 281 GLU A HG3  1 
ATOM 896  N N    . ALA A 1 62 ? 10.212  -2.506  -4.915  1.00 0.00 ? 282 ALA A N    1 
ATOM 897  C CA   . ALA A 1 62 ? 11.015  -1.762  -3.953  1.00 0.00 ? 282 ALA A CA   1 
ATOM 898  C C    . ALA A 1 62 ? 10.282  -1.614  -2.625  1.00 0.00 ? 282 ALA A C    1 
ATOM 899  O O    . ALA A 1 62 ? 9.075   -1.369  -2.593  1.00 0.00 ? 282 ALA A O    1 
ATOM 900  C CB   . ALA A 1 62 ? 11.377  -0.394  -4.512  1.00 0.00 ? 282 ALA A CB   1 
ATOM 901  H H    . ALA A 1 62 ? 9.328   -2.166  -5.158  1.00 0.00 ? 282 ALA A H    1 
ATOM 902  H HA   . ALA A 1 62 ? 11.932  -2.310  -3.786  1.00 0.00 ? 282 ALA A HA   1 
ATOM 903  H HB1  . ALA A 1 62 ? 10.612  -0.074  -5.202  1.00 0.00 ? 282 ALA A HB1  1 
ATOM 904  H HB2  . ALA A 1 62 ? 12.325  -0.456  -5.027  1.00 0.00 ? 282 ALA A HB2  1 
ATOM 905  H HB3  . ALA A 1 62 ? 11.453  0.318   -3.703  1.00 0.00 ? 282 ALA A HB3  1 
ATOM 906  N N    . ASP A 1 63 ? 11.015  -1.775  -1.528  1.00 0.00 ? 283 ASP A N    1 
ATOM 907  C CA   . ASP A 1 63 ? 10.458  -1.673  -0.204  1.00 0.00 ? 283 ASP A CA   1 
ATOM 908  C C    . ASP A 1 63 ? 10.264  -0.215  0.204   1.00 0.00 ? 283 ASP A C    1 
ATOM 909  O O    . ASP A 1 63 ? 11.226  0.546   0.301   1.00 0.00 ? 283 ASP A O    1 
ATOM 910  C CB   . ASP A 1 63 ? 11.433  -2.356  0.727   1.00 0.00 ? 283 ASP A CB   1 
ATOM 911  C CG   . ASP A 1 63 ? 10.911  -2.494  2.144   1.00 0.00 ? 283 ASP A CG   1 
ATOM 912  O OD1  . ASP A 1 63 ? 9.687   -2.349  2.342   1.00 0.00 ? 283 ASP A OD1  1 
ATOM 913  O OD2  . ASP A 1 63 ? 11.727  -2.747  3.055   1.00 0.00 ? 283 ASP A OD2  1 
ATOM 914  H H    . ASP A 1 63 ? 11.970  -1.984  -1.603  1.00 0.00 ? 283 ASP A H    1 
ATOM 915  H HA   . ASP A 1 63 ? 9.512   -2.192  -0.181  1.00 0.00 ? 283 ASP A HA   1 
ATOM 916  H HB2  . ASP A 1 63 ? 11.649  -3.334  0.331   1.00 0.00 ? 283 ASP A HB2  1 
ATOM 917  H HB3  . ASP A 1 63 ? 12.344  -1.781  0.740   1.00 0.00 ? 283 ASP A HB3  1 
ATOM 918  N N    . VAL A 1 64 ? 9.012   0.167   0.438   1.00 0.00 ? 284 VAL A N    1 
ATOM 919  C CA   . VAL A 1 64 ? 8.692   1.534   0.833   1.00 0.00 ? 284 VAL A CA   1 
ATOM 920  C C    . VAL A 1 64 ? 8.538   1.651   2.349   1.00 0.00 ? 284 VAL A C    1 
ATOM 921  O O    . VAL A 1 64 ? 7.627   2.312   2.844   1.00 0.00 ? 284 VAL A O    1 
ATOM 922  C CB   . VAL A 1 64 ? 7.400   2.025   0.146   1.00 0.00 ? 284 VAL A CB   1 
ATOM 923  C CG1  . VAL A 1 64 ? 6.209   1.177   0.570   1.00 0.00 ? 284 VAL A CG1  1 
ATOM 924  C CG2  . VAL A 1 64 ? 7.157   3.497   0.448   1.00 0.00 ? 284 VAL A CG2  1 
ATOM 925  H H    . VAL A 1 64 ? 8.287   -0.486  0.343   1.00 0.00 ? 284 VAL A H    1 
ATOM 926  H HA   . VAL A 1 64 ? 9.506   2.169   0.515   1.00 0.00 ? 284 VAL A HA   1 
ATOM 927  H HB   . VAL A 1 64 ? 7.524   1.916   -0.922  1.00 0.00 ? 284 VAL A HB   1 
ATOM 928  H HG11 . VAL A 1 64 ? 5.303   1.602   0.165   1.00 0.00 ? 284 VAL A HG11 1 
ATOM 929  H HG12 . VAL A 1 64 ? 6.147   1.155   1.648   1.00 0.00 ? 284 VAL A HG12 1 
ATOM 930  H HG13 . VAL A 1 64 ? 6.333   0.170   0.198   1.00 0.00 ? 284 VAL A HG13 1 
ATOM 931  H HG21 . VAL A 1 64 ? 7.840   3.826   1.218   1.00 0.00 ? 284 VAL A HG21 1 
ATOM 932  H HG22 . VAL A 1 64 ? 6.140   3.634   0.787   1.00 0.00 ? 284 VAL A HG22 1 
ATOM 933  H HG23 . VAL A 1 64 ? 7.318   4.078   -0.447  1.00 0.00 ? 284 VAL A HG23 1 
ATOM 934  N N    . ARG A 1 65 ? 9.440   1.002   3.080   1.00 0.00 ? 285 ARG A N    1 
ATOM 935  C CA   . ARG A 1 65 ? 9.411   1.029   4.534   1.00 0.00 ? 285 ARG A CA   1 
ATOM 936  C C    . ARG A 1 65 ? 10.250  2.182   5.075   1.00 0.00 ? 285 ARG A C    1 
ATOM 937  O O    . ARG A 1 65 ? 10.420  2.347   6.282   1.00 0.00 ? 285 ARG A O    1 
ATOM 938  C CB   . ARG A 1 65 ? 9.918   -0.313  5.053   1.00 0.00 ? 285 ARG A CB   1 
ATOM 939  C CG   . ARG A 1 65 ? 10.374  -0.309  6.502   1.00 0.00 ? 285 ARG A CG   1 
ATOM 940  C CD   . ARG A 1 65 ? 11.852  0.030   6.602   1.00 0.00 ? 285 ARG A CD   1 
ATOM 941  N NE   . ARG A 1 65 ? 12.567  -0.886  7.487   1.00 0.00 ? 285 ARG A NE   1 
ATOM 942  C CZ   . ARG A 1 65 ? 12.611  -0.754  8.812   1.00 0.00 ? 285 ARG A CZ   1 
ATOM 943  N NH1  . ARG A 1 65 ? 11.976  0.247   9.409   1.00 0.00 ? 285 ARG A NH1  1 
ATOM 944  N NH2  . ARG A 1 65 ? 13.290  -1.628  9.543   1.00 0.00 ? 285 ARG A NH2  1 
ATOM 945  H H    . ARG A 1 65 ? 10.145  0.490   2.636   1.00 0.00 ? 285 ARG A H    1 
ATOM 946  H HA   . ARG A 1 65 ? 8.399   1.177   4.836   1.00 0.00 ? 285 ARG A HA   1 
ATOM 947  H HB2  . ARG A 1 65 ? 9.136   -1.045  4.941   1.00 0.00 ? 285 ARG A HB2  1 
ATOM 948  H HB3  . ARG A 1 65 ? 10.758  -0.604  4.438   1.00 0.00 ? 285 ARG A HB3  1 
ATOM 949  H HG2  . ARG A 1 65 ? 9.803   0.423   7.051   1.00 0.00 ? 285 ARG A HG2  1 
ATOM 950  H HG3  . ARG A 1 65 ? 10.209  -1.291  6.924   1.00 0.00 ? 285 ARG A HG3  1 
ATOM 951  H HD2  . ARG A 1 65 ? 12.284  -0.027  5.612   1.00 0.00 ? 285 ARG A HD2  1 
ATOM 952  H HD3  . ARG A 1 65 ? 11.954  1.035   6.980   1.00 0.00 ? 285 ARG A HD3  1 
ATOM 953  H HE   . ARG A 1 65 ? 13.042  -1.637  7.074   1.00 0.00 ? 285 ARG A HE   1 
ATOM 954  H HH11 . ARG A 1 65 ? 11.459  0.908   8.866   1.00 0.00 ? 285 ARG A HH11 1 
ATOM 955  H HH12 . ARG A 1 65 ? 12.013  0.339   10.404  1.00 0.00 ? 285 ARG A HH12 1 
ATOM 956  H HH21 . ARG A 1 65 ? 13.769  -2.386  9.099   1.00 0.00 ? 285 ARG A HH21 1 
ATOM 957  H HH22 . ARG A 1 65 ? 13.324  -1.528  10.538  1.00 0.00 ? 285 ARG A HH22 1 
ATOM 958  N N    . ASP A 1 66 ? 10.756  2.974   4.159   1.00 0.00 ? 286 ASP A N    1 
ATOM 959  C CA   . ASP A 1 66 ? 11.578  4.126   4.498   1.00 0.00 ? 286 ASP A CA   1 
ATOM 960  C C    . ASP A 1 66 ? 10.943  5.415   3.987   1.00 0.00 ? 286 ASP A C    1 
ATOM 961  O O    . ASP A 1 66 ? 11.521  6.122   3.161   1.00 0.00 ? 286 ASP A O    1 
ATOM 962  C CB   . ASP A 1 66 ? 12.984  3.966   3.916   1.00 0.00 ? 286 ASP A CB   1 
ATOM 963  C CG   . ASP A 1 66 ? 14.019  4.772   4.674   1.00 0.00 ? 286 ASP A CG   1 
ATOM 964  O OD1  . ASP A 1 66 ? 14.494  4.290   5.725   1.00 0.00 ? 286 ASP A OD1  1 
ATOM 965  O OD2  . ASP A 1 66 ? 14.356  5.885   4.218   1.00 0.00 ? 286 ASP A OD2  1 
ATOM 966  H H    . ASP A 1 66 ? 10.561  2.778   3.229   1.00 0.00 ? 286 ASP A H    1 
ATOM 967  H HA   . ASP A 1 66 ? 11.647  4.176   5.572   1.00 0.00 ? 286 ASP A HA   1 
ATOM 968  H HB2  . ASP A 1 66 ? 13.266  2.924   3.956   1.00 0.00 ? 286 ASP A HB2  1 
ATOM 969  H HB3  . ASP A 1 66 ? 12.980  4.295   2.887   1.00 0.00 ? 286 ASP A HB3  1 
ATOM 970  N N    . VAL A 1 67 ? 9.748   5.712   4.483   1.00 0.00 ? 287 VAL A N    1 
ATOM 971  C CA   . VAL A 1 67 ? 9.029   6.914   4.079   1.00 0.00 ? 287 VAL A CA   1 
ATOM 972  C C    . VAL A 1 67 ? 8.282   7.530   5.247   1.00 0.00 ? 287 VAL A C    1 
ATOM 973  O O    . VAL A 1 67 ? 8.233   6.972   6.343   1.00 0.00 ? 287 VAL A O    1 
ATOM 974  C CB   . VAL A 1 67 ? 7.988   6.622   2.978   1.00 0.00 ? 287 VAL A CB   1 
ATOM 975  C CG1  . VAL A 1 67 ? 8.599   6.718   1.596   1.00 0.00 ? 287 VAL A CG1  1 
ATOM 976  C CG2  . VAL A 1 67 ? 7.341   5.265   3.192   1.00 0.00 ? 287 VAL A CG2  1 
ATOM 977  H H    . VAL A 1 67 ? 9.339   5.109   5.137   1.00 0.00 ? 287 VAL A H    1 
ATOM 978  H HA   . VAL A 1 67 ? 9.743   7.626   3.695   1.00 0.00 ? 287 VAL A HA   1 
ATOM 979  H HB   . VAL A 1 67 ? 7.213   7.371   3.048   1.00 0.00 ? 287 VAL A HB   1 
ATOM 980  H HG11 . VAL A 1 67 ? 8.866   5.732   1.251   1.00 0.00 ? 287 VAL A HG11 1 
ATOM 981  H HG12 . VAL A 1 67 ? 9.480   7.340   1.634   1.00 0.00 ? 287 VAL A HG12 1 
ATOM 982  H HG13 . VAL A 1 67 ? 7.875   7.155   0.921   1.00 0.00 ? 287 VAL A HG13 1 
ATOM 983  H HG21 . VAL A 1 67 ? 8.107   4.507   3.272   1.00 0.00 ? 287 VAL A HG21 1 
ATOM 984  H HG22 . VAL A 1 67 ? 6.693   5.042   2.359   1.00 0.00 ? 287 VAL A HG22 1 
ATOM 985  H HG23 . VAL A 1 67 ? 6.759   5.287   4.103   1.00 0.00 ? 287 VAL A HG23 1 
ATOM 986  N N    . THR A 1 68 ? 7.662   8.665   4.975   1.00 0.00 ? 288 THR A N    1 
ATOM 987  C CA   . THR A 1 68 ? 6.858   9.359   5.962   1.00 0.00 ? 288 THR A CA   1 
ATOM 988  C C    . THR A 1 68 ? 5.391   9.112   5.633   1.00 0.00 ? 288 THR A C    1 
ATOM 989  O O    . THR A 1 68 ? 5.053   8.071   5.069   1.00 0.00 ? 288 THR A O    1 
ATOM 990  C CB   . THR A 1 68 ? 7.177   10.861  5.973   1.00 0.00 ? 288 THR A CB   1 
ATOM 991  O OG1  . THR A 1 68 ? 6.405   11.552  5.002   1.00 0.00 ? 288 THR A OG1  1 
ATOM 992  C CG2  . THR A 1 68 ? 8.639   11.169  5.712   1.00 0.00 ? 288 THR A CG2  1 
ATOM 993  H H    . THR A 1 68 ? 7.717   9.030   4.070   1.00 0.00 ? 288 THR A H    1 
ATOM 994  H HA   . THR A 1 68 ? 7.076   8.938   6.929   1.00 0.00 ? 288 THR A HA   1 
ATOM 995  H HB   . THR A 1 68 ? 6.927   11.259  6.946   1.00 0.00 ? 288 THR A HB   1 
ATOM 996  H HG1  . THR A 1 68 ? 6.874   11.569  4.164   1.00 0.00 ? 288 THR A HG1  1 
ATOM 997  H HG21 . THR A 1 68 ? 8.810   12.228  5.838   1.00 0.00 ? 288 THR A HG21 1 
ATOM 998  H HG22 . THR A 1 68 ? 8.894   10.880  4.704   1.00 0.00 ? 288 THR A HG22 1 
ATOM 999  H HG23 . THR A 1 68 ? 9.253   10.619  6.409   1.00 0.00 ? 288 THR A HG23 1 
ATOM 1000 N N    . HIS A 1 69 ? 4.521   10.054  5.958   1.00 0.00 ? 289 HIS A N    1 
ATOM 1001 C CA   . HIS A 1 69 ? 3.111   9.889   5.654   1.00 0.00 ? 289 HIS A CA   1 
ATOM 1002 C C    . HIS A 1 69 ? 2.815   10.411  4.261   1.00 0.00 ? 289 HIS A C    1 
ATOM 1003 O O    . HIS A 1 69 ? 2.139   9.754   3.473   1.00 0.00 ? 289 HIS A O    1 
ATOM 1004 C CB   . HIS A 1 69 ? 2.250   10.615  6.685   1.00 0.00 ? 289 HIS A CB   1 
ATOM 1005 C CG   . HIS A 1 69 ? 0.880   10.030  6.840   1.00 0.00 ? 289 HIS A CG   1 
ATOM 1006 N ND1  . HIS A 1 69 ? -0.219  10.775  7.213   1.00 0.00 ? 289 HIS A ND1  1 
ATOM 1007 C CD2  . HIS A 1 69 ? 0.430   8.765   6.662   1.00 0.00 ? 289 HIS A CD2  1 
ATOM 1008 C CE1  . HIS A 1 69 ? -1.283  9.994   7.260   1.00 0.00 ? 289 HIS A CE1  1 
ATOM 1009 N NE2  . HIS A 1 69 ? -0.917  8.769   6.929   1.00 0.00 ? 289 HIS A NE2  1 
ATOM 1010 H H    . HIS A 1 69 ? 4.830   10.873  6.396   1.00 0.00 ? 289 HIS A H    1 
ATOM 1011 H HA   . HIS A 1 69 ? 2.890   8.832   5.675   1.00 0.00 ? 289 HIS A HA   1 
ATOM 1012 H HB2  . HIS A 1 69 ? 2.741   10.576  7.645   1.00 0.00 ? 289 HIS A HB2  1 
ATOM 1013 H HB3  . HIS A 1 69 ? 2.138   11.649  6.386   1.00 0.00 ? 289 HIS A HB3  1 
ATOM 1014 H HD1  . HIS A 1 69 ? -0.217  11.735  7.415   1.00 0.00 ? 289 HIS A HD1  1 
ATOM 1015 H HD2  . HIS A 1 69 ? 1.023   7.911   6.366   1.00 0.00 ? 289 HIS A HD2  1 
ATOM 1016 H HE1  . HIS A 1 69 ? -2.283  10.305  7.522   1.00 0.00 ? 289 HIS A HE1  1 
ATOM 1017 H HE2  . HIS A 1 69 ? -1.532  8.029   6.750   1.00 0.00 ? 289 HIS A HE2  1 
ATOM 1018 N N    . SER A 1 70 ? 3.337   11.589  3.961   1.00 0.00 ? 290 SER A N    1 
ATOM 1019 C CA   . SER A 1 70 ? 3.135   12.197  2.657   1.00 0.00 ? 290 SER A CA   1 
ATOM 1020 C C    . SER A 1 70 ? 4.015   11.535  1.602   1.00 0.00 ? 290 SER A C    1 
ATOM 1021 O O    . SER A 1 70 ? 3.756   11.657  0.405   1.00 0.00 ? 290 SER A O    1 
ATOM 1022 C CB   . SER A 1 70 ? 3.423   13.699  2.716   1.00 0.00 ? 290 SER A CB   1 
ATOM 1023 O OG   . SER A 1 70 ? 2.632   14.406  1.774   1.00 0.00 ? 290 SER A OG   1 
ATOM 1024 H H    . SER A 1 70 ? 3.872   12.057  4.632   1.00 0.00 ? 290 SER A H    1 
ATOM 1025 H HA   . SER A 1 70 ? 2.107   12.046  2.386   1.00 0.00 ? 290 SER A HA   1 
ATOM 1026 H HB2  . SER A 1 70 ? 3.199   14.068  3.704   1.00 0.00 ? 290 SER A HB2  1 
ATOM 1027 H HB3  . SER A 1 70 ? 4.466   13.872  2.494   1.00 0.00 ? 290 SER A HB3  1 
ATOM 1028 H HG   . SER A 1 70 ? 1.719   14.419  2.069   1.00 0.00 ? 290 SER A HG   1 
ATOM 1029 N N    . LYS A 1 71 ? 5.046   10.823  2.047   1.00 0.00 ? 291 LYS A N    1 
ATOM 1030 C CA   . LYS A 1 71 ? 5.939   10.143  1.134   1.00 0.00 ? 291 LYS A CA   1 
ATOM 1031 C C    . LYS A 1 71 ? 5.327   8.818   0.701   1.00 0.00 ? 291 LYS A C    1 
ATOM 1032 O O    . LYS A 1 71 ? 5.391   8.445   -0.469  1.00 0.00 ? 291 LYS A O    1 
ATOM 1033 C CB   . LYS A 1 71 ? 7.301   9.919   1.789   1.00 0.00 ? 291 LYS A CB   1 
ATOM 1034 C CG   . LYS A 1 71 ? 8.440   10.633  1.084   1.00 0.00 ? 291 LYS A CG   1 
ATOM 1035 C CD   . LYS A 1 71 ? 9.721   9.816   1.126   1.00 0.00 ? 291 LYS A CD   1 
ATOM 1036 C CE   . LYS A 1 71 ? 10.953  10.703  1.028   1.00 0.00 ? 291 LYS A CE   1 
ATOM 1037 N NZ   . LYS A 1 71 ? 11.584  10.629  -0.319  1.00 0.00 ? 291 LYS A NZ   1 
ATOM 1038 H H    . LYS A 1 71 ? 5.207   10.748  3.006   1.00 0.00 ? 291 LYS A H    1 
ATOM 1039 H HA   . LYS A 1 71 ? 6.062   10.769  0.271   1.00 0.00 ? 291 LYS A HA   1 
ATOM 1040 H HB2  . LYS A 1 71 ? 7.258   10.281  2.805   1.00 0.00 ? 291 LYS A HB2  1 
ATOM 1041 H HB3  . LYS A 1 71 ? 7.516   8.864   1.801   1.00 0.00 ? 291 LYS A HB3  1 
ATOM 1042 H HG2  . LYS A 1 71 ? 8.163   10.799  0.053   1.00 0.00 ? 291 LYS A HG2  1 
ATOM 1043 H HG3  . LYS A 1 71 ? 8.612   11.581  1.570   1.00 0.00 ? 291 LYS A HG3  1 
ATOM 1044 H HD2  . LYS A 1 71 ? 9.758   9.269   2.056   1.00 0.00 ? 291 LYS A HD2  1 
ATOM 1045 H HD3  . LYS A 1 71 ? 9.721   9.122   0.297   1.00 0.00 ? 291 LYS A HD3  1 
ATOM 1046 H HE2  . LYS A 1 71 ? 10.662  11.724  1.223   1.00 0.00 ? 291 LYS A HE2  1 
ATOM 1047 H HE3  . LYS A 1 71 ? 11.669  10.384  1.770   1.00 0.00 ? 291 LYS A HE3  1 
ATOM 1048 H HZ1  . LYS A 1 71 ? 11.626  9.640   -0.640  1.00 0.00 ? 291 LYS A HZ1  1 
ATOM 1049 H HZ2  . LYS A 1 71 ? 12.550  11.011  -0.282  1.00 0.00 ? 291 LYS A HZ2  1 
ATOM 1050 H HZ3  . LYS A 1 71 ? 11.031  11.181  -1.004  1.00 0.00 ? 291 LYS A HZ3  1 
ATOM 1051 N N    . ALA A 1 72 ? 4.722   8.119   1.655   1.00 0.00 ? 292 ALA A N    1 
ATOM 1052 C CA   . ALA A 1 72 ? 4.081   6.842   1.372   1.00 0.00 ? 292 ALA A CA   1 
ATOM 1053 C C    . ALA A 1 72 ? 2.942   7.015   0.377   1.00 0.00 ? 292 ALA A C    1 
ATOM 1054 O O    . ALA A 1 72 ? 2.783   6.209   -0.541  1.00 0.00 ? 292 ALA A O    1 
ATOM 1055 C CB   . ALA A 1 72 ? 3.574   6.206   2.658   1.00 0.00 ? 292 ALA A CB   1 
ATOM 1056 H H    . ALA A 1 72 ? 4.700   8.474   2.571   1.00 0.00 ? 292 ALA A H    1 
ATOM 1057 H HA   . ALA A 1 72 ? 4.820   6.189   0.940   1.00 0.00 ? 292 ALA A HA   1 
ATOM 1058 H HB1  . ALA A 1 72 ? 4.335   5.556   3.064   1.00 0.00 ? 292 ALA A HB1  1 
ATOM 1059 H HB2  . ALA A 1 72 ? 2.683   5.631   2.448   1.00 0.00 ? 292 ALA A HB2  1 
ATOM 1060 H HB3  . ALA A 1 72 ? 3.340   6.978   3.376   1.00 0.00 ? 292 ALA A HB3  1 
ATOM 1061 N N    . VAL A 1 73 ? 2.155   8.072   0.553   1.00 0.00 ? 293 VAL A N    1 
ATOM 1062 C CA   . VAL A 1 73 ? 1.043   8.344   -0.336  1.00 0.00 ? 293 VAL A CA   1 
ATOM 1063 C C    . VAL A 1 73 ? 1.534   8.566   -1.758  1.00 0.00 ? 293 VAL A C    1 
ATOM 1064 O O    . VAL A 1 73 ? 0.886   8.166   -2.725  1.00 0.00 ? 293 VAL A O    1 
ATOM 1065 C CB   . VAL A 1 73 ? 0.252   9.584   0.114   1.00 0.00 ? 293 VAL A CB   1 
ATOM 1066 C CG1  . VAL A 1 73 ? -1.131  9.562   -0.494  1.00 0.00 ? 293 VAL A CG1  1 
ATOM 1067 C CG2  . VAL A 1 73 ? 0.168   9.668   1.629   1.00 0.00 ? 293 VAL A CG2  1 
ATOM 1068 H H    . VAL A 1 73 ? 2.328   8.685   1.293   1.00 0.00 ? 293 VAL A H    1 
ATOM 1069 H HA   . VAL A 1 73 ? 0.382   7.491   -0.321  1.00 0.00 ? 293 VAL A HA   1 
ATOM 1070 H HB   . VAL A 1 73 ? 0.767   10.463  -0.247  1.00 0.00 ? 293 VAL A HB   1 
ATOM 1071 H HG11 . VAL A 1 73 ? -1.798  10.149  0.116   1.00 0.00 ? 293 VAL A HG11 1 
ATOM 1072 H HG12 . VAL A 1 73 ? -1.479  8.542   -0.534  1.00 0.00 ? 293 VAL A HG12 1 
ATOM 1073 H HG13 . VAL A 1 73 ? -1.091  9.972   -1.490  1.00 0.00 ? 293 VAL A HG13 1 
ATOM 1074 H HG21 . VAL A 1 73 ? -0.860  9.819   1.928   1.00 0.00 ? 293 VAL A HG21 1 
ATOM 1075 H HG22 . VAL A 1 73 ? 0.767   10.499  1.974   1.00 0.00 ? 293 VAL A HG22 1 
ATOM 1076 H HG23 . VAL A 1 73 ? 0.538   8.753   2.064   1.00 0.00 ? 293 VAL A HG23 1 
ATOM 1077 N N    . GLU A 1 74 ? 2.686   9.213   -1.875  1.00 0.00 ? 294 GLU A N    1 
ATOM 1078 C CA   . GLU A 1 74 ? 3.275   9.496   -3.171  1.00 0.00 ? 294 GLU A CA   1 
ATOM 1079 C C    . GLU A 1 74 ? 4.093   8.310   -3.671  1.00 0.00 ? 294 GLU A C    1 
ATOM 1080 O O    . GLU A 1 74 ? 4.210   8.087   -4.874  1.00 0.00 ? 294 GLU A O    1 
ATOM 1081 C CB   . GLU A 1 74 ? 4.160   10.741  -3.091  1.00 0.00 ? 294 GLU A CB   1 
ATOM 1082 C CG   . GLU A 1 74 ? 3.383   12.027  -2.869  1.00 0.00 ? 294 GLU A CG   1 
ATOM 1083 C CD   . GLU A 1 74 ? 2.862   12.625  -4.162  1.00 0.00 ? 294 GLU A CD   1 
ATOM 1084 O OE1  . GLU A 1 74 ? 1.959   12.017  -4.775  1.00 0.00 ? 294 GLU A OE1  1 
ATOM 1085 O OE2  . GLU A 1 74 ? 3.358   13.699  -4.562  1.00 0.00 ? 294 GLU A OE2  1 
ATOM 1086 H H    . GLU A 1 74 ? 3.147   9.509   -1.067  1.00 0.00 ? 294 GLU A H    1 
ATOM 1087 H HA   . GLU A 1 74 ? 2.471   9.682   -3.859  1.00 0.00 ? 294 GLU A HA   1 
ATOM 1088 H HB2  . GLU A 1 74 ? 4.857   10.620  -2.274  1.00 0.00 ? 294 GLU A HB2  1 
ATOM 1089 H HB3  . GLU A 1 74 ? 4.714   10.834  -4.014  1.00 0.00 ? 294 GLU A HB3  1 
ATOM 1090 H HG2  . GLU A 1 74 ? 2.544   11.820  -2.224  1.00 0.00 ? 294 GLU A HG2  1 
ATOM 1091 H HG3  . GLU A 1 74 ? 4.033   12.748  -2.392  1.00 0.00 ? 294 GLU A HG3  1 
ATOM 1092 N N    . ALA A 1 75 ? 4.665   7.552   -2.741  1.00 0.00 ? 295 ALA A N    1 
ATOM 1093 C CA   . ALA A 1 75 ? 5.480   6.395   -3.096  1.00 0.00 ? 295 ALA A CA   1 
ATOM 1094 C C    . ALA A 1 75 ? 4.697   5.400   -3.939  1.00 0.00 ? 295 ALA A C    1 
ATOM 1095 O O    . ALA A 1 75 ? 5.267   4.674   -4.754  1.00 0.00 ? 295 ALA A O    1 
ATOM 1096 C CB   . ALA A 1 75 ? 6.025   5.724   -1.845  1.00 0.00 ? 295 ALA A CB   1 
ATOM 1097 H H    . ALA A 1 75 ? 4.540   7.780   -1.795  1.00 0.00 ? 295 ALA A H    1 
ATOM 1098 H HA   . ALA A 1 75 ? 6.312   6.751   -3.676  1.00 0.00 ? 295 ALA A HA   1 
ATOM 1099 H HB1  . ALA A 1 75 ? 5.350   5.898   -1.020  1.00 0.00 ? 295 ALA A HB1  1 
ATOM 1100 H HB2  . ALA A 1 75 ? 6.995   6.135   -1.609  1.00 0.00 ? 295 ALA A HB2  1 
ATOM 1101 H HB3  . ALA A 1 75 ? 6.116   4.662   -2.017  1.00 0.00 ? 295 ALA A HB3  1 
ATOM 1102 N N    . LEU A 1 76 ? 3.390   5.383   -3.748  1.00 0.00 ? 296 LEU A N    1 
ATOM 1103 C CA   . LEU A 1 76 ? 2.520   4.497   -4.491  1.00 0.00 ? 296 LEU A CA   1 
ATOM 1104 C C    . LEU A 1 76 ? 1.991   5.205   -5.718  1.00 0.00 ? 296 LEU A C    1 
ATOM 1105 O O    . LEU A 1 76 ? 2.151   4.747   -6.848  1.00 0.00 ? 296 LEU A O    1 
ATOM 1106 C CB   . LEU A 1 76 ? 1.348   4.036   -3.628  1.00 0.00 ? 296 LEU A CB   1 
ATOM 1107 C CG   . LEU A 1 76 ? 0.685   5.115   -2.762  1.00 0.00 ? 296 LEU A CG   1 
ATOM 1108 C CD1  . LEU A 1 76 ? -0.727  5.401   -3.253  1.00 0.00 ? 296 LEU A CD1  1 
ATOM 1109 C CD2  . LEU A 1 76 ? 0.662   4.689   -1.305  1.00 0.00 ? 296 LEU A CD2  1 
ATOM 1110 H H    . LEU A 1 76 ? 3.001   5.987   -3.100  1.00 0.00 ? 296 LEU A H    1 
ATOM 1111 H HA   . LEU A 1 76 ? 3.098   3.647   -4.796  1.00 0.00 ? 296 LEU A HA   1 
ATOM 1112 H HB2  . LEU A 1 76 ? 0.598   3.634   -4.285  1.00 0.00 ? 296 LEU A HB2  1 
ATOM 1113 H HB3  . LEU A 1 76 ? 1.699   3.252   -2.980  1.00 0.00 ? 296 LEU A HB3  1 
ATOM 1114 H HG   . LEU A 1 76 ? 1.249   6.028   -2.833  1.00 0.00 ? 296 LEU A HG   1 
ATOM 1115 H HD11 . LEU A 1 76 ? -0.703  6.220   -3.958  1.00 0.00 ? 296 LEU A HD11 1 
ATOM 1116 H HD12 . LEU A 1 76 ? -1.353  5.667   -2.414  1.00 0.00 ? 296 LEU A HD12 1 
ATOM 1117 H HD13 . LEU A 1 76 ? -1.126  4.522   -3.735  1.00 0.00 ? 296 LEU A HD13 1 
ATOM 1118 H HD21 . LEU A 1 76 ? 1.640   4.337   -1.019  1.00 0.00 ? 296 LEU A HD21 1 
ATOM 1119 H HD22 . LEU A 1 76 ? -0.060  3.898   -1.172  1.00 0.00 ? 296 LEU A HD22 1 
ATOM 1120 H HD23 . LEU A 1 76 ? 0.388   5.533   -0.690  1.00 0.00 ? 296 LEU A HD23 1 
ATOM 1121 N N    . LYS A 1 77 ? 1.369   6.340   -5.470  1.00 0.00 ? 297 LYS A N    1 
ATOM 1122 C CA   . LYS A 1 77 ? 0.808   7.162   -6.523  1.00 0.00 ? 297 LYS A CA   1 
ATOM 1123 C C    . LYS A 1 77 ? 1.846   7.430   -7.595  1.00 0.00 ? 297 LYS A C    1 
ATOM 1124 O O    . LYS A 1 77 ? 1.574   7.340   -8.792  1.00 0.00 ? 297 LYS A O    1 
ATOM 1125 C CB   . LYS A 1 77 ? 0.330   8.486   -5.928  1.00 0.00 ? 297 LYS A CB   1 
ATOM 1126 C CG   . LYS A 1 77 ? -0.766  9.150   -6.732  1.00 0.00 ? 297 LYS A CG   1 
ATOM 1127 C CD   . LYS A 1 77 ? -1.937  8.209   -6.898  1.00 0.00 ? 297 LYS A CD   1 
ATOM 1128 C CE   . LYS A 1 77 ? -2.640  8.414   -8.231  1.00 0.00 ? 297 LYS A CE   1 
ATOM 1129 N NZ   . LYS A 1 77 ? -3.372  9.709   -8.278  1.00 0.00 ? 297 LYS A NZ   1 
ATOM 1130 H H    . LYS A 1 77 ? 1.292   6.637   -4.543  1.00 0.00 ? 297 LYS A H    1 
ATOM 1131 H HA   . LYS A 1 77 ? -0.025  6.639   -6.956  1.00 0.00 ? 297 LYS A HA   1 
ATOM 1132 H HB2  . LYS A 1 77 ? -0.046  8.303   -4.931  1.00 0.00 ? 297 LYS A HB2  1 
ATOM 1133 H HB3  . LYS A 1 77 ? 1.168   9.162   -5.867  1.00 0.00 ? 297 LYS A HB3  1 
ATOM 1134 H HG2  . LYS A 1 77 ? -1.096  10.040  -6.216  1.00 0.00 ? 297 LYS A HG2  1 
ATOM 1135 H HG3  . LYS A 1 77 ? -0.382  9.413   -7.706  1.00 0.00 ? 297 LYS A HG3  1 
ATOM 1136 H HD2  . LYS A 1 77 ? -1.566  7.197   -6.845  1.00 0.00 ? 297 LYS A HD2  1 
ATOM 1137 H HD3  . LYS A 1 77 ? -2.636  8.379   -6.097  1.00 0.00 ? 297 LYS A HD3  1 
ATOM 1138 H HE2  . LYS A 1 77 ? -1.902  8.399   -9.020  1.00 0.00 ? 297 LYS A HE2  1 
ATOM 1139 H HE3  . LYS A 1 77 ? -3.342  7.606   -8.380  1.00 0.00 ? 297 LYS A HE3  1 
ATOM 1140 H HZ1  . LYS A 1 77 ? -4.375  9.564   -8.040  1.00 0.00 ? 297 LYS A HZ1  1 
ATOM 1141 H HZ2  . LYS A 1 77 ? -3.311  10.120  -9.231  1.00 0.00 ? 297 LYS A HZ2  1 
ATOM 1142 H HZ3  . LYS A 1 77 ? -2.959  10.379  -7.598  1.00 0.00 ? 297 LYS A HZ3  1 
ATOM 1143 N N    . GLU A 1 78 ? 3.033   7.777   -7.138  1.00 0.00 ? 298 GLU A N    1 
ATOM 1144 C CA   . GLU A 1 78 ? 4.141   8.086   -8.011  1.00 0.00 ? 298 GLU A CA   1 
ATOM 1145 C C    . GLU A 1 78 ? 4.899   6.849   -8.461  1.00 0.00 ? 298 GLU A C    1 
ATOM 1146 O O    . GLU A 1 78 ? 5.936   6.937   -9.118  1.00 0.00 ? 298 GLU A O    1 
ATOM 1147 C CB   . GLU A 1 78 ? 5.074   9.022   -7.281  1.00 0.00 ? 298 GLU A CB   1 
ATOM 1148 C CG   . GLU A 1 78 ? 5.620   10.121  -8.148  1.00 0.00 ? 298 GLU A CG   1 
ATOM 1149 C CD   . GLU A 1 78 ? 7.052   9.877   -8.582  1.00 0.00 ? 298 GLU A CD   1 
ATOM 1150 O OE1  . GLU A 1 78 ? 7.778   9.162   -7.860  1.00 0.00 ? 298 GLU A OE1  1 
ATOM 1151 O OE2  . GLU A 1 78 ? 7.447   10.400  -9.646  1.00 0.00 ? 298 GLU A OE2  1 
ATOM 1152 H H    . GLU A 1 78 ? 3.165   7.845   -6.176  1.00 0.00 ? 298 GLU A H    1 
ATOM 1153 H HA   . GLU A 1 78 ? 3.745   8.567   -8.866  1.00 0.00 ? 298 GLU A HA   1 
ATOM 1154 H HB2  . GLU A 1 78 ? 4.537   9.474   -6.459  1.00 0.00 ? 298 GLU A HB2  1 
ATOM 1155 H HB3  . GLU A 1 78 ? 5.889   8.441   -6.890  1.00 0.00 ? 298 GLU A HB3  1 
ATOM 1156 H HG2  . GLU A 1 78 ? 4.997   10.199  -9.023  1.00 0.00 ? 298 GLU A HG2  1 
ATOM 1157 H HG3  . GLU A 1 78 ? 5.576   11.044  -7.592  1.00 0.00 ? 298 GLU A HG3  1 
ATOM 1158 N N    . ALA A 1 79 ? 4.369   5.713   -8.103  1.00 0.00 ? 299 ALA A N    1 
ATOM 1159 C CA   . ALA A 1 79 ? 4.967   4.432   -8.455  1.00 0.00 ? 299 ALA A CA   1 
ATOM 1160 C C    . ALA A 1 79 ? 4.960   4.221   -9.966  1.00 0.00 ? 299 ALA A C    1 
ATOM 1161 O O    . ALA A 1 79 ? 5.802   3.502   -10.506 1.00 0.00 ? 299 ALA A O    1 
ATOM 1162 C CB   . ALA A 1 79 ? 4.237   3.294   -7.761  1.00 0.00 ? 299 ALA A CB   1 
ATOM 1163 H H    . ALA A 1 79 ? 3.550   5.740   -7.588  1.00 0.00 ? 299 ALA A H    1 
ATOM 1164 H HA   . ALA A 1 79 ? 5.990   4.437   -8.108  1.00 0.00 ? 299 ALA A HA   1 
ATOM 1165 H HB1  . ALA A 1 79 ? 3.222   3.241   -8.125  1.00 0.00 ? 299 ALA A HB1  1 
ATOM 1166 H HB2  . ALA A 1 79 ? 4.226   3.471   -6.695  1.00 0.00 ? 299 ALA A HB2  1 
ATOM 1167 H HB3  . ALA A 1 79 ? 4.743   2.363   -7.965  1.00 0.00 ? 299 ALA A HB3  1 
ATOM 1168 N N    . GLY A 1 80 ? 4.005   4.852   -10.644 1.00 0.00 ? 300 GLY A N    1 
ATOM 1169 C CA   . GLY A 1 80 ? 3.905   4.722   -12.082 1.00 0.00 ? 300 GLY A CA   1 
ATOM 1170 C C    . GLY A 1 80 ? 2.573   4.144   -12.518 1.00 0.00 ? 300 GLY A C    1 
ATOM 1171 O O    . GLY A 1 80 ? 1.626   4.091   -11.734 1.00 0.00 ? 300 GLY A O    1 
ATOM 1172 H H    . GLY A 1 80 ? 3.364   5.408   -10.163 1.00 0.00 ? 300 GLY A H    1 
ATOM 1173 H HA2  . GLY A 1 80 ? 4.027   5.695   -12.532 1.00 0.00 ? 300 GLY A HA2  1 
ATOM 1174 H HA3  . GLY A 1 80 ? 4.695   4.075   -12.429 1.00 0.00 ? 300 GLY A HA3  1 
ATOM 1175 N N    . SER A 1 81 ? 2.498   3.707   -13.771 1.00 0.00 ? 301 SER A N    1 
ATOM 1176 C CA   . SER A 1 81 ? 1.271   3.130   -14.306 1.00 0.00 ? 301 SER A CA   1 
ATOM 1177 C C    . SER A 1 81 ? 0.841   1.917   -13.482 1.00 0.00 ? 301 SER A C    1 
ATOM 1178 O O    . SER A 1 81 ? 0.052   2.036   -12.546 1.00 0.00 ? 301 SER A O    1 
ATOM 1179 C CB   . SER A 1 81 ? 1.461   2.740   -15.774 1.00 0.00 ? 301 SER A CB   1 
ATOM 1180 O OG   . SER A 1 81 ? 0.944   3.736   -16.639 1.00 0.00 ? 301 SER A OG   1 
ATOM 1181 H H    . SER A 1 81 ? 3.287   3.774   -14.350 1.00 0.00 ? 301 SER A H    1 
ATOM 1182 H HA   . SER A 1 81 ? 0.498   3.881   -14.242 1.00 0.00 ? 301 SER A HA   1 
ATOM 1183 H HB2  . SER A 1 81 ? 2.514   2.615   -15.978 1.00 0.00 ? 301 SER A HB2  1 
ATOM 1184 H HB3  . SER A 1 81 ? 0.945   1.810   -15.967 1.00 0.00 ? 301 SER A HB3  1 
ATOM 1185 H HG   . SER A 1 81 ? 1.215   4.603   -16.326 1.00 0.00 ? 301 SER A HG   1 
ATOM 1186 N N    . ILE A 1 82 ? 1.358   0.745   -13.829 1.00 0.00 ? 302 ILE A N    1 
ATOM 1187 C CA   . ILE A 1 82 ? 1.021   -0.467  -13.127 1.00 0.00 ? 302 ILE A CA   1 
ATOM 1188 C C    . ILE A 1 82 ? 1.795   -0.566  -11.810 1.00 0.00 ? 302 ILE A C    1 
ATOM 1189 O O    . ILE A 1 82 ? 3.014   -0.400  -11.781 1.00 0.00 ? 302 ILE A O    1 
ATOM 1190 C CB   . ILE A 1 82 ? 1.334   -1.677  -14.027 1.00 0.00 ? 302 ILE A CB   1 
ATOM 1191 C CG1  . ILE A 1 82 ? 0.103   -2.024  -14.875 1.00 0.00 ? 302 ILE A CG1  1 
ATOM 1192 C CG2  . ILE A 1 82 ? 1.823   -2.856  -13.208 1.00 0.00 ? 302 ILE A CG2  1 
ATOM 1193 C CD1  . ILE A 1 82 ? -0.453  -3.417  -14.653 1.00 0.00 ? 302 ILE A CD1  1 
ATOM 1194 H H    . ILE A 1 82 ? 1.980   0.689   -14.581 1.00 0.00 ? 302 ILE A H    1 
ATOM 1195 H HA   . ILE A 1 82 ? -0.040  -0.454  -12.922 1.00 0.00 ? 302 ILE A HA   1 
ATOM 1196 H HB   . ILE A 1 82 ? 2.136   -1.390  -14.690 1.00 0.00 ? 302 ILE A HB   1 
ATOM 1197 H HG12 . ILE A 1 82 ? -0.682  -1.318  -14.653 1.00 0.00 ? 302 ILE A HG12 1 
ATOM 1198 H HG13 . ILE A 1 82 ? 0.369   -1.934  -15.919 1.00 0.00 ? 302 ILE A HG13 1 
ATOM 1199 H HG21 . ILE A 1 82 ? 2.826   -2.651  -12.867 1.00 0.00 ? 302 ILE A HG21 1 
ATOM 1200 H HG22 . ILE A 1 82 ? 1.824   -3.746  -13.817 1.00 0.00 ? 302 ILE A HG22 1 
ATOM 1201 H HG23 . ILE A 1 82 ? 1.176   -2.995  -12.358 1.00 0.00 ? 302 ILE A HG23 1 
ATOM 1202 H HD11 . ILE A 1 82 ? -1.240  -3.610  -15.367 1.00 0.00 ? 302 ILE A HD11 1 
ATOM 1203 H HD12 . ILE A 1 82 ? -0.847  -3.492  -13.651 1.00 0.00 ? 302 ILE A HD12 1 
ATOM 1204 H HD13 . ILE A 1 82 ? 0.337   -4.145  -14.783 1.00 0.00 ? 302 ILE A HD13 1 
ATOM 1205 N N    . VAL A 1 83 ? 1.075   -0.840  -10.728 1.00 0.00 ? 303 VAL A N    1 
ATOM 1206 C CA   . VAL A 1 83 ? 1.686   -0.965  -9.411  1.00 0.00 ? 303 VAL A CA   1 
ATOM 1207 C C    . VAL A 1 83 ? 1.543   -2.387  -8.888  1.00 0.00 ? 303 VAL A C    1 
ATOM 1208 O O    . VAL A 1 83 ? 0.441   -2.931  -8.837  1.00 0.00 ? 303 VAL A O    1 
ATOM 1209 C CB   . VAL A 1 83 ? 1.054   0.008   -8.397  1.00 0.00 ? 303 VAL A CB   1 
ATOM 1210 C CG1  . VAL A 1 83 ? 1.988   0.235   -7.220  1.00 0.00 ? 303 VAL A CG1  1 
ATOM 1211 C CG2  . VAL A 1 83 ? 0.698   1.327   -9.066  1.00 0.00 ? 303 VAL A CG2  1 
ATOM 1212 H H    . VAL A 1 83 ? 0.105   -0.964  -10.815 1.00 0.00 ? 303 VAL A H    1 
ATOM 1213 H HA   . VAL A 1 83 ? 2.736   -0.727  -9.505  1.00 0.00 ? 303 VAL A HA   1 
ATOM 1214 H HB   . VAL A 1 83 ? 0.142   -0.439  -8.023  1.00 0.00 ? 303 VAL A HB   1 
ATOM 1215 H HG11 . VAL A 1 83 ? 1.748   1.173   -6.744  1.00 0.00 ? 303 VAL A HG11 1 
ATOM 1216 H HG12 . VAL A 1 83 ? 3.010   0.261   -7.570  1.00 0.00 ? 303 VAL A HG12 1 
ATOM 1217 H HG13 . VAL A 1 83 ? 1.874   -0.570  -6.508  1.00 0.00 ? 303 VAL A HG13 1 
ATOM 1218 H HG21 . VAL A 1 83 ? 0.155   1.950   -8.370  1.00 0.00 ? 303 VAL A HG21 1 
ATOM 1219 H HG22 . VAL A 1 83 ? 0.082   1.135   -9.933  1.00 0.00 ? 303 VAL A HG22 1 
ATOM 1220 H HG23 . VAL A 1 83 ? 1.602   1.832   -9.373  1.00 0.00 ? 303 VAL A HG23 1 
ATOM 1221 N N    . ARG A 1 84 ? 2.662   -2.989  -8.505  1.00 0.00 ? 304 ARG A N    1 
ATOM 1222 C CA   . ARG A 1 84 ? 2.653   -4.353  -7.994  1.00 0.00 ? 304 ARG A CA   1 
ATOM 1223 C C    . ARG A 1 84 ? 3.011   -4.391  -6.513  1.00 0.00 ? 304 ARG A C    1 
ATOM 1224 O O    . ARG A 1 84 ? 4.050   -3.877  -6.099  1.00 0.00 ? 304 ARG A O    1 
ATOM 1225 C CB   . ARG A 1 84 ? 3.627   -5.224  -8.791  1.00 0.00 ? 304 ARG A CB   1 
ATOM 1226 C CG   . ARG A 1 84 ? 5.041   -4.671  -8.839  1.00 0.00 ? 304 ARG A CG   1 
ATOM 1227 C CD   . ARG A 1 84 ? 5.281   -3.860  -10.102 1.00 0.00 ? 304 ARG A CD   1 
ATOM 1228 N NE   . ARG A 1 84 ? 5.276   -4.698  -11.299 1.00 0.00 ? 304 ARG A NE   1 
ATOM 1229 C CZ   . ARG A 1 84 ? 5.794   -4.323  -12.467 1.00 0.00 ? 304 ARG A CZ   1 
ATOM 1230 N NH1  . ARG A 1 84 ? 6.361   -3.130  -12.599 1.00 0.00 ? 304 ARG A NH1  1 
ATOM 1231 N NH2  . ARG A 1 84 ? 5.747   -5.145  -13.507 1.00 0.00 ? 304 ARG A NH2  1 
ATOM 1232 H H    . ARG A 1 84 ? 3.514   -2.509  -8.572  1.00 0.00 ? 304 ARG A H    1 
ATOM 1233 H HA   . ARG A 1 84 ? 1.652   -4.742  -8.119  1.00 0.00 ? 304 ARG A HA   1 
ATOM 1234 H HB2  . ARG A 1 84 ? 3.662   -6.206  -8.343  1.00 0.00 ? 304 ARG A HB2  1 
ATOM 1235 H HB3  . ARG A 1 84 ? 3.263   -5.314  -9.804  1.00 0.00 ? 304 ARG A HB3  1 
ATOM 1236 H HG2  . ARG A 1 84 ? 5.198   -4.035  -7.981  1.00 0.00 ? 304 ARG A HG2  1 
ATOM 1237 H HG3  . ARG A 1 84 ? 5.740   -5.494  -8.812  1.00 0.00 ? 304 ARG A HG3  1 
ATOM 1238 H HD2  . ARG A 1 84 ? 4.502   -3.118  -10.191 1.00 0.00 ? 304 ARG A HD2  1 
ATOM 1239 H HD3  . ARG A 1 84 ? 6.239   -3.369  -10.022 1.00 0.00 ? 304 ARG A HD3  1 
ATOM 1240 H HE   . ARG A 1 84 ? 4.863   -5.584  -11.231 1.00 0.00 ? 304 ARG A HE   1 
ATOM 1241 H HH11 . ARG A 1 84 ? 6.400   -2.506  -11.819 1.00 0.00 ? 304 ARG A HH11 1 
ATOM 1242 H HH12 . ARG A 1 84 ? 6.749   -2.856  -13.478 1.00 0.00 ? 304 ARG A HH12 1 
ATOM 1243 H HH21 . ARG A 1 84 ? 5.323   -6.046  -13.413 1.00 0.00 ? 304 ARG A HH21 1 
ATOM 1244 H HH22 . ARG A 1 84 ? 6.137   -4.865  -14.385 1.00 0.00 ? 304 ARG A HH22 1 
ATOM 1245 N N    . LEU A 1 85 ? 2.145   -5.013  -5.721  1.00 0.00 ? 305 LEU A N    1 
ATOM 1246 C CA   . LEU A 1 85 ? 2.366   -5.132  -4.285  1.00 0.00 ? 305 LEU A CA   1 
ATOM 1247 C C    . LEU A 1 85 ? 2.542   -6.594  -3.894  1.00 0.00 ? 305 LEU A C    1 
ATOM 1248 O O    . LEU A 1 85 ? 1.776   -7.457  -4.324  1.00 0.00 ? 305 LEU A O    1 
ATOM 1249 C CB   . LEU A 1 85 ? 1.197   -4.519  -3.512  1.00 0.00 ? 305 LEU A CB   1 
ATOM 1250 C CG   . LEU A 1 85 ? 0.793   -3.112  -3.956  1.00 0.00 ? 305 LEU A CG   1 
ATOM 1251 C CD1  . LEU A 1 85 ? -0.453  -2.655  -3.214  1.00 0.00 ? 305 LEU A CD1  1 
ATOM 1252 C CD2  . LEU A 1 85 ? 1.937   -2.135  -3.732  1.00 0.00 ? 305 LEU A CD2  1 
ATOM 1253 H H    . LEU A 1 85 ? 1.337   -5.408  -6.113  1.00 0.00 ? 305 LEU A H    1 
ATOM 1254 H HA   . LEU A 1 85 ? 3.271   -4.594  -4.043  1.00 0.00 ? 305 LEU A HA   1 
ATOM 1255 H HB2  . LEU A 1 85 ? 0.341   -5.169  -3.621  1.00 0.00 ? 305 LEU A HB2  1 
ATOM 1256 H HB3  . LEU A 1 85 ? 1.465   -4.479  -2.467  1.00 0.00 ? 305 LEU A HB3  1 
ATOM 1257 H HG   . LEU A 1 85 ? 0.567   -3.127  -5.012  1.00 0.00 ? 305 LEU A HG   1 
ATOM 1258 H HD11 . LEU A 1 85 ? -0.170  -2.007  -2.397  1.00 0.00 ? 305 LEU A HD11 1 
ATOM 1259 H HD12 . LEU A 1 85 ? -0.979  -3.515  -2.827  1.00 0.00 ? 305 LEU A HD12 1 
ATOM 1260 H HD13 . LEU A 1 85 ? -1.097  -2.115  -3.893  1.00 0.00 ? 305 LEU A HD13 1 
ATOM 1261 H HD21 . LEU A 1 85 ? 1.971   -1.427  -4.546  1.00 0.00 ? 305 LEU A HD21 1 
ATOM 1262 H HD22 . LEU A 1 85 ? 2.871   -2.676  -3.688  1.00 0.00 ? 305 LEU A HD22 1 
ATOM 1263 H HD23 . LEU A 1 85 ? 1.784   -1.607  -2.802  1.00 0.00 ? 305 LEU A HD23 1 
ATOM 1264 N N    . TYR A 1 86 ? 3.557   -6.871  -3.082  1.00 0.00 ? 306 TYR A N    1 
ATOM 1265 C CA   . TYR A 1 86 ? 3.829   -8.234  -2.647  1.00 0.00 ? 306 TYR A CA   1 
ATOM 1266 C C    . TYR A 1 86 ? 3.513   -8.410  -1.164  1.00 0.00 ? 306 TYR A C    1 
ATOM 1267 O O    . TYR A 1 86 ? 3.924   -7.605  -0.329  1.00 0.00 ? 306 TYR A O    1 
ATOM 1268 C CB   . TYR A 1 86 ? 5.293   -8.593  -2.915  1.00 0.00 ? 306 TYR A CB   1 
ATOM 1269 C CG   . TYR A 1 86 ? 5.471   -9.916  -3.627  1.00 0.00 ? 306 TYR A CG   1 
ATOM 1270 C CD1  . TYR A 1 86 ? 4.910   -11.082 -3.119  1.00 0.00 ? 306 TYR A CD1  1 
ATOM 1271 C CD2  . TYR A 1 86 ? 6.200   -9.999  -4.807  1.00 0.00 ? 306 TYR A CD2  1 
ATOM 1272 C CE1  . TYR A 1 86 ? 5.071   -12.292 -3.766  1.00 0.00 ? 306 TYR A CE1  1 
ATOM 1273 C CE2  . TYR A 1 86 ? 6.364   -11.205 -5.461  1.00 0.00 ? 306 TYR A CE2  1 
ATOM 1274 C CZ   . TYR A 1 86 ? 5.798   -12.348 -4.936  1.00 0.00 ? 306 TYR A CZ   1 
ATOM 1275 O OH   . TYR A 1 86 ? 5.959   -13.551 -5.584  1.00 0.00 ? 306 TYR A OH   1 
ATOM 1276 H H    . TYR A 1 86 ? 4.138   -6.143  -2.775  1.00 0.00 ? 306 TYR A H    1 
ATOM 1277 H HA   . TYR A 1 86 ? 3.197   -8.897  -3.217  1.00 0.00 ? 306 TYR A HA   1 
ATOM 1278 H HB2  . TYR A 1 86 ? 5.737   -7.826  -3.530  1.00 0.00 ? 306 TYR A HB2  1 
ATOM 1279 H HB3  . TYR A 1 86 ? 5.824   -8.648  -1.976  1.00 0.00 ? 306 TYR A HB3  1 
ATOM 1280 H HD1  . TYR A 1 86 ? 4.341   -11.033 -2.203  1.00 0.00 ? 306 TYR A HD1  1 
ATOM 1281 H HD2  . TYR A 1 86 ? 6.642   -9.102  -5.215  1.00 0.00 ? 306 TYR A HD2  1 
ATOM 1282 H HE1  . TYR A 1 86 ? 4.627   -13.187 -3.355  1.00 0.00 ? 306 TYR A HE1  1 
ATOM 1283 H HE2  . TYR A 1 86 ? 6.934   -11.249 -6.377  1.00 0.00 ? 306 TYR A HE2  1 
ATOM 1284 H HH   . TYR A 1 86 ? 5.107   -13.985 -5.673  1.00 0.00 ? 306 TYR A HH   1 
ATOM 1285 N N    . VAL A 1 87 ? 2.782   -9.476  -0.849  1.00 0.00 ? 307 VAL A N    1 
ATOM 1286 C CA   . VAL A 1 87 ? 2.410   -9.767  0.530   1.00 0.00 ? 307 VAL A CA   1 
ATOM 1287 C C    . VAL A 1 87 ? 2.562   -11.255 0.829   1.00 0.00 ? 307 VAL A C    1 
ATOM 1288 O O    . VAL A 1 87 ? 2.011   -12.099 0.123   1.00 0.00 ? 307 VAL A O    1 
ATOM 1289 C CB   . VAL A 1 87 ? 0.958   -9.343  0.825   1.00 0.00 ? 307 VAL A CB   1 
ATOM 1290 C CG1  . VAL A 1 87 ? 0.833   -7.828  0.821   1.00 0.00 ? 307 VAL A CG1  1 
ATOM 1291 C CG2  . VAL A 1 87 ? 0.005   -9.969  -0.182  1.00 0.00 ? 307 VAL A CG2  1 
ATOM 1292 H H    . VAL A 1 87 ? 2.487   -10.080 -1.563  1.00 0.00 ? 307 VAL A H    1 
ATOM 1293 H HA   . VAL A 1 87 ? 3.066   -9.209  1.180   1.00 0.00 ? 307 VAL A HA   1 
ATOM 1294 H HB   . VAL A 1 87 ? 0.693   -9.701  1.809   1.00 0.00 ? 307 VAL A HB   1 
ATOM 1295 H HG11 . VAL A 1 87 ? -0.181  -7.552  0.565   1.00 0.00 ? 307 VAL A HG11 1 
ATOM 1296 H HG12 . VAL A 1 87 ? 1.514   -7.411  0.093   1.00 0.00 ? 307 VAL A HG12 1 
ATOM 1297 H HG13 . VAL A 1 87 ? 1.074   -7.444  1.801   1.00 0.00 ? 307 VAL A HG13 1 
ATOM 1298 H HG21 . VAL A 1 87 ? -0.794  -9.276  -0.401  1.00 0.00 ? 307 VAL A HG21 1 
ATOM 1299 H HG22 . VAL A 1 87 ? -0.408  -10.877 0.229   1.00 0.00 ? 307 VAL A HG22 1 
ATOM 1300 H HG23 . VAL A 1 87 ? 0.541   -10.197 -1.092  1.00 0.00 ? 307 VAL A HG23 1 
ATOM 1301 N N    . LYS A 1 88 ? 3.316   -11.570 1.877   1.00 0.00 ? 308 LYS A N    1 
ATOM 1302 C CA   . LYS A 1 88 ? 3.543   -12.959 2.264   1.00 0.00 ? 308 LYS A CA   1 
ATOM 1303 C C    . LYS A 1 88 ? 2.995   -13.235 3.658   1.00 0.00 ? 308 LYS A C    1 
ATOM 1304 O O    . LYS A 1 88 ? 3.093   -12.397 4.555   1.00 0.00 ? 308 LYS A O    1 
ATOM 1305 C CB   . LYS A 1 88 ? 5.036   -13.284 2.216   1.00 0.00 ? 308 LYS A CB   1 
ATOM 1306 C CG   . LYS A 1 88 ? 5.357   -14.726 2.576   1.00 0.00 ? 308 LYS A CG   1 
ATOM 1307 C CD   . LYS A 1 88 ? 6.788   -14.876 3.069   1.00 0.00 ? 308 LYS A CD   1 
ATOM 1308 C CE   . LYS A 1 88 ? 7.610   -15.753 2.137   1.00 0.00 ? 308 LYS A CE   1 
ATOM 1309 N NZ   . LYS A 1 88 ? 9.069   -15.637 2.412   1.00 0.00 ? 308 LYS A NZ   1 
ATOM 1310 H H    . LYS A 1 88 ? 3.733   -10.852 2.400   1.00 0.00 ? 308 LYS A H    1 
ATOM 1311 H HA   . LYS A 1 88 ? 3.025   -13.589 1.556   1.00 0.00 ? 308 LYS A HA   1 
ATOM 1312 H HB2  . LYS A 1 88 ? 5.403   -13.095 1.218   1.00 0.00 ? 308 LYS A HB2  1 
ATOM 1313 H HB3  . LYS A 1 88 ? 5.556   -12.640 2.908   1.00 0.00 ? 308 LYS A HB3  1 
ATOM 1314 H HG2  . LYS A 1 88 ? 4.683   -15.049 3.356   1.00 0.00 ? 308 LYS A HG2  1 
ATOM 1315 H HG3  . LYS A 1 88 ? 5.217   -15.344 1.701   1.00 0.00 ? 308 LYS A HG3  1 
ATOM 1316 H HD2  . LYS A 1 88 ? 7.245   -13.900 3.124   1.00 0.00 ? 308 LYS A HD2  1 
ATOM 1317 H HD3  . LYS A 1 88 ? 6.774   -15.325 4.051   1.00 0.00 ? 308 LYS A HD3  1 
ATOM 1318 H HE2  . LYS A 1 88 ? 7.308   -16.781 2.270   1.00 0.00 ? 308 LYS A HE2  1 
ATOM 1319 H HE3  . LYS A 1 88 ? 7.419   -15.451 1.117   1.00 0.00 ? 308 LYS A HE3  1 
ATOM 1320 H HZ1  . LYS A 1 88 ? 9.372   -16.393 3.058   1.00 0.00 ? 308 LYS A HZ1  1 
ATOM 1321 H HZ2  . LYS A 1 88 ? 9.279   -14.718 2.847   1.00 0.00 ? 308 LYS A HZ2  1 
ATOM 1322 H HZ3  . LYS A 1 88 ? 9.607   -15.719 1.524   1.00 0.00 ? 308 LYS A HZ3  1 
ATOM 1323 N N    . ARG A 1 89 ? 2.419   -14.419 3.835   1.00 0.00 ? 309 ARG A N    1 
ATOM 1324 C CA   . ARG A 1 89 ? 1.855   -14.814 5.119   1.00 0.00 ? 309 ARG A CA   1 
ATOM 1325 C C    . ARG A 1 89 ? 2.314   -16.217 5.505   1.00 0.00 ? 309 ARG A C    1 
ATOM 1326 O O    . ARG A 1 89 ? 2.056   -17.182 4.789   1.00 0.00 ? 309 ARG A O    1 
ATOM 1327 C CB   . ARG A 1 89 ? 0.329   -14.765 5.071   1.00 0.00 ? 309 ARG A CB   1 
ATOM 1328 C CG   . ARG A 1 89 ? -0.219  -13.518 4.395   1.00 0.00 ? 309 ARG A CG   1 
ATOM 1329 C CD   . ARG A 1 89 ? -1.669  -13.703 3.978   1.00 0.00 ? 309 ARG A CD   1 
ATOM 1330 N NE   . ARG A 1 89 ? -1.800  -14.620 2.849   1.00 0.00 ? 309 ARG A NE   1 
ATOM 1331 C CZ   . ARG A 1 89 ? -1.571  -14.275 1.584   1.00 0.00 ? 309 ARG A CZ   1 
ATOM 1332 N NH1  . ARG A 1 89 ? -1.202  -13.037 1.281   1.00 0.00 ? 309 ARG A NH1  1 
ATOM 1333 N NH2  . ARG A 1 89 ? -1.711  -15.173 0.616   1.00 0.00 ? 309 ARG A NH2  1 
ATOM 1334 H H    . ARG A 1 89 ? 2.374   -15.045 3.081   1.00 0.00 ? 309 ARG A H    1 
ATOM 1335 H HA   . ARG A 1 89 ? 2.207   -14.116 5.864   1.00 0.00 ? 309 ARG A HA   1 
ATOM 1336 H HB2  . ARG A 1 89 ? -0.029  -15.628 4.530   1.00 0.00 ? 309 ARG A HB2  1 
ATOM 1337 H HB3  . ARG A 1 89 ? -0.052  -14.799 6.080   1.00 0.00 ? 309 ARG A HB3  1 
ATOM 1338 H HG2  . ARG A 1 89 ? -0.157  -12.689 5.085   1.00 0.00 ? 309 ARG A HG2  1 
ATOM 1339 H HG3  . ARG A 1 89 ? 0.374   -13.305 3.518   1.00 0.00 ? 309 ARG A HG3  1 
ATOM 1340 H HD2  . ARG A 1 89 ? -2.224  -14.098 4.817   1.00 0.00 ? 309 ARG A HD2  1 
ATOM 1341 H HD3  . ARG A 1 89 ? -2.075  -12.742 3.699   1.00 0.00 ? 309 ARG A HD3  1 
ATOM 1342 H HE   . ARG A 1 89 ? -2.073  -15.540 3.043   1.00 0.00 ? 309 ARG A HE   1 
ATOM 1343 H HH11 . ARG A 1 89 ? -1.095  -12.356 2.006   1.00 0.00 ? 309 ARG A HH11 1 
ATOM 1344 H HH12 . ARG A 1 89 ? -1.031  -12.786 0.329   1.00 0.00 ? 309 ARG A HH12 1 
ATOM 1345 H HH21 . ARG A 1 89 ? -1.989  -16.106 0.839   1.00 0.00 ? 309 ARG A HH21 1 
ATOM 1346 H HH22 . ARG A 1 89 ? -1.538  -14.914 -0.333  1.00 0.00 ? 309 ARG A HH22 1 
ATOM 1347 N N    . ARG A 1 90 ? 2.998   -16.320 6.638   1.00 0.00 ? 310 ARG A N    1 
ATOM 1348 C CA   . ARG A 1 90 ? 3.494   -17.598 7.117   1.00 0.00 ? 310 ARG A CA   1 
ATOM 1349 C C    . ARG A 1 90 ? 2.484   -18.254 8.054   1.00 0.00 ? 310 ARG A C    1 
ATOM 1350 O O    . ARG A 1 90 ? 1.858   -17.584 8.878   1.00 0.00 ? 310 ARG A O    1 
ATOM 1351 C CB   . ARG A 1 90 ? 4.828   -17.381 7.832   1.00 0.00 ? 310 ARG A CB   1 
ATOM 1352 C CG   . ARG A 1 90 ? 5.312   -18.575 8.641   1.00 0.00 ? 310 ARG A CG   1 
ATOM 1353 C CD   . ARG A 1 90 ? 5.838   -19.682 7.741   1.00 0.00 ? 310 ARG A CD   1 
ATOM 1354 N NE   . ARG A 1 90 ? 6.741   -20.586 8.451   1.00 0.00 ? 310 ARG A NE   1 
ATOM 1355 C CZ   . ARG A 1 90 ? 7.631   -21.371 7.850   1.00 0.00 ? 310 ARG A CZ   1 
ATOM 1356 N NH1  . ARG A 1 90 ? 7.742   -21.371 6.527   1.00 0.00 ? 310 ARG A NH1  1 
ATOM 1357 N NH2  . ARG A 1 90 ? 8.413   -22.160 8.574   1.00 0.00 ? 310 ARG A NH2  1 
ATOM 1358 H H    . ARG A 1 90 ? 3.176   -15.514 7.167   1.00 0.00 ? 310 ARG A H    1 
ATOM 1359 H HA   . ARG A 1 90 ? 3.650   -18.240 6.263   1.00 0.00 ? 310 ARG A HA   1 
ATOM 1360 H HB2  . ARG A 1 90 ? 5.581   -17.149 7.093   1.00 0.00 ? 310 ARG A HB2  1 
ATOM 1361 H HB3  . ARG A 1 90 ? 4.722   -16.536 8.497   1.00 0.00 ? 310 ARG A HB3  1 
ATOM 1362 H HG2  . ARG A 1 90 ? 6.107   -18.255 9.299   1.00 0.00 ? 310 ARG A HG2  1 
ATOM 1363 H HG3  . ARG A 1 90 ? 4.493   -18.961 9.229   1.00 0.00 ? 310 ARG A HG3  1 
ATOM 1364 H HD2  . ARG A 1 90 ? 5.002   -20.248 7.362   1.00 0.00 ? 310 ARG A HD2  1 
ATOM 1365 H HD3  . ARG A 1 90 ? 6.370   -19.232 6.915   1.00 0.00 ? 310 ARG A HD3  1 
ATOM 1366 H HE   . ARG A 1 90 ? 6.680   -20.607 9.429   1.00 0.00 ? 310 ARG A HE   1 
ATOM 1367 H HH11 . ARG A 1 90 ? 7.155   -20.779 5.975   1.00 0.00 ? 310 ARG A HH11 1 
ATOM 1368 H HH12 . ARG A 1 90 ? 8.415   -21.964 6.083   1.00 0.00 ? 310 ARG A HH12 1 
ATOM 1369 H HH21 . ARG A 1 90 ? 8.333   -22.166 9.570   1.00 0.00 ? 310 ARG A HH21 1 
ATOM 1370 H HH22 . ARG A 1 90 ? 9.081   -22.751 8.123   1.00 0.00 ? 310 ARG A HH22 1 
ATOM 1371 N N    . LYS A 1 91 ? 2.327   -19.567 7.923   1.00 0.00 ? 311 LYS A N    1 
ATOM 1372 C CA   . LYS A 1 91 ? 1.392   -20.314 8.759   1.00 0.00 ? 311 LYS A CA   1 
ATOM 1373 C C    . LYS A 1 91 ? 2.106   -20.923 9.962   1.00 0.00 ? 311 LYS A C    1 
ATOM 1374 O O    . LYS A 1 91 ? 3.204   -21.465 9.835   1.00 0.00 ? 311 LYS A O    1 
ATOM 1375 C CB   . LYS A 1 91 ? 0.710   -21.414 7.943   1.00 0.00 ? 311 LYS A CB   1 
ATOM 1376 C CG   . LYS A 1 91 ? -0.538  -21.975 8.606   1.00 0.00 ? 311 LYS A CG   1 
ATOM 1377 C CD   . LYS A 1 91 ? -1.667  -22.159 7.604   1.00 0.00 ? 311 LYS A CD   1 
ATOM 1378 C CE   . LYS A 1 91 ? -2.665  -21.014 7.673   1.00 0.00 ? 311 LYS A CE   1 
ATOM 1379 N NZ   . LYS A 1 91 ? -4.026  -21.435 7.240   1.00 0.00 ? 311 LYS A NZ   1 
ATOM 1380 H H    . LYS A 1 91 ? 2.853   -20.047 7.250   1.00 0.00 ? 311 LYS A H    1 
ATOM 1381 H HA   . LYS A 1 91 ? 0.643   -19.623 9.115   1.00 0.00 ? 311 LYS A HA   1 
ATOM 1382 H HB2  . LYS A 1 91 ? 0.433   -21.011 6.980   1.00 0.00 ? 311 LYS A HB2  1 
ATOM 1383 H HB3  . LYS A 1 91 ? 1.410   -22.223 7.797   1.00 0.00 ? 311 LYS A HB3  1 
ATOM 1384 H HG2  . LYS A 1 91 ? -0.301  -22.932 9.044   1.00 0.00 ? 311 LYS A HG2  1 
ATOM 1385 H HG3  . LYS A 1 91 ? -0.862  -21.294 9.379   1.00 0.00 ? 311 LYS A HG3  1 
ATOM 1386 H HD2  . LYS A 1 91 ? -1.252  -22.201 6.609   1.00 0.00 ? 311 LYS A HD2  1 
ATOM 1387 H HD3  . LYS A 1 91 ? -2.181  -23.085 7.821   1.00 0.00 ? 311 LYS A HD3  1 
ATOM 1388 H HE2  . LYS A 1 91 ? -2.716  -20.658 8.691   1.00 0.00 ? 311 LYS A HE2  1 
ATOM 1389 H HE3  . LYS A 1 91 ? -2.322  -20.216 7.030   1.00 0.00 ? 311 LYS A HE3  1 
ATOM 1390 H HZ1  . LYS A 1 91 ? -4.577  -21.760 8.060   1.00 0.00 ? 311 LYS A HZ1  1 
ATOM 1391 H HZ2  . LYS A 1 91 ? -3.959  -22.212 6.553   1.00 0.00 ? 311 LYS A HZ2  1 
ATOM 1392 H HZ3  . LYS A 1 91 ? -4.524  -20.637 6.796   1.00 0.00 ? 311 LYS A HZ3  1 
ATOM 1393 N N    . ALA A 1 92 ? 1.474   -20.831 11.127  1.00 0.00 ? 312 ALA A N    1 
ATOM 1394 C CA   . ALA A 1 92 ? 2.049   -21.373 12.353  1.00 0.00 ? 312 ALA A CA   1 
ATOM 1395 C C    . ALA A 1 92 ? 0.956   -21.807 13.325  1.00 0.00 ? 312 ALA A C    1 
ATOM 1396 O O    . ALA A 1 92 ? -0.226  -21.817 12.981  1.00 0.00 ? 312 ALA A O    1 
ATOM 1397 C CB   . ALA A 1 92 ? 2.962   -20.347 13.006  1.00 0.00 ? 312 ALA A CB   1 
ATOM 1398 H H    . ALA A 1 92 ? 0.601   -20.388 11.164  1.00 0.00 ? 312 ALA A H    1 
ATOM 1399 H HA   . ALA A 1 92 ? 2.644   -22.235 12.088  1.00 0.00 ? 312 ALA A HA   1 
ATOM 1400 H HB1  . ALA A 1 92 ? 2.429   -19.841 13.797  1.00 0.00 ? 312 ALA A HB1  1 
ATOM 1401 H HB2  . ALA A 1 92 ? 3.279   -19.626 12.267  1.00 0.00 ? 312 ALA A HB2  1 
ATOM 1402 H HB3  . ALA A 1 92 ? 3.828   -20.845 13.416  1.00 0.00 ? 312 ALA A HB3  1 
ATOM 1403 N N    . PHE A 1 93 ? 1.363   -22.165 14.542  1.00 0.00 ? 313 PHE A N    1 
ATOM 1404 C CA   . PHE A 1 93 ? 0.427   -22.604 15.576  1.00 0.00 ? 313 PHE A CA   1 
ATOM 1405 C C    . PHE A 1 93 ? -0.598  -23.589 15.019  1.00 0.00 ? 313 PHE A C    1 
ATOM 1406 O O    . PHE A 1 93 ? -1.638  -23.799 15.679  1.00 0.00 ? 313 PHE A O    1 
ATOM 1407 C CB   . PHE A 1 93 ? -0.287  -21.398 16.194  1.00 0.00 ? 313 PHE A CB   1 
ATOM 1408 C CG   . PHE A 1 93 ? -1.191  -20.674 15.239  1.00 0.00 ? 313 PHE A CG   1 
ATOM 1409 C CD1  . PHE A 1 93 ? -2.503  -21.080 15.063  1.00 0.00 ? 313 PHE A CD1  1 
ATOM 1410 C CD2  . PHE A 1 93 ? -0.727  -19.585 14.517  1.00 0.00 ? 313 PHE A CD2  1 
ATOM 1411 C CE1  . PHE A 1 93 ? -3.338  -20.414 14.183  1.00 0.00 ? 313 PHE A CE1  1 
ATOM 1412 C CE2  . PHE A 1 93 ? -1.557  -18.916 13.637  1.00 0.00 ? 313 PHE A CE2  1 
ATOM 1413 C CZ   . PHE A 1 93 ? -2.863  -19.331 13.470  1.00 0.00 ? 313 PHE A CZ   1 
ATOM 1414 O OXT  . PHE A 1 93 ? -0.354  -24.141 13.925  1.00 0.00 ? 313 PHE A OXT  1 
ATOM 1415 H H    . PHE A 1 93 ? 2.319   -22.135 14.750  1.00 0.00 ? 313 PHE A H    1 
ATOM 1416 H HA   . PHE A 1 93 ? 0.998   -23.101 16.345  1.00 0.00 ? 313 PHE A HA   1 
ATOM 1417 H HB2  . PHE A 1 93 ? -0.887  -21.734 17.027  1.00 0.00 ? 313 PHE A HB2  1 
ATOM 1418 H HB3  . PHE A 1 93 ? 0.453   -20.696 16.552  1.00 0.00 ? 313 PHE A HB3  1 
ATOM 1419 H HD1  . PHE A 1 93 ? -2.875  -21.927 15.619  1.00 0.00 ? 313 PHE A HD1  1 
ATOM 1420 H HD2  . PHE A 1 93 ? 0.294   -19.260 14.647  1.00 0.00 ? 313 PHE A HD2  1 
ATOM 1421 H HE1  . PHE A 1 93 ? -4.358  -20.742 14.055  1.00 0.00 ? 313 PHE A HE1  1 
ATOM 1422 H HE2  . PHE A 1 93 ? -1.183  -18.069 13.082  1.00 0.00 ? 313 PHE A HE2  1 
ATOM 1423 H HZ   . PHE A 1 93 ? -3.512  -18.810 12.783  1.00 0.00 ? 313 PHE A HZ   1 
# 
